data_2LW1
#
_entry.id   2LW1
#
_entity_poly.entity_id   1
_entity_poly.type   'polypeptide(L)'
_entity_poly.pdbx_seq_one_letter_code
;GQQEQYVALKQPAVKKTEEAAAAKAETVKRSSSKLSYKLQRELEQLPQLLEDLEAKLEALQTQVADASFFSQPHEQTQKV
LADMAAAEQELEQAFERWEYLEALKNGG
;
_entity_poly.pdbx_strand_id   A
#
# COMPACT_ATOMS: atom_id res chain seq x y z
N LYS A 24 -18.86 -24.69 -21.97
CA LYS A 24 -19.62 -23.53 -22.49
C LYS A 24 -20.79 -23.19 -21.57
N ALA A 25 -20.96 -21.91 -21.31
CA ALA A 25 -22.06 -21.40 -20.49
C ALA A 25 -22.01 -21.95 -19.07
N GLU A 26 -20.80 -22.04 -18.52
CA GLU A 26 -20.61 -22.36 -17.11
C GLU A 26 -19.89 -21.21 -16.43
N THR A 27 -19.96 -20.05 -17.08
CA THR A 27 -19.25 -18.86 -16.66
C THR A 27 -19.84 -18.25 -15.39
N VAL A 28 -19.08 -17.36 -14.77
CA VAL A 28 -19.55 -16.63 -13.61
C VAL A 28 -19.98 -15.22 -14.02
N LYS A 29 -21.28 -15.06 -14.25
CA LYS A 29 -21.82 -13.79 -14.75
C LYS A 29 -22.00 -12.80 -13.60
N ARG A 30 -20.93 -12.60 -12.84
CA ARG A 30 -20.93 -11.75 -11.66
C ARG A 30 -21.97 -12.23 -10.64
N SER A 31 -22.03 -13.54 -10.48
CA SER A 31 -22.88 -14.16 -9.48
C SER A 31 -22.19 -14.16 -8.13
N SER A 32 -20.95 -14.62 -8.12
CA SER A 32 -20.12 -14.61 -6.92
C SER A 32 -18.77 -13.97 -7.22
N SER A 33 -18.78 -12.65 -7.39
CA SER A 33 -17.56 -11.93 -7.77
C SER A 33 -17.41 -10.62 -7.00
N LYS A 34 -18.40 -10.29 -6.16
CA LYS A 34 -18.39 -9.02 -5.44
C LYS A 34 -17.21 -8.99 -4.48
N LEU A 35 -16.94 -10.13 -3.85
CA LEU A 35 -15.72 -10.35 -3.09
C LEU A 35 -15.46 -11.84 -2.97
N SER A 36 -14.21 -12.18 -2.79
CA SER A 36 -13.82 -13.54 -2.44
C SER A 36 -13.10 -13.48 -1.10
N TYR A 37 -12.91 -14.62 -0.44
CA TYR A 37 -12.25 -14.64 0.85
C TYR A 37 -10.84 -14.06 0.73
N LYS A 38 -10.18 -14.35 -0.38
CA LYS A 38 -8.86 -13.81 -0.63
C LYS A 38 -8.87 -12.28 -0.69
N LEU A 39 -10.02 -11.71 -1.06
CA LEU A 39 -10.20 -10.26 -1.03
C LEU A 39 -10.64 -9.81 0.35
N GLN A 40 -11.36 -10.69 1.06
CA GLN A 40 -11.73 -10.44 2.43
C GLN A 40 -10.48 -10.15 3.26
N ARG A 41 -9.52 -11.04 3.19
CA ARG A 41 -8.28 -10.87 3.92
C ARG A 41 -7.37 -9.86 3.24
N GLU A 42 -7.59 -9.62 1.95
CA GLU A 42 -6.86 -8.59 1.24
C GLU A 42 -7.27 -7.22 1.78
N LEU A 43 -8.58 -6.99 1.81
CA LEU A 43 -9.15 -5.70 2.18
C LEU A 43 -9.02 -5.43 3.68
N GLU A 44 -8.98 -6.48 4.49
CA GLU A 44 -8.94 -6.32 5.95
C GLU A 44 -7.52 -6.08 6.47
N GLN A 45 -6.52 -6.44 5.69
CA GLN A 45 -5.12 -6.23 6.10
C GLN A 45 -4.55 -4.98 5.45
N LEU A 46 -5.08 -4.66 4.29
CA LEU A 46 -4.62 -3.58 3.46
C LEU A 46 -4.63 -2.21 4.16
N PRO A 47 -5.69 -1.82 4.91
CA PRO A 47 -5.70 -0.57 5.67
C PRO A 47 -4.49 -0.44 6.59
N GLN A 48 -4.18 -1.52 7.31
CA GLN A 48 -3.01 -1.57 8.18
C GLN A 48 -1.75 -1.36 7.36
N LEU A 49 -1.75 -1.93 6.18
CA LEU A 49 -0.62 -1.82 5.25
C LEU A 49 -0.49 -0.39 4.72
N LEU A 50 -1.62 0.27 4.47
CA LEU A 50 -1.62 1.66 4.03
C LEU A 50 -0.96 2.54 5.06
N GLU A 51 -1.45 2.50 6.28
CA GLU A 51 -0.87 3.32 7.32
C GLU A 51 0.57 2.88 7.61
N ASP A 52 0.85 1.60 7.35
CA ASP A 52 2.22 1.09 7.43
C ASP A 52 3.12 1.85 6.47
N LEU A 53 2.72 1.82 5.21
CA LEU A 53 3.51 2.41 4.13
C LEU A 53 3.54 3.92 4.23
N GLU A 54 2.48 4.51 4.75
CA GLU A 54 2.41 5.94 4.93
C GLU A 54 3.38 6.36 6.02
N ALA A 55 3.31 5.67 7.16
CA ALA A 55 4.23 5.90 8.27
C ALA A 55 5.65 5.54 7.84
N LYS A 56 5.75 4.58 6.93
CA LYS A 56 7.01 4.15 6.37
C LYS A 56 7.62 5.27 5.55
N LEU A 57 6.82 5.82 4.64
CA LEU A 57 7.24 6.95 3.83
C LEU A 57 7.59 8.12 4.73
N GLU A 58 6.72 8.40 5.69
CA GLU A 58 6.95 9.44 6.70
C GLU A 58 8.30 9.24 7.40
N ALA A 59 8.58 8.01 7.78
CA ALA A 59 9.79 7.67 8.52
C ALA A 59 11.03 7.80 7.65
N LEU A 60 10.86 7.60 6.36
CA LEU A 60 11.99 7.66 5.43
C LEU A 60 12.21 9.09 4.94
N GLN A 61 11.12 9.80 4.71
CA GLN A 61 11.17 11.17 4.20
C GLN A 61 11.81 12.10 5.21
N THR A 62 11.73 11.73 6.49
CA THR A 62 12.30 12.56 7.53
C THR A 62 13.81 12.31 7.67
N GLN A 63 14.26 11.15 7.21
CA GLN A 63 15.69 10.87 7.14
C GLN A 63 16.27 11.69 6.01
N VAL A 64 15.61 11.56 4.87
CA VAL A 64 16.03 12.20 3.64
C VAL A 64 15.81 13.71 3.71
N ALA A 65 15.01 14.14 4.68
CA ALA A 65 14.74 15.55 4.91
C ALA A 65 16.01 16.28 5.33
N ASP A 66 16.80 15.61 6.15
CA ASP A 66 18.02 16.21 6.68
C ASP A 66 19.16 16.11 5.67
N ALA A 67 19.95 17.19 5.58
CA ALA A 67 21.08 17.24 4.67
C ALA A 67 22.18 16.31 5.12
N SER A 68 22.15 15.95 6.40
CA SER A 68 23.14 15.04 6.97
C SER A 68 22.89 13.62 6.48
N PHE A 69 21.72 13.39 5.91
CA PHE A 69 21.39 12.09 5.33
C PHE A 69 22.32 11.77 4.18
N PHE A 70 22.46 12.71 3.24
CA PHE A 70 23.30 12.51 2.06
C PHE A 70 24.77 12.61 2.41
N SER A 71 25.07 12.67 3.70
CA SER A 71 26.44 12.68 4.16
C SER A 71 26.91 11.25 4.35
N GLN A 72 25.96 10.32 4.26
CA GLN A 72 26.24 8.91 4.32
C GLN A 72 26.67 8.40 2.96
N PRO A 73 27.45 7.32 2.95
CA PRO A 73 27.83 6.61 1.72
C PRO A 73 26.61 6.25 0.87
N HIS A 74 26.85 6.24 -0.45
CA HIS A 74 25.81 6.01 -1.47
C HIS A 74 25.02 4.74 -1.19
N GLU A 75 25.68 3.73 -0.65
CA GLU A 75 25.03 2.45 -0.42
C GLU A 75 24.07 2.52 0.75
N GLN A 76 24.29 3.49 1.64
CA GLN A 76 23.41 3.72 2.78
C GLN A 76 22.25 4.58 2.34
N THR A 77 22.58 5.64 1.64
CA THR A 77 21.63 6.65 1.25
C THR A 77 20.66 6.14 0.19
N GLN A 78 21.20 5.53 -0.85
CA GLN A 78 20.37 4.99 -1.92
C GLN A 78 19.48 3.87 -1.39
N LYS A 79 19.95 3.20 -0.35
CA LYS A 79 19.14 2.22 0.35
C LYS A 79 17.87 2.89 0.86
N VAL A 80 18.05 3.99 1.56
CA VAL A 80 16.94 4.73 2.13
C VAL A 80 16.13 5.44 1.04
N LEU A 81 16.82 6.05 0.09
CA LEU A 81 16.18 6.75 -1.02
C LEU A 81 15.29 5.81 -1.82
N ALA A 82 15.83 4.66 -2.18
CA ALA A 82 15.10 3.67 -2.96
C ALA A 82 13.93 3.12 -2.15
N ASP A 83 14.18 2.85 -0.87
CA ASP A 83 13.15 2.34 0.04
C ASP A 83 12.06 3.39 0.24
N MET A 84 12.46 4.65 0.25
CA MET A 84 11.54 5.77 0.37
C MET A 84 10.61 5.82 -0.83
N ALA A 85 11.20 5.80 -2.02
CA ALA A 85 10.42 5.85 -3.24
C ALA A 85 9.56 4.60 -3.41
N ALA A 86 10.03 3.49 -2.87
CA ALA A 86 9.26 2.26 -2.90
C ALA A 86 8.07 2.34 -1.97
N ALA A 87 8.25 3.05 -0.86
CA ALA A 87 7.20 3.20 0.14
C ALA A 87 6.01 3.97 -0.41
N GLU A 88 6.28 5.13 -1.01
CA GLU A 88 5.21 5.95 -1.57
C GLU A 88 4.51 5.22 -2.71
N GLN A 89 5.27 4.58 -3.58
CA GLN A 89 4.67 3.87 -4.71
C GLN A 89 3.81 2.72 -4.22
N GLU A 90 4.33 1.95 -3.26
CA GLU A 90 3.57 0.85 -2.69
C GLU A 90 2.29 1.36 -2.06
N LEU A 91 2.41 2.47 -1.34
CA LEU A 91 1.30 3.07 -0.63
C LEU A 91 0.14 3.41 -1.56
N GLU A 92 0.43 4.23 -2.56
CA GLU A 92 -0.62 4.74 -3.44
C GLU A 92 -1.25 3.62 -4.26
N GLN A 93 -0.42 2.71 -4.72
CA GLN A 93 -0.90 1.56 -5.50
C GLN A 93 -1.77 0.67 -4.63
N ALA A 94 -1.37 0.47 -3.39
CA ALA A 94 -2.14 -0.33 -2.45
C ALA A 94 -3.43 0.39 -2.07
N PHE A 95 -3.38 1.71 -2.08
CA PHE A 95 -4.54 2.53 -1.76
C PHE A 95 -5.63 2.36 -2.82
N GLU A 96 -5.26 2.49 -4.09
CA GLU A 96 -6.23 2.35 -5.15
C GLU A 96 -6.63 0.88 -5.33
N ARG A 97 -5.76 -0.03 -4.93
CA ARG A 97 -6.14 -1.44 -4.80
C ARG A 97 -7.22 -1.56 -3.74
N TRP A 98 -7.01 -0.85 -2.64
CA TRP A 98 -7.94 -0.86 -1.52
C TRP A 98 -9.30 -0.31 -1.93
N GLU A 99 -9.29 0.86 -2.56
CA GLU A 99 -10.53 1.49 -3.00
C GLU A 99 -11.20 0.66 -4.09
N TYR A 100 -10.39 -0.04 -4.90
CA TYR A 100 -10.90 -1.01 -5.86
C TYR A 100 -11.66 -2.12 -5.12
N LEU A 101 -11.04 -2.66 -4.09
CA LEU A 101 -11.65 -3.72 -3.32
C LEU A 101 -12.91 -3.21 -2.62
N GLU A 102 -12.84 -1.99 -2.12
CA GLU A 102 -14.01 -1.32 -1.53
C GLU A 102 -15.12 -1.18 -2.55
N ALA A 103 -14.78 -0.66 -3.72
CA ALA A 103 -15.75 -0.48 -4.80
C ALA A 103 -16.31 -1.82 -5.25
N LEU A 104 -15.42 -2.81 -5.38
CA LEU A 104 -15.81 -4.15 -5.79
C LEU A 104 -16.79 -4.74 -4.79
N LYS A 105 -16.46 -4.59 -3.51
CA LYS A 105 -17.28 -5.10 -2.42
C LYS A 105 -18.68 -4.47 -2.45
N ASN A 106 -18.77 -3.26 -3.00
CA ASN A 106 -20.04 -2.56 -3.10
C ASN A 106 -20.73 -2.87 -4.42
N GLY A 107 -19.95 -3.21 -5.44
CA GLY A 107 -20.51 -3.46 -6.75
C GLY A 107 -19.78 -4.55 -7.51
N GLY A 108 -20.22 -5.79 -7.31
CA GLY A 108 -19.62 -6.91 -8.02
C GLY A 108 -20.64 -7.98 -8.30
N LYS A 24 -26.37 4.05 19.23
CA LYS A 24 -25.57 3.44 18.15
C LYS A 24 -26.07 2.03 17.82
N ALA A 25 -27.06 1.97 16.95
CA ALA A 25 -27.59 0.69 16.49
C ALA A 25 -26.89 0.28 15.20
N GLU A 26 -26.10 -0.77 15.26
CA GLU A 26 -25.38 -1.23 14.09
C GLU A 26 -26.21 -2.22 13.29
N THR A 27 -26.47 -1.89 12.04
CA THR A 27 -27.13 -2.80 11.14
C THR A 27 -26.15 -3.26 10.07
N VAL A 28 -26.21 -4.54 9.74
CA VAL A 28 -25.27 -5.15 8.84
C VAL A 28 -25.56 -4.75 7.39
N LYS A 29 -26.72 -5.17 6.90
CA LYS A 29 -27.13 -4.90 5.52
C LYS A 29 -26.05 -5.33 4.54
N ARG A 30 -25.74 -6.62 4.55
CA ARG A 30 -24.67 -7.15 3.72
C ARG A 30 -25.23 -7.82 2.47
N SER A 31 -26.44 -7.43 2.08
CA SER A 31 -27.08 -7.97 0.89
C SER A 31 -26.48 -7.37 -0.38
N SER A 32 -25.24 -7.74 -0.66
CA SER A 32 -24.52 -7.27 -1.83
C SER A 32 -23.44 -8.28 -2.21
N SER A 33 -23.33 -8.58 -3.50
CA SER A 33 -22.31 -9.48 -4.01
C SER A 33 -20.92 -8.85 -3.82
N LYS A 34 -20.16 -9.42 -2.90
CA LYS A 34 -18.89 -8.83 -2.51
C LYS A 34 -17.71 -9.52 -3.17
N LEU A 35 -16.51 -9.14 -2.74
CA LEU A 35 -15.27 -9.61 -3.37
C LEU A 35 -14.94 -11.07 -3.05
N SER A 36 -13.89 -11.53 -3.71
CA SER A 36 -13.34 -12.86 -3.52
C SER A 36 -12.65 -12.97 -2.15
N TYR A 37 -12.50 -14.18 -1.62
CA TYR A 37 -11.88 -14.33 -0.30
C TYR A 37 -10.47 -13.76 -0.27
N LYS A 38 -9.71 -13.97 -1.34
CA LYS A 38 -8.35 -13.46 -1.41
C LYS A 38 -8.36 -11.95 -1.21
N LEU A 39 -9.46 -11.32 -1.59
CA LEU A 39 -9.63 -9.90 -1.39
C LEU A 39 -10.28 -9.61 -0.04
N GLN A 40 -11.11 -10.55 0.40
CA GLN A 40 -11.80 -10.42 1.67
C GLN A 40 -10.82 -10.18 2.81
N ARG A 41 -9.81 -11.03 2.92
CA ARG A 41 -8.81 -10.87 3.96
C ARG A 41 -7.78 -9.83 3.55
N GLU A 42 -7.69 -9.61 2.24
CA GLU A 42 -6.75 -8.64 1.66
C GLU A 42 -7.15 -7.23 2.04
N LEU A 43 -8.42 -6.91 1.84
CA LEU A 43 -8.97 -5.60 2.15
C LEU A 43 -8.90 -5.34 3.66
N GLU A 44 -8.86 -6.41 4.44
CA GLU A 44 -8.92 -6.27 5.90
C GLU A 44 -7.53 -6.03 6.50
N GLN A 45 -6.47 -6.31 5.75
CA GLN A 45 -5.13 -6.03 6.24
C GLN A 45 -4.53 -4.81 5.53
N LEU A 46 -5.03 -4.57 4.34
CA LEU A 46 -4.58 -3.47 3.49
C LEU A 46 -4.60 -2.10 4.20
N PRO A 47 -5.67 -1.73 4.96
CA PRO A 47 -5.70 -0.45 5.67
C PRO A 47 -4.57 -0.34 6.70
N GLN A 48 -4.22 -1.47 7.31
CA GLN A 48 -3.09 -1.52 8.22
C GLN A 48 -1.81 -1.28 7.45
N LEU A 49 -1.78 -1.82 6.25
CA LEU A 49 -0.64 -1.67 5.36
C LEU A 49 -0.53 -0.23 4.86
N LEU A 50 -1.66 0.42 4.63
CA LEU A 50 -1.67 1.83 4.24
C LEU A 50 -1.04 2.69 5.30
N GLU A 51 -1.49 2.57 6.54
CA GLU A 51 -0.92 3.33 7.63
C GLU A 51 0.53 2.90 7.87
N ASP A 52 0.83 1.66 7.49
CA ASP A 52 2.21 1.15 7.56
C ASP A 52 3.09 1.95 6.62
N LEU A 53 2.70 1.94 5.35
CA LEU A 53 3.45 2.59 4.28
C LEU A 53 3.45 4.10 4.46
N GLU A 54 2.36 4.62 4.99
CA GLU A 54 2.26 6.05 5.28
C GLU A 54 3.31 6.43 6.32
N ALA A 55 3.27 5.74 7.45
CA ALA A 55 4.23 5.96 8.53
C ALA A 55 5.65 5.61 8.07
N LYS A 56 5.73 4.71 7.10
CA LYS A 56 7.00 4.28 6.55
C LYS A 56 7.61 5.39 5.70
N LEU A 57 6.78 5.96 4.83
CA LEU A 57 7.19 7.06 3.97
C LEU A 57 7.60 8.24 4.83
N GLU A 58 6.78 8.56 5.82
CA GLU A 58 7.09 9.63 6.77
C GLU A 58 8.47 9.41 7.41
N ALA A 59 8.73 8.17 7.81
CA ALA A 59 9.98 7.83 8.48
C ALA A 59 11.18 7.97 7.56
N LEU A 60 11.00 7.52 6.32
CA LEU A 60 12.06 7.57 5.33
C LEU A 60 12.28 8.97 4.81
N GLN A 61 11.19 9.69 4.54
CA GLN A 61 11.27 11.02 3.98
C GLN A 61 11.86 12.01 4.97
N THR A 62 11.63 11.80 6.26
CA THR A 62 12.08 12.75 7.27
C THR A 62 13.57 12.61 7.55
N GLN A 63 14.13 11.42 7.32
CA GLN A 63 15.57 11.24 7.46
C GLN A 63 16.27 11.67 6.19
N VAL A 64 15.58 11.49 5.06
CA VAL A 64 16.06 11.98 3.76
C VAL A 64 15.92 13.51 3.70
N ALA A 65 14.99 14.04 4.50
CA ALA A 65 14.75 15.47 4.57
C ALA A 65 15.96 16.19 5.16
N ASP A 66 16.69 15.48 6.01
CA ASP A 66 17.88 16.02 6.63
C ASP A 66 19.04 16.05 5.65
N ALA A 67 19.65 17.21 5.50
CA ALA A 67 20.73 17.42 4.54
C ALA A 67 21.93 16.53 4.82
N SER A 68 22.10 16.14 6.08
CA SER A 68 23.21 15.28 6.48
C SER A 68 22.98 13.83 6.05
N PHE A 69 21.76 13.55 5.58
CA PHE A 69 21.43 12.21 5.11
C PHE A 69 22.30 11.81 3.93
N PHE A 70 22.35 12.68 2.93
CA PHE A 70 23.09 12.39 1.70
C PHE A 70 24.60 12.45 1.93
N SER A 71 25.00 12.76 3.15
CA SER A 71 26.41 12.76 3.51
C SER A 71 26.84 11.33 3.79
N GLN A 72 25.85 10.46 3.97
CA GLN A 72 26.11 9.03 4.18
C GLN A 72 26.50 8.34 2.88
N PRO A 73 27.23 7.23 3.00
CA PRO A 73 27.60 6.38 1.86
C PRO A 73 26.41 6.03 0.97
N HIS A 74 26.70 5.90 -0.32
CA HIS A 74 25.73 5.53 -1.36
C HIS A 74 24.93 4.30 -0.95
N GLU A 75 25.61 3.32 -0.38
CA GLU A 75 24.98 2.07 0.01
C GLU A 75 23.99 2.25 1.16
N GLN A 76 24.17 3.30 1.94
CA GLN A 76 23.23 3.62 3.03
C GLN A 76 22.08 4.42 2.47
N THR A 77 22.44 5.49 1.79
CA THR A 77 21.48 6.47 1.32
C THR A 77 20.53 5.88 0.30
N GLN A 78 21.08 5.21 -0.72
CA GLN A 78 20.26 4.62 -1.76
C GLN A 78 19.36 3.53 -1.19
N LYS A 79 19.82 2.85 -0.15
CA LYS A 79 19.01 1.85 0.54
C LYS A 79 17.76 2.52 1.09
N VAL A 80 17.95 3.71 1.64
CA VAL A 80 16.83 4.48 2.18
C VAL A 80 16.02 5.11 1.06
N LEU A 81 16.70 5.75 0.11
CA LEU A 81 16.07 6.43 -1.01
C LEU A 81 15.19 5.47 -1.80
N ALA A 82 15.72 4.29 -2.06
CA ALA A 82 15.02 3.29 -2.84
C ALA A 82 13.79 2.78 -2.10
N ASP A 83 13.94 2.53 -0.80
CA ASP A 83 12.83 2.07 0.02
C ASP A 83 11.82 3.19 0.22
N MET A 84 12.31 4.43 0.24
CA MET A 84 11.45 5.61 0.33
C MET A 84 10.52 5.68 -0.87
N ALA A 85 11.10 5.58 -2.06
CA ALA A 85 10.31 5.61 -3.28
C ALA A 85 9.36 4.42 -3.33
N ALA A 86 9.86 3.26 -2.92
CA ALA A 86 9.05 2.05 -2.89
C ALA A 86 7.91 2.18 -1.89
N ALA A 87 8.11 3.01 -0.88
CA ALA A 87 7.09 3.24 0.14
C ALA A 87 5.93 4.05 -0.42
N GLU A 88 6.23 5.19 -1.01
CA GLU A 88 5.20 6.06 -1.55
C GLU A 88 4.50 5.39 -2.72
N GLN A 89 5.27 4.71 -3.56
CA GLN A 89 4.72 3.97 -4.68
C GLN A 89 3.74 2.90 -4.21
N GLU A 90 4.16 2.11 -3.22
CA GLU A 90 3.29 1.07 -2.70
C GLU A 90 2.08 1.67 -2.00
N LEU A 91 2.29 2.77 -1.28
CA LEU A 91 1.21 3.41 -0.54
C LEU A 91 0.04 3.74 -1.46
N GLU A 92 0.32 4.44 -2.55
CA GLU A 92 -0.71 4.86 -3.47
C GLU A 92 -1.29 3.67 -4.26
N GLN A 93 -0.43 2.75 -4.68
CA GLN A 93 -0.90 1.58 -5.42
C GLN A 93 -1.76 0.68 -4.54
N ALA A 94 -1.39 0.56 -3.28
CA ALA A 94 -2.16 -0.20 -2.31
C ALA A 94 -3.45 0.54 -1.99
N PHE A 95 -3.38 1.87 -1.98
CA PHE A 95 -4.56 2.70 -1.81
C PHE A 95 -5.53 2.48 -2.96
N GLU A 96 -5.00 2.50 -4.18
CA GLU A 96 -5.77 2.21 -5.38
C GLU A 96 -6.38 0.82 -5.30
N ARG A 97 -5.59 -0.13 -4.84
CA ARG A 97 -6.06 -1.49 -4.61
C ARG A 97 -7.22 -1.46 -3.62
N TRP A 98 -7.01 -0.75 -2.52
CA TRP A 98 -7.98 -0.68 -1.44
C TRP A 98 -9.32 -0.15 -1.91
N GLU A 99 -9.32 1.00 -2.57
CA GLU A 99 -10.55 1.60 -3.03
C GLU A 99 -11.23 0.73 -4.08
N TYR A 100 -10.41 0.07 -4.89
CA TYR A 100 -10.91 -0.92 -5.84
C TYR A 100 -11.58 -2.06 -5.09
N LEU A 101 -10.94 -2.53 -4.03
CA LEU A 101 -11.47 -3.62 -3.24
C LEU A 101 -12.76 -3.20 -2.53
N GLU A 102 -12.77 -1.99 -1.97
CA GLU A 102 -13.98 -1.45 -1.36
C GLU A 102 -15.12 -1.41 -2.37
N ALA A 103 -14.81 -0.87 -3.56
CA ALA A 103 -15.79 -0.79 -4.63
C ALA A 103 -16.25 -2.17 -5.08
N LEU A 104 -15.27 -3.06 -5.26
CA LEU A 104 -15.53 -4.43 -5.69
C LEU A 104 -16.34 -5.18 -4.65
N LYS A 105 -16.13 -4.84 -3.39
CA LYS A 105 -16.81 -5.49 -2.30
C LYS A 105 -18.26 -5.01 -2.21
N ASN A 106 -18.47 -3.76 -2.59
CA ASN A 106 -19.80 -3.16 -2.54
C ASN A 106 -20.65 -3.69 -3.69
N GLY A 107 -20.01 -3.94 -4.83
CA GLY A 107 -20.70 -4.47 -5.98
C GLY A 107 -19.76 -5.14 -6.94
N GLY A 108 -19.51 -6.42 -6.74
CA GLY A 108 -18.60 -7.15 -7.59
C GLY A 108 -19.09 -8.55 -7.88
N LYS A 24 -19.68 -17.11 10.20
CA LYS A 24 -20.45 -18.15 9.49
C LYS A 24 -20.78 -17.70 8.08
N ALA A 25 -19.88 -17.94 7.14
CA ALA A 25 -20.07 -17.54 5.76
C ALA A 25 -19.69 -18.66 4.82
N GLU A 26 -20.68 -19.33 4.28
CA GLU A 26 -20.46 -20.42 3.33
C GLU A 26 -20.61 -19.90 1.91
N THR A 27 -19.50 -19.88 1.18
CA THR A 27 -19.52 -19.39 -0.19
C THR A 27 -19.92 -20.50 -1.16
N VAL A 28 -20.80 -20.15 -2.10
CA VAL A 28 -21.30 -21.13 -3.06
C VAL A 28 -20.66 -20.91 -4.44
N LYS A 29 -20.55 -19.65 -4.88
CA LYS A 29 -20.05 -19.35 -6.21
C LYS A 29 -20.93 -19.93 -7.29
N ARG A 30 -22.04 -19.25 -7.58
CA ARG A 30 -22.90 -19.65 -8.69
C ARG A 30 -22.32 -19.11 -9.99
N SER A 31 -21.82 -17.89 -9.90
CA SER A 31 -21.22 -17.20 -11.03
C SER A 31 -20.75 -15.83 -10.58
N SER A 32 -21.63 -15.13 -9.88
CA SER A 32 -21.32 -13.84 -9.30
C SER A 32 -20.35 -14.02 -8.14
N SER A 33 -19.48 -13.04 -7.96
CA SER A 33 -18.50 -13.07 -6.89
C SER A 33 -18.14 -11.64 -6.48
N LYS A 34 -18.93 -11.08 -5.57
CA LYS A 34 -18.74 -9.71 -5.11
C LYS A 34 -17.32 -9.50 -4.59
N LEU A 35 -16.90 -10.34 -3.67
CA LEU A 35 -15.53 -10.29 -3.18
C LEU A 35 -14.86 -11.65 -3.23
N SER A 36 -13.82 -11.74 -4.02
CA SER A 36 -12.98 -12.91 -4.06
C SER A 36 -12.15 -12.98 -2.77
N TYR A 37 -11.74 -14.18 -2.33
CA TYR A 37 -11.10 -14.30 -1.01
C TYR A 37 -9.79 -13.50 -0.96
N LYS A 38 -9.09 -13.45 -2.09
CA LYS A 38 -7.85 -12.68 -2.18
C LYS A 38 -8.10 -11.25 -1.72
N LEU A 39 -9.30 -10.78 -1.98
CA LEU A 39 -9.71 -9.44 -1.61
C LEU A 39 -10.25 -9.42 -0.19
N GLN A 40 -10.91 -10.52 0.19
CA GLN A 40 -11.51 -10.64 1.51
C GLN A 40 -10.46 -10.47 2.59
N ARG A 41 -9.35 -11.19 2.47
CA ARG A 41 -8.28 -11.08 3.45
C ARG A 41 -7.40 -9.88 3.13
N GLU A 42 -7.44 -9.43 1.89
CA GLU A 42 -6.69 -8.25 1.46
C GLU A 42 -7.20 -7.02 2.19
N LEU A 43 -8.50 -6.83 2.13
CA LEU A 43 -9.17 -5.67 2.71
C LEU A 43 -9.02 -5.66 4.24
N GLU A 44 -8.69 -6.82 4.81
CA GLU A 44 -8.46 -6.91 6.25
C GLU A 44 -7.15 -6.24 6.66
N GLN A 45 -6.09 -6.54 5.95
CA GLN A 45 -4.78 -6.05 6.32
C GLN A 45 -4.47 -4.70 5.67
N LEU A 46 -5.01 -4.51 4.49
CA LEU A 46 -4.68 -3.38 3.63
C LEU A 46 -4.80 -2.03 4.35
N PRO A 47 -5.92 -1.72 5.04
CA PRO A 47 -6.06 -0.43 5.77
C PRO A 47 -4.93 -0.19 6.76
N GLN A 48 -4.57 -1.24 7.53
CA GLN A 48 -3.47 -1.12 8.49
C GLN A 48 -2.15 -1.00 7.75
N LEU A 49 -2.10 -1.52 6.55
CA LEU A 49 -0.91 -1.44 5.72
C LEU A 49 -0.76 -0.05 5.11
N LEU A 50 -1.88 0.59 4.79
CA LEU A 50 -1.86 1.97 4.31
C LEU A 50 -1.22 2.88 5.34
N GLU A 51 -1.75 2.85 6.55
CA GLU A 51 -1.20 3.67 7.62
C GLU A 51 0.23 3.24 7.96
N ASP A 52 0.55 1.98 7.64
CA ASP A 52 1.92 1.47 7.82
C ASP A 52 2.84 2.19 6.85
N LEU A 53 2.51 2.08 5.57
CA LEU A 53 3.33 2.61 4.50
C LEU A 53 3.37 4.13 4.53
N GLU A 54 2.26 4.73 4.93
CA GLU A 54 2.21 6.18 5.06
C GLU A 54 3.20 6.65 6.10
N ALA A 55 3.10 6.06 7.29
CA ALA A 55 4.00 6.37 8.39
C ALA A 55 5.42 5.96 8.05
N LYS A 56 5.54 4.92 7.23
CA LYS A 56 6.84 4.43 6.80
C LYS A 56 7.50 5.46 5.89
N LEU A 57 6.73 5.94 4.92
CA LEU A 57 7.19 6.96 4.01
C LEU A 57 7.55 8.22 4.77
N GLU A 58 6.67 8.64 5.68
CA GLU A 58 6.91 9.80 6.53
C GLU A 58 8.23 9.67 7.28
N ALA A 59 8.48 8.46 7.80
CA ALA A 59 9.69 8.19 8.56
C ALA A 59 10.92 8.29 7.66
N LEU A 60 10.85 7.64 6.51
CA LEU A 60 11.95 7.62 5.57
C LEU A 60 12.19 9.01 4.98
N GLN A 61 11.12 9.69 4.61
CA GLN A 61 11.22 11.04 4.05
C GLN A 61 11.76 12.04 5.06
N THR A 62 11.59 11.76 6.34
CA THR A 62 12.01 12.70 7.36
C THR A 62 13.50 12.54 7.69
N GLN A 63 14.03 11.34 7.52
CA GLN A 63 15.47 11.13 7.67
C GLN A 63 16.19 11.53 6.39
N VAL A 64 15.46 11.49 5.28
CA VAL A 64 15.95 11.99 4.00
C VAL A 64 15.80 13.51 3.94
N ALA A 65 14.90 14.05 4.77
CA ALA A 65 14.71 15.49 4.87
C ALA A 65 15.94 16.14 5.46
N ASP A 66 16.69 15.36 6.21
CA ASP A 66 17.96 15.79 6.76
C ASP A 66 19.00 15.93 5.65
N ALA A 67 19.48 17.15 5.45
CA ALA A 67 20.42 17.43 4.36
C ALA A 67 21.70 16.63 4.50
N SER A 68 22.03 16.27 5.73
CA SER A 68 23.25 15.54 6.02
C SER A 68 23.09 14.05 5.69
N PHE A 69 21.85 13.64 5.37
CA PHE A 69 21.58 12.26 4.97
C PHE A 69 22.37 11.90 3.73
N PHE A 70 22.28 12.74 2.70
CA PHE A 70 22.94 12.48 1.43
C PHE A 70 24.46 12.58 1.56
N SER A 71 24.93 13.00 2.72
CA SER A 71 26.36 13.08 2.97
C SER A 71 26.93 11.69 3.19
N GLN A 72 26.02 10.74 3.34
CA GLN A 72 26.38 9.33 3.50
C GLN A 72 26.69 8.70 2.14
N PRO A 73 27.52 7.65 2.17
CA PRO A 73 27.83 6.84 0.98
C PRO A 73 26.56 6.37 0.26
N HIS A 74 26.68 6.23 -1.07
CA HIS A 74 25.61 5.75 -1.94
C HIS A 74 25.00 4.44 -1.42
N GLU A 75 25.84 3.61 -0.83
CA GLU A 75 25.41 2.32 -0.31
C GLU A 75 24.49 2.47 0.90
N GLN A 76 24.66 3.56 1.64
CA GLN A 76 23.81 3.84 2.79
C GLN A 76 22.55 4.56 2.33
N THR A 77 22.75 5.55 1.48
CA THR A 77 21.69 6.44 1.08
C THR A 77 20.70 5.77 0.13
N GLN A 78 21.20 5.01 -0.83
CA GLN A 78 20.33 4.26 -1.73
C GLN A 78 19.50 3.23 -0.96
N LYS A 79 20.10 2.69 0.08
CA LYS A 79 19.41 1.78 0.99
C LYS A 79 18.13 2.43 1.52
N VAL A 80 18.26 3.68 1.92
CA VAL A 80 17.13 4.43 2.44
C VAL A 80 16.24 4.97 1.32
N LEU A 81 16.87 5.56 0.30
CA LEU A 81 16.14 6.18 -0.81
C LEU A 81 15.29 5.16 -1.57
N ALA A 82 15.82 3.96 -1.73
CA ALA A 82 15.10 2.90 -2.42
C ALA A 82 13.88 2.48 -1.61
N ASP A 83 14.09 2.29 -0.30
CA ASP A 83 13.00 1.88 0.58
C ASP A 83 11.98 3.01 0.70
N MET A 84 12.46 4.24 0.70
CA MET A 84 11.60 5.42 0.73
C MET A 84 10.66 5.42 -0.46
N ALA A 85 11.24 5.32 -1.65
CA ALA A 85 10.44 5.34 -2.87
C ALA A 85 9.55 4.10 -2.95
N ALA A 86 10.06 2.98 -2.47
CA ALA A 86 9.29 1.75 -2.44
C ALA A 86 8.08 1.89 -1.52
N ALA A 87 8.25 2.64 -0.44
CA ALA A 87 7.17 2.87 0.51
C ALA A 87 6.04 3.66 -0.10
N GLU A 88 6.37 4.78 -0.74
CA GLU A 88 5.36 5.62 -1.38
C GLU A 88 4.69 4.88 -2.53
N GLN A 89 5.48 4.19 -3.35
CA GLN A 89 4.93 3.43 -4.48
C GLN A 89 4.00 2.33 -3.98
N GLU A 90 4.42 1.64 -2.91
CA GLU A 90 3.62 0.59 -2.30
C GLU A 90 2.32 1.18 -1.74
N LEU A 91 2.44 2.33 -1.09
CA LEU A 91 1.30 2.98 -0.46
C LEU A 91 0.20 3.27 -1.47
N GLU A 92 0.56 3.86 -2.61
CA GLU A 92 -0.44 4.29 -3.57
C GLU A 92 -1.12 3.09 -4.23
N GLN A 93 -0.34 2.10 -4.65
CA GLN A 93 -0.90 0.93 -5.30
C GLN A 93 -1.77 0.15 -4.33
N ALA A 94 -1.39 0.16 -3.07
CA ALA A 94 -2.17 -0.48 -2.04
C ALA A 94 -3.48 0.29 -1.82
N PHE A 95 -3.38 1.62 -1.84
CA PHE A 95 -4.54 2.49 -1.73
C PHE A 95 -5.52 2.24 -2.87
N GLU A 96 -4.99 2.29 -4.09
CA GLU A 96 -5.77 2.00 -5.30
C GLU A 96 -6.44 0.63 -5.18
N ARG A 97 -5.66 -0.34 -4.71
CA ARG A 97 -6.18 -1.69 -4.44
C ARG A 97 -7.34 -1.60 -3.45
N TRP A 98 -7.12 -0.89 -2.36
CA TRP A 98 -8.10 -0.77 -1.29
C TRP A 98 -9.43 -0.20 -1.77
N GLU A 99 -9.36 0.92 -2.46
CA GLU A 99 -10.58 1.58 -2.94
C GLU A 99 -11.31 0.68 -3.94
N TYR A 100 -10.54 -0.10 -4.69
CA TYR A 100 -11.11 -1.07 -5.61
C TYR A 100 -11.82 -2.17 -4.84
N LEU A 101 -11.23 -2.59 -3.73
CA LEU A 101 -11.80 -3.64 -2.92
C LEU A 101 -13.13 -3.20 -2.30
N GLU A 102 -13.14 -2.00 -1.75
CA GLU A 102 -14.38 -1.43 -1.20
C GLU A 102 -15.42 -1.24 -2.30
N ALA A 103 -14.97 -0.75 -3.44
CA ALA A 103 -15.86 -0.53 -4.57
C ALA A 103 -16.46 -1.83 -5.07
N LEU A 104 -15.61 -2.83 -5.28
CA LEU A 104 -16.04 -4.14 -5.76
C LEU A 104 -17.00 -4.77 -4.76
N LYS A 105 -16.73 -4.55 -3.49
CA LYS A 105 -17.53 -5.09 -2.41
C LYS A 105 -18.94 -4.51 -2.42
N ASN A 106 -19.09 -3.32 -2.98
CA ASN A 106 -20.38 -2.65 -3.02
C ASN A 106 -21.08 -2.88 -4.36
N GLY A 107 -20.31 -2.91 -5.44
CA GLY A 107 -20.90 -3.01 -6.76
C GLY A 107 -20.37 -4.18 -7.55
N GLY A 108 -20.58 -5.38 -7.03
CA GLY A 108 -20.15 -6.57 -7.74
C GLY A 108 -21.27 -7.59 -7.81
N LYS A 24 -3.75 -20.99 -22.39
CA LYS A 24 -3.71 -19.53 -22.60
C LYS A 24 -5.10 -18.98 -22.87
N ALA A 25 -6.03 -19.86 -23.22
CA ALA A 25 -7.40 -19.45 -23.47
C ALA A 25 -8.28 -19.69 -22.25
N GLU A 26 -8.79 -18.61 -21.67
CA GLU A 26 -9.71 -18.70 -20.55
C GLU A 26 -10.75 -17.60 -20.66
N THR A 27 -12.00 -17.99 -20.79
CA THR A 27 -13.08 -17.05 -20.90
C THR A 27 -13.72 -16.77 -19.54
N VAL A 28 -13.66 -15.52 -19.11
CA VAL A 28 -14.25 -15.14 -17.84
C VAL A 28 -15.78 -15.15 -17.92
N LYS A 29 -16.36 -16.30 -17.60
CA LYS A 29 -17.79 -16.44 -17.58
C LYS A 29 -18.32 -16.21 -16.17
N ARG A 30 -17.40 -15.98 -15.23
CA ARG A 30 -17.79 -15.70 -13.87
C ARG A 30 -17.73 -14.21 -13.59
N SER A 31 -18.68 -13.48 -14.15
CA SER A 31 -18.82 -12.05 -13.90
C SER A 31 -19.59 -11.84 -12.60
N SER A 32 -19.85 -10.59 -12.26
CA SER A 32 -20.52 -10.25 -11.01
C SER A 32 -19.71 -10.73 -9.82
N SER A 33 -18.38 -10.60 -9.92
CA SER A 33 -17.48 -11.00 -8.86
C SER A 33 -17.43 -9.89 -7.80
N LYS A 34 -17.87 -10.21 -6.61
CA LYS A 34 -17.93 -9.24 -5.53
C LYS A 34 -16.76 -9.44 -4.58
N LEU A 35 -16.98 -9.26 -3.29
CA LEU A 35 -15.90 -9.34 -2.32
C LEU A 35 -15.50 -10.79 -2.07
N SER A 36 -14.71 -11.33 -2.99
CA SER A 36 -14.19 -12.69 -2.89
C SER A 36 -13.24 -12.81 -1.70
N TYR A 37 -12.92 -14.03 -1.27
CA TYR A 37 -12.06 -14.20 -0.09
C TYR A 37 -10.73 -13.50 -0.29
N LYS A 38 -10.25 -13.49 -1.52
CA LYS A 38 -9.02 -12.81 -1.87
C LYS A 38 -9.02 -11.40 -1.30
N LEU A 39 -10.16 -10.74 -1.45
CA LEU A 39 -10.31 -9.36 -1.02
C LEU A 39 -10.71 -9.32 0.43
N GLN A 40 -11.39 -10.37 0.89
CA GLN A 40 -11.81 -10.46 2.28
C GLN A 40 -10.63 -10.43 3.21
N ARG A 41 -9.61 -11.24 2.92
CA ARG A 41 -8.42 -11.26 3.75
C ARG A 41 -7.46 -10.14 3.35
N GLU A 42 -7.62 -9.64 2.13
CA GLU A 42 -6.79 -8.54 1.65
C GLU A 42 -7.20 -7.24 2.34
N LEU A 43 -8.48 -6.93 2.25
CA LEU A 43 -9.03 -5.70 2.82
C LEU A 43 -8.92 -5.70 4.34
N GLU A 44 -8.70 -6.88 4.90
CA GLU A 44 -8.57 -7.06 6.32
C GLU A 44 -7.19 -6.62 6.81
N GLN A 45 -6.19 -6.72 5.95
CA GLN A 45 -4.83 -6.36 6.32
C GLN A 45 -4.36 -5.09 5.60
N LEU A 46 -4.90 -4.89 4.40
CA LEU A 46 -4.48 -3.81 3.50
C LEU A 46 -4.49 -2.43 4.20
N PRO A 47 -5.57 -2.04 4.93
CA PRO A 47 -5.60 -0.76 5.66
C PRO A 47 -4.40 -0.61 6.62
N GLN A 48 -4.08 -1.67 7.35
CA GLN A 48 -2.92 -1.66 8.23
C GLN A 48 -1.65 -1.50 7.41
N LEU A 49 -1.65 -2.12 6.25
CA LEU A 49 -0.53 -2.03 5.33
C LEU A 49 -0.39 -0.61 4.77
N LEU A 50 -1.52 0.05 4.55
CA LEU A 50 -1.51 1.44 4.12
C LEU A 50 -0.83 2.31 5.15
N GLU A 51 -1.29 2.23 6.38
CA GLU A 51 -0.69 3.02 7.44
C GLU A 51 0.74 2.54 7.71
N ASP A 52 1.04 1.30 7.30
CA ASP A 52 2.41 0.78 7.35
C ASP A 52 3.28 1.55 6.40
N LEU A 53 2.89 1.50 5.13
CA LEU A 53 3.65 2.10 4.05
C LEU A 53 3.64 3.61 4.14
N GLU A 54 2.59 4.15 4.71
CA GLU A 54 2.47 5.59 4.91
C GLU A 54 3.48 6.05 5.95
N ALA A 55 3.46 5.40 7.10
CA ALA A 55 4.40 5.71 8.17
C ALA A 55 5.81 5.28 7.78
N LYS A 56 5.88 4.34 6.86
CA LYS A 56 7.15 3.90 6.29
C LYS A 56 7.72 5.00 5.42
N LEU A 57 6.93 5.44 4.46
CA LEU A 57 7.31 6.53 3.58
C LEU A 57 7.62 7.78 4.40
N GLU A 58 6.75 8.07 5.35
CA GLU A 58 6.93 9.19 6.29
C GLU A 58 8.27 9.07 7.02
N ALA A 59 8.58 7.87 7.48
CA ALA A 59 9.81 7.62 8.23
C ALA A 59 11.02 7.81 7.34
N LEU A 60 10.92 7.36 6.11
CA LEU A 60 12.00 7.48 5.15
C LEU A 60 12.16 8.93 4.69
N GLN A 61 11.04 9.58 4.42
CA GLN A 61 11.03 10.96 3.95
C GLN A 61 11.62 11.91 4.98
N THR A 62 11.47 11.57 6.25
CA THR A 62 11.98 12.42 7.32
C THR A 62 13.49 12.24 7.48
N GLN A 63 13.99 11.08 7.05
CA GLN A 63 15.43 10.87 6.99
C GLN A 63 16.00 11.73 5.88
N VAL A 64 15.35 11.61 4.72
CA VAL A 64 15.74 12.30 3.51
C VAL A 64 15.45 13.80 3.61
N ALA A 65 14.65 14.16 4.61
CA ALA A 65 14.32 15.56 4.87
C ALA A 65 15.54 16.33 5.35
N ASP A 66 16.36 15.66 6.14
CA ASP A 66 17.59 16.26 6.65
C ASP A 66 18.64 16.30 5.56
N ALA A 67 19.31 17.44 5.44
CA ALA A 67 20.39 17.61 4.48
C ALA A 67 21.57 16.74 4.87
N SER A 68 21.66 16.47 6.16
CA SER A 68 22.73 15.65 6.72
C SER A 68 22.59 14.19 6.27
N PHE A 69 21.42 13.83 5.74
CA PHE A 69 21.18 12.49 5.25
C PHE A 69 22.10 12.15 4.08
N PHE A 70 22.17 13.06 3.12
CA PHE A 70 22.98 12.83 1.92
C PHE A 70 24.47 12.98 2.23
N SER A 71 24.78 13.30 3.49
CA SER A 71 26.16 13.38 3.93
C SER A 71 26.63 11.99 4.36
N GLN A 72 25.70 11.04 4.32
CA GLN A 72 26.00 9.64 4.61
C GLN A 72 26.54 8.93 3.36
N PRO A 73 27.14 7.75 3.54
CA PRO A 73 27.67 6.96 2.43
C PRO A 73 26.57 6.47 1.48
N HIS A 74 26.97 6.24 0.23
CA HIS A 74 26.08 5.75 -0.83
C HIS A 74 25.31 4.53 -0.37
N GLU A 75 26.01 3.65 0.33
CA GLU A 75 25.44 2.40 0.82
C GLU A 75 24.25 2.65 1.75
N GLN A 76 24.28 3.77 2.46
CA GLN A 76 23.20 4.15 3.36
C GLN A 76 22.13 4.88 2.58
N THR A 77 22.56 5.92 1.91
CA THR A 77 21.66 6.86 1.29
C THR A 77 20.81 6.23 0.20
N GLN A 78 21.45 5.49 -0.70
CA GLN A 78 20.73 4.83 -1.77
C GLN A 78 19.80 3.77 -1.22
N LYS A 79 20.21 3.13 -0.13
CA LYS A 79 19.38 2.17 0.55
C LYS A 79 18.07 2.83 0.95
N VAL A 80 18.19 4.00 1.56
CA VAL A 80 17.05 4.77 2.02
C VAL A 80 16.25 5.35 0.84
N LEU A 81 16.96 5.98 -0.09
CA LEU A 81 16.33 6.62 -1.24
C LEU A 81 15.56 5.61 -2.08
N ALA A 82 16.16 4.45 -2.31
CA ALA A 82 15.55 3.39 -3.09
C ALA A 82 14.37 2.78 -2.33
N ASP A 83 14.52 2.66 -1.02
CA ASP A 83 13.46 2.11 -0.17
C ASP A 83 12.31 3.12 -0.08
N MET A 84 12.66 4.39 -0.04
CA MET A 84 11.68 5.48 -0.02
C MET A 84 10.80 5.45 -1.27
N ALA A 85 11.43 5.26 -2.42
CA ALA A 85 10.71 5.22 -3.68
C ALA A 85 9.81 4.00 -3.75
N ALA A 86 10.28 2.91 -3.14
CA ALA A 86 9.50 1.68 -3.09
C ALA A 86 8.32 1.82 -2.14
N ALA A 87 8.47 2.69 -1.14
CA ALA A 87 7.42 2.91 -0.16
C ALA A 87 6.29 3.72 -0.76
N GLU A 88 6.62 4.85 -1.36
CA GLU A 88 5.60 5.72 -1.95
C GLU A 88 4.80 5.01 -3.04
N GLN A 89 5.49 4.28 -3.91
CA GLN A 89 4.82 3.57 -5.00
C GLN A 89 3.94 2.44 -4.46
N GLU A 90 4.42 1.80 -3.40
CA GLU A 90 3.69 0.71 -2.77
C GLU A 90 2.42 1.22 -2.12
N LEU A 91 2.56 2.31 -1.38
CA LEU A 91 1.45 2.90 -0.65
C LEU A 91 0.28 3.22 -1.57
N GLU A 92 0.56 3.89 -2.69
CA GLU A 92 -0.50 4.31 -3.58
C GLU A 92 -1.11 3.14 -4.35
N GLN A 93 -0.29 2.19 -4.82
CA GLN A 93 -0.81 1.04 -5.56
C GLN A 93 -1.65 0.16 -4.65
N ALA A 94 -1.27 0.10 -3.39
CA ALA A 94 -2.04 -0.64 -2.42
C ALA A 94 -3.32 0.11 -2.08
N PHE A 95 -3.21 1.43 -2.04
CA PHE A 95 -4.35 2.30 -1.76
C PHE A 95 -5.43 2.16 -2.84
N GLU A 96 -5.03 2.29 -4.10
CA GLU A 96 -5.97 2.20 -5.21
C GLU A 96 -6.56 0.79 -5.31
N ARG A 97 -5.77 -0.22 -4.94
CA ARG A 97 -6.27 -1.58 -4.81
C ARG A 97 -7.32 -1.63 -3.70
N TRP A 98 -7.00 -1.01 -2.58
CA TRP A 98 -7.90 -0.97 -1.43
C TRP A 98 -9.22 -0.29 -1.79
N GLU A 99 -9.13 0.87 -2.44
CA GLU A 99 -10.33 1.60 -2.85
C GLU A 99 -11.15 0.78 -3.84
N TYR A 100 -10.46 0.04 -4.70
CA TYR A 100 -11.11 -0.91 -5.59
C TYR A 100 -11.83 -1.99 -4.79
N LEU A 101 -11.19 -2.48 -3.73
CA LEU A 101 -11.79 -3.51 -2.88
C LEU A 101 -13.07 -2.98 -2.23
N GLU A 102 -12.97 -1.76 -1.69
CA GLU A 102 -14.14 -1.09 -1.11
C GLU A 102 -15.22 -0.87 -2.16
N ALA A 103 -14.82 -0.44 -3.35
CA ALA A 103 -15.77 -0.17 -4.43
C ALA A 103 -16.43 -1.46 -4.89
N LEU A 104 -15.65 -2.52 -5.03
CA LEU A 104 -16.14 -3.81 -5.49
C LEU A 104 -17.13 -4.38 -4.49
N LYS A 105 -16.86 -4.15 -3.21
CA LYS A 105 -17.71 -4.61 -2.13
C LYS A 105 -19.13 -4.08 -2.32
N ASN A 106 -19.23 -2.84 -2.80
CA ASN A 106 -20.52 -2.21 -3.02
C ASN A 106 -21.15 -2.68 -4.33
N GLY A 107 -20.31 -2.91 -5.33
CA GLY A 107 -20.80 -3.34 -6.63
C GLY A 107 -19.71 -4.00 -7.44
N GLY A 108 -19.93 -5.25 -7.81
CA GLY A 108 -18.97 -5.97 -8.63
C GLY A 108 -19.64 -6.83 -9.67
N LYS A 24 -25.19 -34.65 -13.43
CA LYS A 24 -24.70 -33.93 -12.22
C LYS A 24 -24.55 -32.45 -12.53
N ALA A 25 -25.67 -31.75 -12.55
CA ALA A 25 -25.68 -30.31 -12.79
C ALA A 25 -25.95 -29.59 -11.49
N GLU A 26 -25.14 -29.91 -10.49
CA GLU A 26 -25.36 -29.41 -9.15
C GLU A 26 -24.65 -28.07 -8.95
N THR A 27 -25.03 -27.09 -9.75
CA THR A 27 -24.46 -25.76 -9.65
C THR A 27 -25.24 -24.91 -8.66
N VAL A 28 -24.70 -24.80 -7.46
CA VAL A 28 -25.27 -23.90 -6.47
C VAL A 28 -25.14 -22.46 -6.94
N LYS A 29 -26.21 -21.70 -6.79
CA LYS A 29 -26.25 -20.31 -7.26
C LYS A 29 -25.39 -19.43 -6.37
N ARG A 30 -24.12 -19.28 -6.75
CA ARG A 30 -23.20 -18.44 -6.02
C ARG A 30 -22.60 -17.38 -6.93
N SER A 31 -23.32 -17.08 -8.00
CA SER A 31 -22.89 -16.06 -8.95
C SER A 31 -23.26 -14.67 -8.45
N SER A 32 -22.74 -14.32 -7.29
CA SER A 32 -22.96 -13.00 -6.71
C SER A 32 -21.65 -12.45 -6.18
N SER A 33 -20.88 -11.84 -7.07
CA SER A 33 -19.55 -11.37 -6.74
C SER A 33 -19.58 -9.95 -6.20
N LYS A 34 -18.77 -9.72 -5.17
CA LYS A 34 -18.50 -8.38 -4.68
C LYS A 34 -17.15 -8.37 -3.97
N LEU A 35 -16.90 -9.40 -3.18
CA LEU A 35 -15.61 -9.54 -2.53
C LEU A 35 -15.41 -11.00 -2.13
N SER A 36 -14.54 -11.69 -2.86
CA SER A 36 -14.22 -13.07 -2.57
C SER A 36 -13.50 -13.19 -1.23
N TYR A 37 -13.39 -14.39 -0.68
CA TYR A 37 -12.64 -14.60 0.56
C TYR A 37 -11.21 -14.14 0.40
N LYS A 38 -10.63 -14.40 -0.77
CA LYS A 38 -9.27 -13.95 -1.05
C LYS A 38 -9.18 -12.44 -0.94
N LEU A 39 -10.27 -11.76 -1.28
CA LEU A 39 -10.32 -10.32 -1.21
C LEU A 39 -10.67 -9.89 0.20
N GLN A 40 -11.36 -10.77 0.93
CA GLN A 40 -11.59 -10.56 2.35
C GLN A 40 -10.27 -10.32 3.04
N ARG A 41 -9.35 -11.24 2.85
CA ARG A 41 -8.06 -11.21 3.52
C ARG A 41 -7.13 -10.24 2.81
N GLU A 42 -7.40 -10.00 1.53
CA GLU A 42 -6.66 -9.02 0.75
C GLU A 42 -6.93 -7.63 1.27
N LEU A 43 -8.20 -7.35 1.56
CA LEU A 43 -8.63 -6.03 1.98
C LEU A 43 -8.31 -5.80 3.46
N GLU A 44 -8.66 -6.76 4.32
CA GLU A 44 -8.54 -6.59 5.77
C GLU A 44 -7.13 -6.21 6.23
N GLN A 45 -6.14 -6.59 5.47
CA GLN A 45 -4.75 -6.31 5.83
C GLN A 45 -4.30 -4.98 5.26
N LEU A 46 -4.97 -4.59 4.20
CA LEU A 46 -4.51 -3.53 3.31
C LEU A 46 -4.54 -2.13 3.97
N PRO A 47 -5.59 -1.73 4.74
CA PRO A 47 -5.60 -0.45 5.44
C PRO A 47 -4.44 -0.33 6.42
N GLN A 48 -4.14 -1.42 7.12
CA GLN A 48 -3.00 -1.48 8.02
C GLN A 48 -1.70 -1.35 7.26
N LEU A 49 -1.75 -1.74 5.99
CA LEU A 49 -0.61 -1.65 5.10
C LEU A 49 -0.47 -0.23 4.54
N LEU A 50 -1.60 0.42 4.30
CA LEU A 50 -1.59 1.80 3.84
C LEU A 50 -0.94 2.70 4.87
N GLU A 51 -1.43 2.65 6.10
CA GLU A 51 -0.83 3.45 7.16
C GLU A 51 0.60 3.01 7.41
N ASP A 52 0.90 1.75 7.08
CA ASP A 52 2.25 1.21 7.19
C ASP A 52 3.16 1.95 6.25
N LEU A 53 2.81 1.92 4.98
CA LEU A 53 3.61 2.50 3.92
C LEU A 53 3.61 4.02 3.99
N GLU A 54 2.51 4.58 4.46
CA GLU A 54 2.40 6.02 4.63
C GLU A 54 3.33 6.48 5.74
N ALA A 55 3.21 5.84 6.90
CA ALA A 55 4.08 6.15 8.03
C ALA A 55 5.52 5.79 7.69
N LYS A 56 5.67 4.81 6.81
CA LYS A 56 6.98 4.39 6.34
C LYS A 56 7.59 5.50 5.50
N LEU A 57 6.79 6.03 4.57
CA LEU A 57 7.22 7.12 3.73
C LEU A 57 7.54 8.34 4.58
N GLU A 58 6.66 8.64 5.54
CA GLU A 58 6.92 9.71 6.50
C GLU A 58 8.31 9.57 7.10
N ALA A 59 8.57 8.43 7.73
CA ALA A 59 9.85 8.14 8.36
C ALA A 59 11.01 8.32 7.39
N LEU A 60 10.90 7.70 6.23
CA LEU A 60 11.96 7.73 5.23
C LEU A 60 12.16 9.16 4.70
N GLN A 61 11.09 9.80 4.27
CA GLN A 61 11.13 11.19 3.79
C GLN A 61 11.60 12.13 4.90
N THR A 62 11.50 11.68 6.13
CA THR A 62 11.88 12.47 7.29
C THR A 62 13.35 12.32 7.61
N GLN A 63 13.90 11.11 7.49
CA GLN A 63 15.32 10.91 7.70
C GLN A 63 16.10 11.31 6.45
N VAL A 64 15.42 11.34 5.32
CA VAL A 64 15.98 11.87 4.08
C VAL A 64 15.85 13.40 4.08
N ALA A 65 14.90 13.91 4.86
CA ALA A 65 14.69 15.35 4.97
C ALA A 65 15.89 16.02 5.63
N ASP A 66 16.59 15.24 6.45
CA ASP A 66 17.79 15.70 7.12
C ASP A 66 18.90 15.96 6.10
N ALA A 67 19.46 17.16 6.13
CA ALA A 67 20.47 17.56 5.15
C ALA A 67 21.75 16.74 5.28
N SER A 68 21.98 16.17 6.45
CA SER A 68 23.19 15.40 6.70
C SER A 68 23.01 13.95 6.25
N PHE A 69 21.78 13.58 5.88
CA PHE A 69 21.51 12.23 5.40
C PHE A 69 22.36 11.89 4.18
N PHE A 70 22.32 12.77 3.18
CA PHE A 70 23.02 12.55 1.93
C PHE A 70 24.54 12.59 2.12
N SER A 71 24.97 13.05 3.27
CA SER A 71 26.39 13.13 3.59
C SER A 71 26.94 11.75 3.97
N GLN A 72 26.03 10.79 4.05
CA GLN A 72 26.37 9.42 4.37
C GLN A 72 26.71 8.65 3.09
N PRO A 73 27.22 7.41 3.22
CA PRO A 73 27.64 6.60 2.07
C PRO A 73 26.49 6.27 1.12
N HIS A 74 26.82 6.17 -0.16
CA HIS A 74 25.86 5.83 -1.23
C HIS A 74 25.11 4.55 -0.89
N GLU A 75 25.83 3.63 -0.30
CA GLU A 75 25.29 2.32 0.01
C GLU A 75 24.24 2.41 1.11
N GLN A 76 24.39 3.36 2.02
CA GLN A 76 23.43 3.54 3.09
C GLN A 76 22.28 4.43 2.61
N THR A 77 22.61 5.49 1.89
CA THR A 77 21.63 6.45 1.43
C THR A 77 20.70 5.85 0.40
N GLN A 78 21.26 5.16 -0.58
CA GLN A 78 20.46 4.58 -1.65
C GLN A 78 19.52 3.52 -1.13
N LYS A 79 19.88 2.88 -0.03
CA LYS A 79 18.97 1.99 0.65
C LYS A 79 17.73 2.74 1.06
N VAL A 80 17.94 3.81 1.81
CA VAL A 80 16.86 4.62 2.34
C VAL A 80 16.10 5.32 1.21
N LEU A 81 16.85 5.86 0.26
CA LEU A 81 16.27 6.56 -0.88
C LEU A 81 15.39 5.64 -1.72
N ALA A 82 15.91 4.45 -2.01
CA ALA A 82 15.17 3.47 -2.81
C ALA A 82 13.95 2.97 -2.04
N ASP A 83 14.13 2.71 -0.75
CA ASP A 83 13.05 2.25 0.11
C ASP A 83 11.98 3.33 0.25
N MET A 84 12.44 4.57 0.31
CA MET A 84 11.55 5.73 0.38
C MET A 84 10.68 5.82 -0.86
N ALA A 85 11.30 5.79 -2.03
CA ALA A 85 10.58 5.91 -3.28
C ALA A 85 9.61 4.74 -3.45
N ALA A 86 10.02 3.57 -2.99
CA ALA A 86 9.19 2.39 -3.08
C ALA A 86 8.07 2.42 -2.03
N ALA A 87 8.27 3.19 -0.97
CA ALA A 87 7.25 3.32 0.07
C ALA A 87 6.03 4.05 -0.45
N GLU A 88 6.25 5.24 -1.00
CA GLU A 88 5.16 6.01 -1.59
C GLU A 88 4.61 5.29 -2.81
N GLN A 89 5.49 4.62 -3.54
CA GLN A 89 5.10 3.83 -4.69
C GLN A 89 4.13 2.72 -4.29
N GLU A 90 4.55 1.87 -3.36
CA GLU A 90 3.72 0.76 -2.90
C GLU A 90 2.45 1.28 -2.25
N LEU A 91 2.57 2.42 -1.57
CA LEU A 91 1.45 3.03 -0.88
C LEU A 91 0.28 3.29 -1.83
N GLU A 92 0.54 4.01 -2.92
CA GLU A 92 -0.52 4.39 -3.82
C GLU A 92 -1.04 3.21 -4.64
N GLN A 93 -0.16 2.32 -5.06
CA GLN A 93 -0.62 1.14 -5.81
C GLN A 93 -1.48 0.25 -4.93
N ALA A 94 -1.14 0.18 -3.65
CA ALA A 94 -1.95 -0.58 -2.71
C ALA A 94 -3.24 0.18 -2.41
N PHE A 95 -3.14 1.50 -2.33
CA PHE A 95 -4.29 2.37 -2.12
C PHE A 95 -5.34 2.16 -3.21
N GLU A 96 -4.90 2.14 -4.45
CA GLU A 96 -5.79 1.94 -5.59
C GLU A 96 -6.47 0.58 -5.52
N ARG A 97 -5.70 -0.43 -5.14
CA ARG A 97 -6.24 -1.78 -4.92
C ARG A 97 -7.29 -1.74 -3.83
N TRP A 98 -6.98 -1.02 -2.78
CA TRP A 98 -7.85 -0.92 -1.63
C TRP A 98 -9.20 -0.32 -2.00
N GLU A 99 -9.17 0.80 -2.70
CA GLU A 99 -10.40 1.48 -3.08
C GLU A 99 -11.18 0.68 -4.11
N TYR A 100 -10.46 -0.09 -4.92
CA TYR A 100 -11.10 -1.05 -5.81
C TYR A 100 -11.83 -2.12 -5.00
N LEU A 101 -11.21 -2.56 -3.91
CA LEU A 101 -11.79 -3.59 -3.08
C LEU A 101 -13.00 -3.07 -2.31
N GLU A 102 -12.89 -1.88 -1.72
CA GLU A 102 -14.02 -1.26 -1.04
C GLU A 102 -15.17 -1.04 -2.02
N ALA A 103 -14.86 -0.53 -3.20
CA ALA A 103 -15.86 -0.30 -4.23
C ALA A 103 -16.47 -1.61 -4.70
N LEU A 104 -15.61 -2.60 -4.91
CA LEU A 104 -16.04 -3.92 -5.37
C LEU A 104 -16.95 -4.56 -4.34
N LYS A 105 -16.50 -4.54 -3.10
CA LYS A 105 -17.24 -5.13 -1.99
C LYS A 105 -18.63 -4.52 -1.87
N ASN A 106 -18.72 -3.23 -2.14
CA ASN A 106 -20.00 -2.52 -2.07
C ASN A 106 -20.88 -2.85 -3.27
N GLY A 107 -20.26 -3.01 -4.43
CA GLY A 107 -21.02 -3.27 -5.64
C GLY A 107 -20.19 -3.90 -6.73
N GLY A 108 -20.28 -5.22 -6.87
CA GLY A 108 -19.59 -5.90 -7.94
C GLY A 108 -20.52 -6.82 -8.69
N LYS A 24 -39.87 -3.58 -0.14
CA LYS A 24 -39.18 -2.85 -1.24
C LYS A 24 -38.95 -3.79 -2.41
N ALA A 25 -39.63 -3.53 -3.52
CA ALA A 25 -39.50 -4.36 -4.72
C ALA A 25 -38.11 -4.21 -5.33
N GLU A 26 -37.50 -3.05 -5.12
CA GLU A 26 -36.14 -2.82 -5.57
C GLU A 26 -35.15 -3.58 -4.69
N THR A 27 -34.37 -4.45 -5.31
CA THR A 27 -33.38 -5.24 -4.58
C THR A 27 -31.97 -4.79 -4.92
N VAL A 28 -31.03 -5.12 -4.05
CA VAL A 28 -29.62 -4.83 -4.31
C VAL A 28 -28.82 -6.13 -4.31
N LYS A 29 -28.00 -6.31 -5.33
CA LYS A 29 -27.18 -7.50 -5.44
C LYS A 29 -25.87 -7.33 -4.69
N ARG A 30 -25.74 -8.06 -3.60
CA ARG A 30 -24.55 -8.05 -2.78
C ARG A 30 -24.33 -9.42 -2.15
N SER A 31 -25.43 -10.14 -1.95
CA SER A 31 -25.39 -11.46 -1.34
C SER A 31 -24.88 -12.49 -2.35
N SER A 32 -24.96 -12.15 -3.64
CA SER A 32 -24.45 -13.01 -4.69
C SER A 32 -22.93 -13.08 -4.62
N SER A 33 -22.29 -11.93 -4.74
CA SER A 33 -20.84 -11.84 -4.61
C SER A 33 -20.47 -10.60 -3.82
N LYS A 34 -19.80 -10.78 -2.69
CA LYS A 34 -19.39 -9.67 -1.85
C LYS A 34 -17.91 -9.37 -2.07
N LEU A 35 -17.12 -10.44 -2.22
CA LEU A 35 -15.69 -10.34 -2.44
C LEU A 35 -15.13 -11.72 -2.68
N SER A 36 -13.93 -11.77 -3.22
CA SER A 36 -13.19 -13.01 -3.34
C SER A 36 -12.28 -13.15 -2.12
N TYR A 37 -11.96 -14.37 -1.70
CA TYR A 37 -11.17 -14.56 -0.48
C TYR A 37 -9.81 -13.90 -0.61
N LYS A 38 -9.23 -13.98 -1.80
CA LYS A 38 -7.95 -13.33 -2.08
C LYS A 38 -8.05 -11.82 -1.87
N LEU A 39 -9.23 -11.27 -2.08
CA LEU A 39 -9.47 -9.86 -1.83
C LEU A 39 -9.82 -9.64 -0.37
N GLN A 40 -10.39 -10.66 0.26
CA GLN A 40 -10.68 -10.61 1.68
C GLN A 40 -9.40 -10.30 2.44
N ARG A 41 -8.41 -11.13 2.27
CA ARG A 41 -7.15 -10.97 2.98
C ARG A 41 -6.33 -9.82 2.41
N GLU A 42 -6.63 -9.44 1.18
CA GLU A 42 -5.99 -8.28 0.58
C GLU A 42 -6.51 -6.99 1.22
N LEU A 43 -7.84 -6.87 1.25
CA LEU A 43 -8.50 -5.67 1.76
C LEU A 43 -8.27 -5.53 3.26
N GLU A 44 -8.45 -6.61 4.00
CA GLU A 44 -8.38 -6.59 5.46
C GLU A 44 -7.08 -5.99 5.98
N GLN A 45 -5.97 -6.32 5.34
CA GLN A 45 -4.67 -5.85 5.80
C GLN A 45 -4.25 -4.56 5.09
N LEU A 46 -5.02 -4.17 4.11
CA LEU A 46 -4.63 -3.09 3.21
C LEU A 46 -4.66 -1.71 3.90
N PRO A 47 -5.70 -1.35 4.70
CA PRO A 47 -5.71 -0.08 5.43
C PRO A 47 -4.56 -0.01 6.44
N GLN A 48 -4.27 -1.14 7.06
CA GLN A 48 -3.15 -1.27 7.97
C GLN A 48 -1.85 -1.06 7.22
N LEU A 49 -1.84 -1.50 5.98
CA LEU A 49 -0.70 -1.35 5.10
C LEU A 49 -0.61 0.10 4.59
N LEU A 50 -1.74 0.73 4.36
CA LEU A 50 -1.77 2.13 3.98
C LEU A 50 -1.17 3.01 5.06
N GLU A 51 -1.66 2.84 6.28
CA GLU A 51 -1.10 3.58 7.39
C GLU A 51 0.35 3.16 7.63
N ASP A 52 0.67 1.92 7.26
CA ASP A 52 2.03 1.41 7.36
C ASP A 52 2.94 2.21 6.45
N LEU A 53 2.59 2.21 5.17
CA LEU A 53 3.41 2.83 4.15
C LEU A 53 3.38 4.34 4.27
N GLU A 54 2.30 4.87 4.82
CA GLU A 54 2.19 6.28 5.11
C GLU A 54 3.21 6.66 6.18
N ALA A 55 3.13 5.98 7.30
CA ALA A 55 4.04 6.19 8.42
C ALA A 55 5.46 5.81 8.02
N LYS A 56 5.57 4.88 7.08
CA LYS A 56 6.86 4.42 6.59
C LYS A 56 7.47 5.49 5.71
N LEU A 57 6.67 6.05 4.82
CA LEU A 57 7.09 7.13 3.96
C LEU A 57 7.47 8.33 4.81
N GLU A 58 6.61 8.65 5.78
CA GLU A 58 6.90 9.70 6.75
C GLU A 58 8.27 9.49 7.41
N ALA A 59 8.52 8.26 7.82
CA ALA A 59 9.75 7.93 8.55
C ALA A 59 10.97 8.06 7.63
N LEU A 60 10.82 7.59 6.40
CA LEU A 60 11.92 7.61 5.44
C LEU A 60 12.16 9.01 4.91
N GLN A 61 11.08 9.71 4.58
CA GLN A 61 11.17 11.06 4.01
C GLN A 61 11.79 12.03 4.98
N THR A 62 11.59 11.81 6.28
CA THR A 62 12.11 12.72 7.28
C THR A 62 13.61 12.50 7.48
N GLN A 63 14.10 11.32 7.09
CA GLN A 63 15.53 11.06 7.11
C GLN A 63 16.17 11.75 5.94
N VAL A 64 15.55 11.54 4.79
CA VAL A 64 15.99 12.11 3.52
C VAL A 64 15.76 13.63 3.51
N ALA A 65 14.91 14.09 4.43
CA ALA A 65 14.64 15.52 4.59
C ALA A 65 15.88 16.25 5.09
N ASP A 66 16.66 15.54 5.91
CA ASP A 66 17.88 16.10 6.47
C ASP A 66 18.96 16.15 5.41
N ALA A 67 19.60 17.31 5.26
CA ALA A 67 20.62 17.51 4.24
C ALA A 67 21.87 16.68 4.53
N SER A 68 22.01 16.25 5.77
CA SER A 68 23.16 15.47 6.18
C SER A 68 22.93 13.98 5.87
N PHE A 69 21.72 13.66 5.43
CA PHE A 69 21.40 12.29 5.04
C PHE A 69 22.29 11.84 3.90
N PHE A 70 22.41 12.69 2.88
CA PHE A 70 23.20 12.36 1.70
C PHE A 70 24.71 12.46 1.98
N SER A 71 25.06 12.64 3.23
CA SER A 71 26.45 12.68 3.64
C SER A 71 26.91 11.26 4.03
N GLN A 72 25.94 10.36 4.11
CA GLN A 72 26.21 8.99 4.46
C GLN A 72 26.57 8.15 3.24
N PRO A 73 27.07 6.93 3.46
CA PRO A 73 27.44 5.99 2.39
C PRO A 73 26.29 5.73 1.40
N HIS A 74 26.66 5.59 0.13
CA HIS A 74 25.73 5.23 -0.95
C HIS A 74 24.90 4.03 -0.57
N GLU A 75 25.55 3.08 0.09
CA GLU A 75 24.92 1.83 0.45
C GLU A 75 23.86 2.04 1.53
N GLN A 76 24.05 3.05 2.38
CA GLN A 76 23.08 3.33 3.43
C GLN A 76 21.98 4.25 2.87
N THR A 77 22.41 5.25 2.09
CA THR A 77 21.48 6.23 1.54
C THR A 77 20.54 5.59 0.53
N GLN A 78 21.10 4.86 -0.43
CA GLN A 78 20.30 4.21 -1.45
C GLN A 78 19.36 3.18 -0.84
N LYS A 79 19.77 2.61 0.28
CA LYS A 79 18.90 1.73 1.05
C LYS A 79 17.64 2.50 1.44
N VAL A 80 17.84 3.66 2.05
CA VAL A 80 16.73 4.50 2.49
C VAL A 80 15.98 5.08 1.29
N LEU A 81 16.73 5.60 0.32
CA LEU A 81 16.17 6.23 -0.87
C LEU A 81 15.30 5.25 -1.66
N ALA A 82 15.80 4.03 -1.82
CA ALA A 82 15.07 3.01 -2.57
C ALA A 82 13.82 2.59 -1.83
N ASP A 83 13.96 2.34 -0.53
CA ASP A 83 12.83 1.91 0.30
C ASP A 83 11.82 3.05 0.45
N MET A 84 12.31 4.28 0.44
CA MET A 84 11.45 5.46 0.47
C MET A 84 10.57 5.51 -0.76
N ALA A 85 11.19 5.38 -1.93
CA ALA A 85 10.47 5.41 -3.18
C ALA A 85 9.53 4.20 -3.28
N ALA A 86 9.98 3.08 -2.75
CA ALA A 86 9.16 1.88 -2.72
C ALA A 86 7.95 2.06 -1.83
N ALA A 87 8.14 2.75 -0.71
CA ALA A 87 7.07 3.00 0.25
C ALA A 87 5.94 3.80 -0.37
N GLU A 88 6.28 4.91 -1.01
CA GLU A 88 5.26 5.75 -1.63
C GLU A 88 4.63 5.04 -2.82
N GLN A 89 5.44 4.40 -3.65
CA GLN A 89 4.94 3.65 -4.80
C GLN A 89 3.96 2.57 -4.34
N GLU A 90 4.34 1.86 -3.27
CA GLU A 90 3.50 0.80 -2.73
C GLU A 90 2.22 1.40 -2.13
N LEU A 91 2.38 2.50 -1.40
CA LEU A 91 1.28 3.15 -0.72
C LEU A 91 0.17 3.55 -1.69
N GLU A 92 0.53 4.29 -2.72
CA GLU A 92 -0.46 4.85 -3.63
C GLU A 92 -1.12 3.76 -4.47
N GLN A 93 -0.34 2.80 -4.94
CA GLN A 93 -0.90 1.71 -5.73
C GLN A 93 -1.79 0.84 -4.87
N ALA A 94 -1.42 0.69 -3.61
CA ALA A 94 -2.22 -0.07 -2.68
C ALA A 94 -3.52 0.67 -2.39
N PHE A 95 -3.42 1.99 -2.31
CA PHE A 95 -4.58 2.85 -2.12
C PHE A 95 -5.57 2.67 -3.27
N GLU A 96 -5.04 2.67 -4.49
CA GLU A 96 -5.84 2.44 -5.69
C GLU A 96 -6.55 1.10 -5.62
N ARG A 97 -5.82 0.09 -5.16
CA ARG A 97 -6.38 -1.25 -4.95
C ARG A 97 -7.48 -1.20 -3.91
N TRP A 98 -7.21 -0.51 -2.81
CA TRP A 98 -8.09 -0.47 -1.67
C TRP A 98 -9.48 0.05 -2.03
N GLU A 99 -9.53 1.20 -2.68
CA GLU A 99 -10.82 1.80 -3.02
C GLU A 99 -11.60 0.92 -3.98
N TYR A 100 -10.89 0.19 -4.83
CA TYR A 100 -11.51 -0.79 -5.71
C TYR A 100 -12.08 -1.94 -4.90
N LEU A 101 -11.34 -2.37 -3.89
CA LEU A 101 -11.76 -3.51 -3.07
C LEU A 101 -13.00 -3.16 -2.25
N GLU A 102 -12.98 -2.02 -1.59
CA GLU A 102 -14.13 -1.55 -0.81
C GLU A 102 -15.34 -1.36 -1.72
N ALA A 103 -15.11 -0.83 -2.91
CA ALA A 103 -16.17 -0.62 -3.88
C ALA A 103 -16.74 -1.95 -4.34
N LEU A 104 -15.86 -2.91 -4.62
CA LEU A 104 -16.26 -4.23 -5.07
C LEU A 104 -17.02 -4.95 -3.96
N LYS A 105 -16.53 -4.77 -2.73
CA LYS A 105 -17.11 -5.43 -1.57
C LYS A 105 -18.55 -4.98 -1.33
N ASN A 106 -18.84 -3.75 -1.73
CA ASN A 106 -20.15 -3.17 -1.50
C ASN A 106 -21.15 -3.59 -2.58
N GLY A 107 -20.64 -3.87 -3.77
CA GLY A 107 -21.53 -4.24 -4.87
C GLY A 107 -20.82 -5.02 -5.95
N GLY A 108 -20.64 -6.31 -5.75
CA GLY A 108 -20.04 -7.15 -6.76
C GLY A 108 -21.03 -7.59 -7.80
N LYS A 24 -22.57 -31.54 3.26
CA LYS A 24 -23.57 -32.62 3.16
C LYS A 24 -23.68 -33.09 1.70
N ALA A 25 -24.22 -32.24 0.85
CA ALA A 25 -24.37 -32.54 -0.56
C ALA A 25 -24.60 -31.26 -1.34
N GLU A 26 -25.55 -30.47 -0.86
CA GLU A 26 -25.84 -29.17 -1.45
C GLU A 26 -25.66 -28.09 -0.39
N THR A 27 -24.69 -27.22 -0.61
CA THR A 27 -24.37 -26.19 0.37
C THR A 27 -25.42 -25.08 0.39
N VAL A 28 -25.29 -24.16 1.33
CA VAL A 28 -26.25 -23.07 1.46
C VAL A 28 -26.27 -22.21 0.20
N LYS A 29 -25.18 -21.48 -0.05
CA LYS A 29 -25.06 -20.60 -1.21
C LYS A 29 -26.34 -19.79 -1.45
N ARG A 30 -26.67 -18.95 -0.47
CA ARG A 30 -27.83 -18.09 -0.59
C ARG A 30 -27.38 -16.63 -0.69
N SER A 31 -27.52 -16.08 -1.90
CA SER A 31 -27.23 -14.67 -2.16
C SER A 31 -25.71 -14.40 -2.15
N SER A 32 -25.31 -13.39 -2.90
CA SER A 32 -23.93 -12.95 -2.94
C SER A 32 -23.68 -12.00 -1.77
N SER A 33 -22.64 -12.27 -0.99
CA SER A 33 -22.38 -11.52 0.23
C SER A 33 -21.55 -10.27 -0.04
N LYS A 34 -20.22 -10.40 0.06
CA LYS A 34 -19.31 -9.28 -0.18
C LYS A 34 -18.01 -9.77 -0.77
N LEU A 35 -17.68 -9.30 -1.98
CA LEU A 35 -16.37 -9.55 -2.58
C LEU A 35 -16.11 -11.05 -2.75
N SER A 36 -14.85 -11.38 -2.97
CA SER A 36 -14.38 -12.75 -2.95
C SER A 36 -13.41 -12.91 -1.78
N TYR A 37 -13.19 -14.12 -1.29
CA TYR A 37 -12.32 -14.31 -0.12
C TYR A 37 -10.94 -13.72 -0.36
N LYS A 38 -10.43 -13.87 -1.59
CA LYS A 38 -9.14 -13.29 -1.96
C LYS A 38 -9.10 -11.80 -1.62
N LEU A 39 -10.23 -11.13 -1.77
CA LEU A 39 -10.33 -9.72 -1.44
C LEU A 39 -10.71 -9.54 0.02
N GLN A 40 -11.46 -10.49 0.56
CA GLN A 40 -11.85 -10.46 1.96
C GLN A 40 -10.62 -10.29 2.85
N ARG A 41 -9.71 -11.25 2.79
CA ARG A 41 -8.53 -11.22 3.63
C ARG A 41 -7.56 -10.14 3.14
N GLU A 42 -7.70 -9.78 1.87
CA GLU A 42 -6.89 -8.71 1.28
C GLU A 42 -7.19 -7.39 1.99
N LEU A 43 -8.47 -7.05 2.03
CA LEU A 43 -8.93 -5.80 2.59
C LEU A 43 -8.81 -5.80 4.12
N GLU A 44 -8.69 -6.98 4.70
CA GLU A 44 -8.55 -7.09 6.16
C GLU A 44 -7.16 -6.66 6.63
N GLN A 45 -6.19 -6.67 5.73
CA GLN A 45 -4.83 -6.28 6.10
C GLN A 45 -4.41 -4.99 5.40
N LEU A 46 -4.92 -4.80 4.20
CA LEU A 46 -4.50 -3.73 3.30
C LEU A 46 -4.53 -2.33 3.97
N PRO A 47 -5.65 -1.90 4.61
CA PRO A 47 -5.71 -0.58 5.25
C PRO A 47 -4.62 -0.38 6.29
N GLN A 48 -4.34 -1.43 7.06
CA GLN A 48 -3.25 -1.39 8.04
C GLN A 48 -1.93 -1.21 7.34
N LEU A 49 -1.83 -1.83 6.18
CA LEU A 49 -0.64 -1.75 5.35
C LEU A 49 -0.48 -0.35 4.75
N LEU A 50 -1.59 0.28 4.39
CA LEU A 50 -1.55 1.66 3.90
C LEU A 50 -0.94 2.58 4.94
N GLU A 51 -1.46 2.56 6.14
CA GLU A 51 -0.91 3.41 7.18
C GLU A 51 0.49 2.95 7.57
N ASP A 52 0.79 1.67 7.31
CA ASP A 52 2.13 1.15 7.49
C ASP A 52 3.09 1.86 6.55
N LEU A 53 2.71 1.87 5.28
CA LEU A 53 3.54 2.42 4.22
C LEU A 53 3.58 3.94 4.28
N GLU A 54 2.47 4.52 4.71
CA GLU A 54 2.38 5.96 4.90
C GLU A 54 3.34 6.38 6.01
N ALA A 55 3.25 5.69 7.14
CA ALA A 55 4.15 5.93 8.26
C ALA A 55 5.58 5.55 7.88
N LYS A 56 5.71 4.58 6.98
CA LYS A 56 7.00 4.11 6.51
C LYS A 56 7.65 5.22 5.67
N LEU A 57 6.86 5.78 4.77
CA LEU A 57 7.31 6.89 3.95
C LEU A 57 7.61 8.10 4.83
N GLU A 58 6.70 8.41 5.75
CA GLU A 58 6.91 9.48 6.72
C GLU A 58 8.26 9.33 7.42
N ALA A 59 8.59 8.10 7.80
CA ALA A 59 9.85 7.80 8.46
C ALA A 59 11.02 8.05 7.52
N LEU A 60 10.98 7.41 6.36
CA LEU A 60 12.06 7.49 5.38
C LEU A 60 12.21 8.93 4.87
N GLN A 61 11.10 9.55 4.53
CA GLN A 61 11.08 10.92 4.02
C GLN A 61 11.66 11.88 5.05
N THR A 62 11.45 11.58 6.33
CA THR A 62 11.95 12.42 7.40
C THR A 62 13.46 12.22 7.59
N GLN A 63 13.95 11.02 7.31
CA GLN A 63 15.38 10.77 7.31
C GLN A 63 16.03 11.58 6.22
N VAL A 64 15.40 11.51 5.05
CA VAL A 64 15.87 12.18 3.85
C VAL A 64 15.59 13.67 3.90
N ALA A 65 14.73 14.07 4.82
CA ALA A 65 14.40 15.48 5.03
C ALA A 65 15.60 16.24 5.55
N ASP A 66 16.44 15.54 6.30
CA ASP A 66 17.65 16.14 6.85
C ASP A 66 18.74 16.22 5.79
N ALA A 67 19.27 17.41 5.58
CA ALA A 67 20.26 17.67 4.55
C ALA A 67 21.56 16.91 4.79
N SER A 68 21.80 16.50 6.02
CA SER A 68 23.03 15.80 6.34
C SER A 68 22.89 14.30 6.06
N PHE A 69 21.66 13.89 5.72
CA PHE A 69 21.41 12.51 5.33
C PHE A 69 22.26 12.11 4.12
N PHE A 70 22.24 12.96 3.11
CA PHE A 70 22.94 12.66 1.85
C PHE A 70 24.44 12.57 2.03
N SER A 71 24.94 13.06 3.16
CA SER A 71 26.37 13.03 3.45
C SER A 71 26.80 11.64 3.92
N GLN A 72 25.82 10.77 4.12
CA GLN A 72 26.07 9.40 4.50
C GLN A 72 26.45 8.59 3.25
N PRO A 73 27.03 7.38 3.42
CA PRO A 73 27.45 6.54 2.30
C PRO A 73 26.36 6.38 1.24
N HIS A 74 26.76 6.47 -0.02
CA HIS A 74 25.87 6.24 -1.16
C HIS A 74 25.12 4.94 -0.99
N GLU A 75 25.80 3.95 -0.44
CA GLU A 75 25.22 2.64 -0.24
C GLU A 75 24.11 2.66 0.82
N GLN A 76 24.26 3.52 1.83
CA GLN A 76 23.26 3.61 2.88
C GLN A 76 22.15 4.57 2.45
N THR A 77 22.54 5.68 1.83
CA THR A 77 21.61 6.71 1.44
C THR A 77 20.69 6.23 0.32
N GLN A 78 21.28 5.62 -0.71
CA GLN A 78 20.50 5.08 -1.81
C GLN A 78 19.60 3.96 -1.33
N LYS A 79 20.04 3.27 -0.28
CA LYS A 79 19.23 2.27 0.37
C LYS A 79 17.95 2.92 0.90
N VAL A 80 18.13 4.00 1.65
CA VAL A 80 16.99 4.74 2.21
C VAL A 80 16.20 5.43 1.11
N LEU A 81 16.89 6.06 0.17
CA LEU A 81 16.25 6.77 -0.94
C LEU A 81 15.42 5.82 -1.79
N ALA A 82 15.96 4.66 -2.10
CA ALA A 82 15.28 3.68 -2.91
C ALA A 82 14.11 3.07 -2.14
N ASP A 83 14.33 2.80 -0.85
CA ASP A 83 13.28 2.26 0.01
C ASP A 83 12.18 3.29 0.20
N MET A 84 12.58 4.55 0.32
CA MET A 84 11.66 5.68 0.39
C MET A 84 10.72 5.68 -0.80
N ALA A 85 11.32 5.64 -1.98
CA ALA A 85 10.56 5.66 -3.22
C ALA A 85 9.71 4.42 -3.36
N ALA A 86 10.18 3.30 -2.81
CA ALA A 86 9.42 2.05 -2.87
C ALA A 86 8.28 2.05 -1.85
N ALA A 87 8.44 2.84 -0.80
CA ALA A 87 7.41 2.96 0.23
C ALA A 87 6.17 3.64 -0.34
N GLU A 88 6.37 4.79 -0.98
CA GLU A 88 5.27 5.49 -1.64
C GLU A 88 4.77 4.68 -2.83
N GLN A 89 5.69 4.02 -3.53
CA GLN A 89 5.37 3.13 -4.63
C GLN A 89 4.38 2.05 -4.19
N GLU A 90 4.73 1.34 -3.12
CA GLU A 90 3.88 0.30 -2.59
C GLU A 90 2.61 0.90 -1.99
N LEU A 91 2.75 2.07 -1.39
CA LEU A 91 1.62 2.77 -0.79
C LEU A 91 0.54 3.06 -1.82
N GLU A 92 0.92 3.73 -2.91
CA GLU A 92 -0.05 4.11 -3.94
C GLU A 92 -0.65 2.89 -4.63
N GLN A 93 0.16 1.86 -4.86
CA GLN A 93 -0.31 0.65 -5.52
C GLN A 93 -1.27 -0.12 -4.62
N ALA A 94 -0.92 -0.23 -3.35
CA ALA A 94 -1.80 -0.86 -2.38
C ALA A 94 -3.06 -0.04 -2.21
N PHE A 95 -2.91 1.28 -2.30
CA PHE A 95 -4.05 2.19 -2.24
C PHE A 95 -5.00 1.94 -3.40
N GLU A 96 -4.43 1.81 -4.61
CA GLU A 96 -5.22 1.47 -5.79
C GLU A 96 -6.01 0.19 -5.55
N ARG A 97 -5.30 -0.83 -5.06
CA ARG A 97 -5.90 -2.10 -4.70
C ARG A 97 -7.06 -1.88 -3.73
N TRP A 98 -6.78 -1.12 -2.68
CA TRP A 98 -7.73 -0.88 -1.61
C TRP A 98 -9.00 -0.21 -2.11
N GLU A 99 -8.85 0.86 -2.88
CA GLU A 99 -10.00 1.60 -3.37
C GLU A 99 -10.86 0.73 -4.28
N TYR A 100 -10.20 -0.11 -5.08
CA TYR A 100 -10.91 -1.10 -5.89
C TYR A 100 -11.70 -2.06 -5.00
N LEU A 101 -11.10 -2.47 -3.90
CA LEU A 101 -11.73 -3.42 -3.00
C LEU A 101 -12.94 -2.80 -2.31
N GLU A 102 -12.76 -1.61 -1.75
CA GLU A 102 -13.86 -0.88 -1.13
C GLU A 102 -14.96 -0.59 -2.13
N ALA A 103 -14.57 -0.34 -3.37
CA ALA A 103 -15.51 -0.07 -4.43
C ALA A 103 -16.24 -1.34 -4.88
N LEU A 104 -15.49 -2.44 -4.98
CA LEU A 104 -16.08 -3.71 -5.38
C LEU A 104 -17.07 -4.17 -4.33
N LYS A 105 -16.69 -4.00 -3.07
CA LYS A 105 -17.50 -4.43 -1.94
C LYS A 105 -18.87 -3.73 -1.93
N ASN A 106 -18.93 -2.59 -2.61
CA ASN A 106 -20.15 -1.78 -2.67
C ASN A 106 -21.25 -2.53 -3.39
N GLY A 107 -20.88 -3.30 -4.40
CA GLY A 107 -21.84 -4.06 -5.16
C GLY A 107 -21.18 -5.22 -5.89
N GLY A 108 -20.55 -6.10 -5.13
CA GLY A 108 -19.81 -7.19 -5.71
C GLY A 108 -19.58 -8.31 -4.72
N LYS A 24 -21.59 -14.09 -23.62
CA LYS A 24 -20.12 -13.91 -23.57
C LYS A 24 -19.40 -15.24 -23.74
N ALA A 25 -20.05 -16.16 -24.45
CA ALA A 25 -19.50 -17.49 -24.74
C ALA A 25 -19.23 -18.29 -23.46
N GLU A 26 -18.04 -18.15 -22.92
CA GLU A 26 -17.66 -18.88 -21.72
C GLU A 26 -17.97 -18.05 -20.48
N THR A 27 -19.13 -18.34 -19.89
CA THR A 27 -19.66 -17.63 -18.71
C THR A 27 -19.88 -16.13 -18.94
N VAL A 28 -21.05 -15.66 -18.56
CA VAL A 28 -21.41 -14.26 -18.71
C VAL A 28 -21.30 -13.54 -17.37
N LYS A 29 -21.20 -14.34 -16.30
CA LYS A 29 -21.12 -13.85 -14.93
C LYS A 29 -22.43 -13.20 -14.49
N ARG A 30 -22.61 -11.92 -14.84
CA ARG A 30 -23.77 -11.14 -14.39
C ARG A 30 -23.85 -11.13 -12.87
N SER A 31 -23.04 -10.28 -12.26
CA SER A 31 -22.93 -10.18 -10.80
C SER A 31 -22.38 -11.50 -10.23
N SER A 32 -21.08 -11.70 -10.34
CA SER A 32 -20.44 -12.89 -9.82
C SER A 32 -19.06 -12.57 -9.23
N SER A 33 -18.69 -11.30 -9.24
CA SER A 33 -17.41 -10.88 -8.71
C SER A 33 -17.53 -9.58 -7.94
N LYS A 34 -18.06 -9.65 -6.72
CA LYS A 34 -18.22 -8.48 -5.87
C LYS A 34 -17.08 -8.41 -4.86
N LEU A 35 -16.97 -9.44 -4.02
CA LEU A 35 -15.91 -9.48 -3.02
C LEU A 35 -15.72 -10.92 -2.57
N SER A 36 -14.89 -11.65 -3.31
CA SER A 36 -14.59 -13.03 -2.96
C SER A 36 -13.68 -13.08 -1.73
N TYR A 37 -13.56 -14.23 -1.09
CA TYR A 37 -12.78 -14.35 0.14
C TYR A 37 -11.34 -13.86 -0.06
N LYS A 38 -10.76 -14.15 -1.22
CA LYS A 38 -9.41 -13.71 -1.52
C LYS A 38 -9.27 -12.19 -1.45
N LEU A 39 -10.34 -11.46 -1.74
CA LEU A 39 -10.33 -10.01 -1.62
C LEU A 39 -10.64 -9.62 -0.19
N GLN A 40 -11.43 -10.46 0.48
CA GLN A 40 -11.73 -10.25 1.88
C GLN A 40 -10.46 -10.09 2.68
N ARG A 41 -9.57 -11.06 2.55
CA ARG A 41 -8.32 -11.04 3.29
C ARG A 41 -7.30 -10.12 2.64
N GLU A 42 -7.51 -9.80 1.36
CA GLU A 42 -6.66 -8.84 0.67
C GLU A 42 -6.96 -7.44 1.21
N LEU A 43 -8.25 -7.15 1.33
CA LEU A 43 -8.73 -5.85 1.76
C LEU A 43 -8.53 -5.66 3.25
N GLU A 44 -8.96 -6.63 4.05
CA GLU A 44 -9.02 -6.46 5.50
C GLU A 44 -7.64 -6.33 6.16
N GLN A 45 -6.59 -6.69 5.44
CA GLN A 45 -5.23 -6.50 5.95
C GLN A 45 -4.62 -5.20 5.42
N LEU A 46 -5.15 -4.77 4.30
CA LEU A 46 -4.61 -3.67 3.51
C LEU A 46 -4.59 -2.32 4.27
N PRO A 47 -5.65 -1.92 5.03
CA PRO A 47 -5.64 -0.63 5.74
C PRO A 47 -4.51 -0.55 6.77
N GLN A 48 -4.26 -1.66 7.46
CA GLN A 48 -3.14 -1.76 8.39
C GLN A 48 -1.83 -1.56 7.64
N LEU A 49 -1.83 -2.01 6.39
CA LEU A 49 -0.66 -1.90 5.54
C LEU A 49 -0.51 -0.48 5.00
N LEU A 50 -1.63 0.19 4.72
CA LEU A 50 -1.61 1.58 4.30
C LEU A 50 -0.96 2.44 5.35
N GLU A 51 -1.41 2.33 6.58
CA GLU A 51 -0.83 3.10 7.66
C GLU A 51 0.61 2.63 7.92
N ASP A 52 0.90 1.39 7.58
CA ASP A 52 2.25 0.85 7.71
C ASP A 52 3.17 1.59 6.76
N LEU A 53 2.81 1.57 5.49
CA LEU A 53 3.61 2.18 4.43
C LEU A 53 3.60 3.69 4.53
N GLU A 54 2.50 4.24 5.02
CA GLU A 54 2.39 5.67 5.23
C GLU A 54 3.37 6.12 6.30
N ALA A 55 3.33 5.42 7.44
CA ALA A 55 4.25 5.70 8.53
C ALA A 55 5.68 5.32 8.14
N LYS A 56 5.80 4.36 7.24
CA LYS A 56 7.09 3.93 6.74
C LYS A 56 7.70 5.04 5.89
N LEU A 57 6.90 5.55 4.96
CA LEU A 57 7.29 6.67 4.13
C LEU A 57 7.59 7.87 5.02
N GLU A 58 6.72 8.09 6.00
CA GLU A 58 6.91 9.13 7.02
C GLU A 58 8.29 9.02 7.65
N ALA A 59 8.68 7.80 8.00
CA ALA A 59 9.95 7.55 8.68
C ALA A 59 11.13 7.73 7.74
N LEU A 60 10.96 7.34 6.50
CA LEU A 60 12.03 7.41 5.52
C LEU A 60 12.20 8.83 4.99
N GLN A 61 11.08 9.51 4.78
CA GLN A 61 11.09 10.86 4.22
C GLN A 61 11.74 11.85 5.18
N THR A 62 11.70 11.55 6.47
CA THR A 62 12.29 12.45 7.46
C THR A 62 13.80 12.27 7.52
N GLN A 63 14.28 11.11 7.09
CA GLN A 63 15.72 10.87 7.00
C GLN A 63 16.26 11.65 5.81
N VAL A 64 15.48 11.62 4.75
CA VAL A 64 15.82 12.26 3.50
C VAL A 64 15.51 13.75 3.55
N ALA A 65 14.71 14.13 4.55
CA ALA A 65 14.36 15.54 4.78
C ALA A 65 15.56 16.29 5.34
N ASP A 66 16.49 15.54 5.89
CA ASP A 66 17.73 16.10 6.43
C ASP A 66 18.74 16.36 5.32
N ALA A 67 19.30 17.55 5.32
CA ALA A 67 20.27 17.96 4.30
C ALA A 67 21.57 17.19 4.42
N SER A 68 21.79 16.60 5.59
CA SER A 68 23.00 15.84 5.86
C SER A 68 22.86 14.42 5.32
N PHE A 69 21.64 14.07 4.92
CA PHE A 69 21.36 12.73 4.41
C PHE A 69 22.19 12.42 3.18
N PHE A 70 22.12 13.27 2.18
CA PHE A 70 22.83 13.07 0.92
C PHE A 70 24.33 13.32 1.06
N SER A 71 24.78 13.49 2.29
CA SER A 71 26.18 13.72 2.57
C SER A 71 26.76 12.44 3.15
N GLN A 72 25.90 11.45 3.29
CA GLN A 72 26.26 10.14 3.73
C GLN A 72 26.63 9.27 2.53
N PRO A 73 27.33 8.17 2.77
CA PRO A 73 27.80 7.29 1.70
C PRO A 73 26.65 6.61 0.94
N HIS A 74 26.90 6.29 -0.33
CA HIS A 74 25.92 5.62 -1.20
C HIS A 74 25.15 4.53 -0.45
N GLU A 75 25.88 3.69 0.26
CA GLU A 75 25.29 2.55 0.96
C GLU A 75 24.23 2.96 1.97
N GLN A 76 24.34 4.17 2.50
CA GLN A 76 23.35 4.69 3.45
C GLN A 76 22.18 5.27 2.70
N THR A 77 22.52 6.16 1.79
CA THR A 77 21.54 6.94 1.09
C THR A 77 20.65 6.09 0.20
N GLN A 78 21.27 5.19 -0.56
CA GLN A 78 20.53 4.33 -1.46
C GLN A 78 19.71 3.30 -0.67
N LYS A 79 20.19 2.95 0.50
CA LYS A 79 19.44 2.11 1.42
C LYS A 79 18.10 2.78 1.74
N VAL A 80 18.19 4.07 2.03
CA VAL A 80 17.02 4.85 2.40
C VAL A 80 16.18 5.23 1.18
N LEU A 81 16.83 5.82 0.17
CA LEU A 81 16.14 6.29 -1.04
C LEU A 81 15.35 5.17 -1.71
N ALA A 82 16.00 4.02 -1.86
CA ALA A 82 15.37 2.90 -2.54
C ALA A 82 14.15 2.40 -1.78
N ASP A 83 14.25 2.38 -0.45
CA ASP A 83 13.16 1.90 0.38
C ASP A 83 12.07 2.96 0.49
N MET A 84 12.49 4.23 0.49
CA MET A 84 11.55 5.34 0.49
C MET A 84 10.68 5.31 -0.75
N ALA A 85 11.32 5.19 -1.91
CA ALA A 85 10.60 5.18 -3.18
C ALA A 85 9.72 3.93 -3.29
N ALA A 86 10.22 2.82 -2.75
CA ALA A 86 9.45 1.58 -2.73
C ALA A 86 8.24 1.73 -1.81
N ALA A 87 8.42 2.43 -0.71
CA ALA A 87 7.36 2.64 0.26
C ALA A 87 6.21 3.46 -0.33
N GLU A 88 6.55 4.58 -0.95
CA GLU A 88 5.54 5.47 -1.51
C GLU A 88 4.81 4.83 -2.69
N GLN A 89 5.54 4.12 -3.54
CA GLN A 89 4.92 3.47 -4.70
C GLN A 89 4.08 2.29 -4.24
N GLU A 90 4.49 1.66 -3.14
CA GLU A 90 3.72 0.58 -2.55
C GLU A 90 2.43 1.14 -1.96
N LEU A 91 2.59 2.22 -1.19
CA LEU A 91 1.46 2.87 -0.53
C LEU A 91 0.38 3.24 -1.52
N GLU A 92 0.77 3.89 -2.61
CA GLU A 92 -0.21 4.37 -3.59
C GLU A 92 -0.89 3.23 -4.33
N GLN A 93 -0.15 2.17 -4.68
CA GLN A 93 -0.76 1.05 -5.39
C GLN A 93 -1.62 0.23 -4.46
N ALA A 94 -1.20 0.11 -3.21
CA ALA A 94 -1.97 -0.59 -2.22
C ALA A 94 -3.25 0.19 -1.91
N PHE A 95 -3.12 1.51 -1.89
CA PHE A 95 -4.27 2.39 -1.75
C PHE A 95 -5.26 2.16 -2.88
N GLU A 96 -4.74 2.15 -4.11
CA GLU A 96 -5.54 1.89 -5.29
C GLU A 96 -6.25 0.55 -5.18
N ARG A 97 -5.53 -0.47 -4.73
CA ARG A 97 -6.14 -1.77 -4.43
C ARG A 97 -7.27 -1.59 -3.45
N TRP A 98 -6.97 -0.97 -2.33
CA TRP A 98 -7.92 -0.80 -1.24
C TRP A 98 -9.22 -0.15 -1.71
N GLU A 99 -9.11 1.00 -2.34
CA GLU A 99 -10.29 1.74 -2.76
C GLU A 99 -11.05 0.96 -3.84
N TYR A 100 -10.31 0.22 -4.65
CA TYR A 100 -10.91 -0.68 -5.63
C TYR A 100 -11.67 -1.79 -4.92
N LEU A 101 -11.04 -2.37 -3.90
CA LEU A 101 -11.63 -3.47 -3.16
C LEU A 101 -12.86 -3.02 -2.38
N GLU A 102 -12.80 -1.82 -1.80
CA GLU A 102 -13.96 -1.24 -1.12
C GLU A 102 -15.08 -0.93 -2.11
N ALA A 103 -14.73 -0.31 -3.22
CA ALA A 103 -15.70 0.02 -4.26
C ALA A 103 -16.32 -1.24 -4.84
N LEU A 104 -15.48 -2.23 -5.09
CA LEU A 104 -15.91 -3.50 -5.66
C LEU A 104 -16.87 -4.20 -4.70
N LYS A 105 -16.58 -4.08 -3.41
CA LYS A 105 -17.40 -4.71 -2.38
C LYS A 105 -18.83 -4.16 -2.42
N ASN A 106 -18.96 -2.90 -2.83
CA ASN A 106 -20.26 -2.25 -2.90
C ASN A 106 -20.92 -2.50 -4.24
N GLY A 107 -20.10 -2.54 -5.29
CA GLY A 107 -20.61 -2.77 -6.62
C GLY A 107 -19.63 -3.51 -7.49
N GLY A 108 -19.93 -4.77 -7.78
CA GLY A 108 -19.06 -5.59 -8.57
C GLY A 108 -19.67 -5.92 -9.92
N LYS A 24 -27.58 -4.46 -3.90
CA LYS A 24 -27.94 -3.71 -5.12
C LYS A 24 -28.40 -4.67 -6.22
N ALA A 25 -29.69 -4.69 -6.46
CA ALA A 25 -30.28 -5.55 -7.47
C ALA A 25 -31.37 -4.79 -8.22
N GLU A 26 -32.16 -5.51 -9.02
CA GLU A 26 -33.20 -4.90 -9.82
C GLU A 26 -34.30 -5.92 -10.12
N THR A 27 -33.94 -6.93 -10.88
CA THR A 27 -34.84 -8.04 -11.13
C THR A 27 -34.17 -9.35 -10.73
N VAL A 28 -33.04 -9.65 -11.35
CA VAL A 28 -32.24 -10.81 -10.97
C VAL A 28 -30.81 -10.37 -10.69
N LYS A 29 -30.20 -9.72 -11.68
CA LYS A 29 -28.82 -9.24 -11.59
C LYS A 29 -27.85 -10.41 -11.46
N ARG A 30 -27.25 -10.79 -12.59
CA ARG A 30 -26.33 -11.91 -12.62
C ARG A 30 -24.96 -11.50 -12.06
N SER A 31 -24.91 -11.33 -10.74
CA SER A 31 -23.66 -10.99 -10.07
C SER A 31 -22.76 -12.22 -10.04
N SER A 32 -21.56 -12.08 -10.60
CA SER A 32 -20.63 -13.19 -10.68
C SER A 32 -19.75 -13.26 -9.45
N SER A 33 -20.37 -13.59 -8.31
CA SER A 33 -19.65 -13.74 -7.05
C SER A 33 -18.94 -12.45 -6.66
N LYS A 34 -19.72 -11.49 -6.19
CA LYS A 34 -19.19 -10.17 -5.82
C LYS A 34 -18.32 -10.25 -4.57
N LEU A 35 -17.06 -9.82 -4.72
CA LEU A 35 -16.09 -9.76 -3.62
C LEU A 35 -15.79 -11.15 -3.08
N SER A 36 -14.72 -11.75 -3.58
CA SER A 36 -14.29 -13.06 -3.15
C SER A 36 -13.64 -12.97 -1.75
N TYR A 37 -13.54 -14.10 -1.04
CA TYR A 37 -12.90 -14.09 0.28
C TYR A 37 -11.48 -13.59 0.18
N LYS A 38 -10.84 -13.85 -0.96
CA LYS A 38 -9.48 -13.39 -1.20
C LYS A 38 -9.40 -11.88 -0.95
N LEU A 39 -10.44 -11.18 -1.35
CA LEU A 39 -10.49 -9.74 -1.21
C LEU A 39 -11.02 -9.38 0.17
N GLN A 40 -11.87 -10.25 0.71
CA GLN A 40 -12.44 -10.06 2.04
C GLN A 40 -11.34 -9.89 3.08
N ARG A 41 -10.43 -10.86 3.14
CA ARG A 41 -9.37 -10.81 4.13
C ARG A 41 -8.25 -9.87 3.68
N GLU A 42 -8.21 -9.60 2.38
CA GLU A 42 -7.26 -8.65 1.83
C GLU A 42 -7.61 -7.25 2.31
N LEU A 43 -8.89 -6.91 2.18
CA LEU A 43 -9.43 -5.61 2.57
C LEU A 43 -9.36 -5.43 4.10
N GLU A 44 -9.22 -6.53 4.81
CA GLU A 44 -9.20 -6.52 6.25
C GLU A 44 -7.83 -6.12 6.78
N GLN A 45 -6.77 -6.53 6.08
CA GLN A 45 -5.42 -6.25 6.53
C GLN A 45 -4.89 -4.97 5.88
N LEU A 46 -5.30 -4.76 4.64
CA LEU A 46 -4.80 -3.70 3.77
C LEU A 46 -4.81 -2.31 4.46
N PRO A 47 -5.93 -1.87 5.09
CA PRO A 47 -6.00 -0.55 5.74
C PRO A 47 -4.87 -0.32 6.74
N GLN A 48 -4.53 -1.35 7.51
CA GLN A 48 -3.45 -1.25 8.48
C GLN A 48 -2.11 -1.21 7.77
N LEU A 49 -2.07 -1.81 6.59
CA LEU A 49 -0.88 -1.80 5.76
C LEU A 49 -0.69 -0.43 5.12
N LEU A 50 -1.79 0.23 4.80
CA LEU A 50 -1.73 1.60 4.29
C LEU A 50 -1.06 2.51 5.28
N GLU A 51 -1.56 2.57 6.50
CA GLU A 51 -0.97 3.42 7.52
C GLU A 51 0.44 2.93 7.88
N ASP A 52 0.71 1.66 7.56
CA ASP A 52 2.04 1.09 7.75
C ASP A 52 3.01 1.74 6.78
N LEU A 53 2.66 1.65 5.50
CA LEU A 53 3.48 2.19 4.43
C LEU A 53 3.51 3.70 4.47
N GLU A 54 2.43 4.28 4.98
CA GLU A 54 2.33 5.72 5.18
C GLU A 54 3.36 6.16 6.20
N ALA A 55 3.31 5.56 7.38
CA ALA A 55 4.27 5.83 8.44
C ALA A 55 5.68 5.44 8.02
N LYS A 56 5.76 4.41 7.19
CA LYS A 56 7.04 3.97 6.64
C LYS A 56 7.62 5.05 5.73
N LEU A 57 6.78 5.57 4.85
CA LEU A 57 7.15 6.64 3.95
C LEU A 57 7.58 7.87 4.76
N GLU A 58 6.75 8.24 5.74
CA GLU A 58 7.08 9.35 6.64
C GLU A 58 8.46 9.16 7.28
N ALA A 59 8.70 7.96 7.79
CA ALA A 59 9.94 7.65 8.50
C ALA A 59 11.14 7.78 7.57
N LEU A 60 10.95 7.40 6.32
CA LEU A 60 12.01 7.43 5.34
C LEU A 60 12.20 8.84 4.79
N GLN A 61 11.11 9.53 4.55
CA GLN A 61 11.16 10.87 3.96
C GLN A 61 11.76 11.87 4.93
N THR A 62 11.58 11.64 6.22
CA THR A 62 12.05 12.59 7.22
C THR A 62 13.54 12.40 7.51
N GLN A 63 14.05 11.19 7.32
CA GLN A 63 15.47 10.95 7.48
C GLN A 63 16.20 11.39 6.22
N VAL A 64 15.49 11.32 5.10
CA VAL A 64 16.00 11.85 3.83
C VAL A 64 15.87 13.37 3.84
N ALA A 65 14.97 13.88 4.67
CA ALA A 65 14.76 15.31 4.80
C ALA A 65 15.92 15.98 5.51
N ASP A 66 16.66 15.20 6.29
CA ASP A 66 17.80 15.71 7.04
C ASP A 66 18.98 15.96 6.10
N ALA A 67 19.65 17.09 6.28
CA ALA A 67 20.73 17.50 5.39
C ALA A 67 21.95 16.61 5.55
N SER A 68 22.05 15.91 6.67
CA SER A 68 23.17 15.02 6.91
C SER A 68 22.91 13.66 6.29
N PHE A 69 21.70 13.46 5.78
CA PHE A 69 21.38 12.24 5.05
C PHE A 69 22.25 12.12 3.82
N PHE A 70 22.19 13.13 2.95
CA PHE A 70 22.97 13.12 1.71
C PHE A 70 24.44 13.41 1.98
N SER A 71 24.77 13.61 3.24
CA SER A 71 26.16 13.77 3.67
C SER A 71 26.78 12.38 3.81
N GLN A 72 25.91 11.37 3.80
CA GLN A 72 26.32 9.99 3.88
C GLN A 72 26.79 9.47 2.53
N PRO A 73 27.64 8.44 2.54
CA PRO A 73 28.09 7.75 1.33
C PRO A 73 26.92 7.27 0.47
N HIS A 74 27.12 7.22 -0.84
CA HIS A 74 26.06 6.81 -1.76
C HIS A 74 25.39 5.52 -1.30
N GLU A 75 26.22 4.51 -0.99
CA GLU A 75 25.72 3.18 -0.63
C GLU A 75 24.77 3.23 0.57
N GLN A 76 24.85 4.28 1.37
CA GLN A 76 23.91 4.48 2.46
C GLN A 76 22.66 5.14 1.93
N THR A 77 22.87 6.26 1.27
CA THR A 77 21.80 7.12 0.86
C THR A 77 20.89 6.46 -0.17
N GLN A 78 21.49 5.94 -1.24
CA GLN A 78 20.71 5.31 -2.30
C GLN A 78 19.93 4.12 -1.78
N LYS A 79 20.45 3.49 -0.72
CA LYS A 79 19.80 2.36 -0.11
C LYS A 79 18.51 2.82 0.55
N VAL A 80 18.57 3.99 1.16
CA VAL A 80 17.42 4.58 1.83
C VAL A 80 16.49 5.22 0.81
N LEU A 81 17.06 5.91 -0.17
CA LEU A 81 16.28 6.51 -1.25
C LEU A 81 15.48 5.45 -1.99
N ALA A 82 16.09 4.30 -2.17
CA ALA A 82 15.46 3.17 -2.83
C ALA A 82 14.27 2.66 -2.01
N ASP A 83 14.49 2.51 -0.71
CA ASP A 83 13.44 2.01 0.19
C ASP A 83 12.33 3.04 0.34
N MET A 84 12.72 4.32 0.33
CA MET A 84 11.77 5.42 0.40
C MET A 84 10.81 5.40 -0.77
N ALA A 85 11.35 5.33 -1.98
CA ALA A 85 10.53 5.31 -3.17
C ALA A 85 9.70 4.03 -3.25
N ALA A 86 10.27 2.94 -2.74
CA ALA A 86 9.57 1.66 -2.68
C ALA A 86 8.39 1.74 -1.72
N ALA A 87 8.53 2.57 -0.69
CA ALA A 87 7.48 2.73 0.31
C ALA A 87 6.28 3.46 -0.28
N GLU A 88 6.52 4.61 -0.87
CA GLU A 88 5.44 5.40 -1.45
C GLU A 88 4.74 4.64 -2.56
N GLN A 89 5.49 4.03 -3.47
CA GLN A 89 4.89 3.28 -4.57
C GLN A 89 4.03 2.15 -4.03
N GLU A 90 4.49 1.49 -2.97
CA GLU A 90 3.75 0.40 -2.36
C GLU A 90 2.48 0.94 -1.72
N LEU A 91 2.61 2.08 -1.06
CA LEU A 91 1.48 2.73 -0.41
C LEU A 91 0.38 3.05 -1.41
N GLU A 92 0.77 3.64 -2.54
CA GLU A 92 -0.20 4.06 -3.55
C GLU A 92 -0.91 2.86 -4.15
N GLN A 93 -0.14 1.86 -4.55
CA GLN A 93 -0.71 0.68 -5.19
C GLN A 93 -1.57 -0.11 -4.21
N ALA A 94 -1.17 -0.12 -2.95
CA ALA A 94 -1.97 -0.77 -1.92
C ALA A 94 -3.27 0.00 -1.72
N PHE A 95 -3.17 1.32 -1.81
CA PHE A 95 -4.32 2.19 -1.68
C PHE A 95 -5.34 1.94 -2.79
N GLU A 96 -4.89 2.00 -4.04
CA GLU A 96 -5.78 1.80 -5.17
C GLU A 96 -6.24 0.34 -5.25
N ARG A 97 -5.47 -0.55 -4.64
CA ARG A 97 -5.92 -1.92 -4.43
C ARG A 97 -7.10 -1.90 -3.46
N TRP A 98 -6.91 -1.20 -2.35
CA TRP A 98 -7.92 -1.08 -1.32
C TRP A 98 -9.22 -0.47 -1.88
N GLU A 99 -9.08 0.64 -2.59
CA GLU A 99 -10.24 1.30 -3.18
C GLU A 99 -10.94 0.39 -4.19
N TYR A 100 -10.16 -0.38 -4.94
CA TYR A 100 -10.72 -1.39 -5.84
C TYR A 100 -11.50 -2.43 -5.04
N LEU A 101 -10.94 -2.84 -3.91
CA LEU A 101 -11.58 -3.83 -3.05
C LEU A 101 -12.88 -3.26 -2.47
N GLU A 102 -12.81 -2.02 -2.01
CA GLU A 102 -13.98 -1.31 -1.50
C GLU A 102 -15.04 -1.15 -2.60
N ALA A 103 -14.58 -0.80 -3.78
CA ALA A 103 -15.47 -0.58 -4.91
C ALA A 103 -16.08 -1.88 -5.40
N LEU A 104 -15.26 -2.91 -5.59
CA LEU A 104 -15.73 -4.20 -6.08
C LEU A 104 -16.76 -4.79 -5.11
N LYS A 105 -16.54 -4.52 -3.84
CA LYS A 105 -17.40 -5.03 -2.79
C LYS A 105 -18.79 -4.39 -2.86
N ASN A 106 -18.85 -3.15 -3.33
CA ASN A 106 -20.11 -2.41 -3.32
C ASN A 106 -20.72 -2.29 -4.71
N GLY A 107 -19.87 -2.13 -5.71
CA GLY A 107 -20.36 -1.87 -7.06
C GLY A 107 -20.18 -3.05 -7.99
N GLY A 108 -20.75 -4.17 -7.61
CA GLY A 108 -20.80 -5.30 -8.50
C GLY A 108 -22.16 -5.39 -9.17
N LYS A 24 -42.84 -1.14 0.58
CA LYS A 24 -41.64 -0.29 0.72
C LYS A 24 -40.71 -0.90 1.77
N ALA A 25 -40.17 -2.07 1.46
CA ALA A 25 -39.28 -2.78 2.37
C ALA A 25 -38.53 -3.88 1.63
N GLU A 26 -39.29 -4.74 0.96
CA GLU A 26 -38.71 -5.89 0.27
C GLU A 26 -38.34 -5.51 -1.16
N THR A 27 -37.45 -4.53 -1.28
CA THR A 27 -36.99 -4.05 -2.57
C THR A 27 -35.47 -4.03 -2.60
N VAL A 28 -34.89 -4.42 -3.73
CA VAL A 28 -33.44 -4.41 -3.92
C VAL A 28 -32.75 -5.46 -3.04
N LYS A 29 -32.34 -6.55 -3.65
CA LYS A 29 -31.59 -7.57 -2.96
C LYS A 29 -30.12 -7.18 -2.84
N ARG A 30 -29.78 -6.56 -1.71
CA ARG A 30 -28.40 -6.19 -1.44
C ARG A 30 -27.56 -7.42 -1.13
N SER A 31 -27.25 -8.19 -2.15
CA SER A 31 -26.49 -9.41 -2.00
C SER A 31 -24.99 -9.13 -2.12
N SER A 32 -24.25 -9.49 -1.09
CA SER A 32 -22.80 -9.33 -1.11
C SER A 32 -22.15 -10.59 -0.54
N SER A 33 -21.21 -11.15 -1.30
CA SER A 33 -20.45 -12.30 -0.86
C SER A 33 -19.13 -11.83 -0.25
N LYS A 34 -19.17 -10.64 0.35
CA LYS A 34 -17.97 -9.95 0.80
C LYS A 34 -17.10 -9.59 -0.40
N LEU A 35 -16.07 -10.39 -0.61
CA LEU A 35 -15.22 -10.25 -1.79
C LEU A 35 -14.64 -11.62 -2.10
N SER A 36 -13.86 -11.71 -3.16
CA SER A 36 -13.07 -12.90 -3.41
C SER A 36 -12.14 -13.11 -2.22
N TYR A 37 -11.88 -14.36 -1.82
CA TYR A 37 -11.12 -14.61 -0.59
C TYR A 37 -9.81 -13.84 -0.56
N LYS A 38 -9.15 -13.76 -1.72
CA LYS A 38 -7.92 -12.97 -1.85
C LYS A 38 -8.14 -11.58 -1.26
N LEU A 39 -9.24 -11.00 -1.65
CA LEU A 39 -9.56 -9.63 -1.29
C LEU A 39 -10.11 -9.58 0.12
N GLN A 40 -10.62 -10.72 0.58
CA GLN A 40 -11.08 -10.86 1.95
C GLN A 40 -9.93 -10.61 2.90
N ARG A 41 -8.78 -11.19 2.58
CA ARG A 41 -7.57 -10.96 3.38
C ARG A 41 -6.87 -9.70 2.93
N GLU A 42 -7.00 -9.38 1.64
CA GLU A 42 -6.42 -8.18 1.08
C GLU A 42 -6.93 -6.96 1.85
N LEU A 43 -8.25 -6.80 1.90
CA LEU A 43 -8.87 -5.61 2.49
C LEU A 43 -8.69 -5.59 4.01
N GLU A 44 -8.34 -6.70 4.60
CA GLU A 44 -8.09 -6.75 6.03
C GLU A 44 -6.74 -6.12 6.39
N GLN A 45 -5.72 -6.49 5.65
CA GLN A 45 -4.37 -6.07 5.95
C GLN A 45 -3.99 -4.78 5.21
N LEU A 46 -4.76 -4.46 4.18
CA LEU A 46 -4.47 -3.35 3.28
C LEU A 46 -4.59 -1.97 3.95
N PRO A 47 -5.73 -1.64 4.60
CA PRO A 47 -5.85 -0.37 5.34
C PRO A 47 -4.70 -0.16 6.32
N GLN A 48 -4.32 -1.22 7.02
CA GLN A 48 -3.19 -1.18 7.95
C GLN A 48 -1.92 -0.87 7.18
N LEU A 49 -1.81 -1.53 6.04
CA LEU A 49 -0.67 -1.37 5.16
C LEU A 49 -0.57 0.05 4.60
N LEU A 50 -1.72 0.68 4.37
CA LEU A 50 -1.74 2.06 3.90
C LEU A 50 -1.17 3.00 4.94
N GLU A 51 -1.71 2.94 6.14
CA GLU A 51 -1.21 3.78 7.22
C GLU A 51 0.22 3.37 7.57
N ASP A 52 0.58 2.14 7.19
CA ASP A 52 1.95 1.65 7.35
C ASP A 52 2.87 2.38 6.41
N LEU A 53 2.56 2.27 5.13
CA LEU A 53 3.39 2.83 4.07
C LEU A 53 3.42 4.35 4.11
N GLU A 54 2.31 4.95 4.48
CA GLU A 54 2.24 6.39 4.59
C GLU A 54 3.16 6.87 5.69
N ALA A 55 3.04 6.25 6.86
CA ALA A 55 3.90 6.58 7.99
C ALA A 55 5.34 6.16 7.70
N LYS A 56 5.48 5.18 6.81
CA LYS A 56 6.77 4.71 6.38
C LYS A 56 7.45 5.77 5.52
N LEU A 57 6.67 6.34 4.60
CA LEU A 57 7.14 7.41 3.75
C LEU A 57 7.52 8.62 4.60
N GLU A 58 6.62 9.01 5.49
CA GLU A 58 6.89 10.12 6.41
C GLU A 58 8.17 9.88 7.21
N ALA A 59 8.40 8.63 7.61
CA ALA A 59 9.57 8.27 8.40
C ALA A 59 10.84 8.32 7.56
N LEU A 60 10.74 7.85 6.33
CA LEU A 60 11.89 7.85 5.43
C LEU A 60 12.19 9.26 4.93
N GLN A 61 11.14 10.01 4.60
CA GLN A 61 11.29 11.36 4.07
C GLN A 61 11.88 12.31 5.10
N THR A 62 11.70 12.00 6.37
CA THR A 62 12.18 12.87 7.43
C THR A 62 13.63 12.60 7.78
N GLN A 63 14.10 11.38 7.52
CA GLN A 63 15.51 11.07 7.72
C GLN A 63 16.29 11.47 6.47
N VAL A 64 15.61 11.41 5.33
CA VAL A 64 16.15 11.92 4.07
C VAL A 64 16.09 13.45 4.07
N ALA A 65 15.26 14.00 4.95
CA ALA A 65 15.15 15.45 5.10
C ALA A 65 16.42 16.03 5.71
N ASP A 66 17.08 15.22 6.53
CA ASP A 66 18.33 15.61 7.18
C ASP A 66 19.41 15.85 6.13
N ALA A 67 20.07 16.99 6.22
CA ALA A 67 21.08 17.38 5.25
C ALA A 67 22.30 16.47 5.35
N SER A 68 22.48 15.85 6.51
CA SER A 68 23.62 14.98 6.72
C SER A 68 23.32 13.55 6.26
N PHE A 69 22.07 13.30 5.88
CA PHE A 69 21.68 11.99 5.38
C PHE A 69 22.52 11.59 4.17
N PHE A 70 22.54 12.47 3.17
CA PHE A 70 23.26 12.20 1.93
C PHE A 70 24.77 12.12 2.15
N SER A 71 25.22 12.40 3.36
CA SER A 71 26.63 12.29 3.72
C SER A 71 26.96 10.87 4.16
N GLN A 72 25.92 10.05 4.27
CA GLN A 72 26.07 8.65 4.63
C GLN A 72 26.44 7.86 3.38
N PRO A 73 26.94 6.63 3.55
CA PRO A 73 27.44 5.82 2.42
C PRO A 73 26.37 5.57 1.38
N HIS A 74 26.80 5.55 0.11
CA HIS A 74 25.93 5.33 -1.05
C HIS A 74 25.07 4.11 -0.85
N GLU A 75 25.66 3.10 -0.25
CA GLU A 75 25.01 1.83 -0.03
C GLU A 75 23.87 1.95 0.98
N GLN A 76 24.05 2.82 1.97
CA GLN A 76 23.03 3.00 3.00
C GLN A 76 21.99 4.03 2.52
N THR A 77 22.46 5.11 1.90
CA THR A 77 21.59 6.19 1.46
C THR A 77 20.70 5.75 0.32
N GLN A 78 21.27 5.12 -0.69
CA GLN A 78 20.49 4.64 -1.82
C GLN A 78 19.46 3.62 -1.37
N LYS A 79 19.80 2.87 -0.32
CA LYS A 79 18.86 1.96 0.29
C LYS A 79 17.65 2.72 0.77
N VAL A 80 17.90 3.78 1.55
CA VAL A 80 16.83 4.60 2.11
C VAL A 80 16.07 5.33 1.01
N LEU A 81 16.78 5.91 0.06
CA LEU A 81 16.16 6.63 -1.04
C LEU A 81 15.28 5.71 -1.88
N ALA A 82 15.80 4.54 -2.20
CA ALA A 82 15.06 3.55 -2.96
C ALA A 82 13.88 3.03 -2.15
N ASP A 83 14.12 2.82 -0.85
CA ASP A 83 13.08 2.36 0.08
C ASP A 83 11.97 3.39 0.15
N MET A 84 12.37 4.65 0.26
CA MET A 84 11.45 5.77 0.31
C MET A 84 10.52 5.78 -0.91
N ALA A 85 11.11 5.68 -2.09
CA ALA A 85 10.35 5.69 -3.32
C ALA A 85 9.46 4.45 -3.44
N ALA A 86 9.99 3.32 -2.97
CA ALA A 86 9.24 2.06 -3.01
C ALA A 86 8.05 2.11 -2.06
N ALA A 87 8.18 2.91 -1.01
CA ALA A 87 7.12 3.06 -0.02
C ALA A 87 5.94 3.83 -0.59
N GLU A 88 6.22 4.98 -1.19
CA GLU A 88 5.15 5.82 -1.71
C GLU A 88 4.46 5.16 -2.89
N GLN A 89 5.22 4.51 -3.77
CA GLN A 89 4.62 3.83 -4.91
C GLN A 89 3.74 2.68 -4.45
N GLU A 90 4.15 2.01 -3.38
CA GLU A 90 3.34 0.94 -2.81
C GLU A 90 2.06 1.52 -2.25
N LEU A 91 2.21 2.62 -1.51
CA LEU A 91 1.10 3.28 -0.85
C LEU A 91 -0.03 3.59 -1.82
N GLU A 92 0.30 4.28 -2.90
CA GLU A 92 -0.70 4.72 -3.86
C GLU A 92 -1.34 3.54 -4.61
N GLN A 93 -0.52 2.56 -4.98
CA GLN A 93 -1.02 1.39 -5.70
C GLN A 93 -1.92 0.56 -4.80
N ALA A 94 -1.55 0.46 -3.54
CA ALA A 94 -2.33 -0.26 -2.56
C ALA A 94 -3.61 0.51 -2.24
N PHE A 95 -3.50 1.84 -2.25
CA PHE A 95 -4.65 2.71 -2.05
C PHE A 95 -5.66 2.54 -3.16
N GLU A 96 -5.17 2.59 -4.39
CA GLU A 96 -5.99 2.35 -5.57
C GLU A 96 -6.66 0.98 -5.49
N ARG A 97 -5.90 0.00 -5.01
CA ARG A 97 -6.42 -1.33 -4.76
C ARG A 97 -7.54 -1.28 -3.73
N TRP A 98 -7.30 -0.53 -2.67
CA TRP A 98 -8.21 -0.46 -1.55
C TRP A 98 -9.58 0.06 -1.95
N GLU A 99 -9.62 1.19 -2.63
CA GLU A 99 -10.89 1.79 -3.04
C GLU A 99 -11.63 0.85 -3.98
N TYR A 100 -10.88 0.18 -4.84
CA TYR A 100 -11.45 -0.81 -5.75
C TYR A 100 -12.12 -1.93 -4.96
N LEU A 101 -11.47 -2.37 -3.89
CA LEU A 101 -11.99 -3.45 -3.07
C LEU A 101 -13.25 -3.02 -2.33
N GLU A 102 -13.21 -1.83 -1.75
CA GLU A 102 -14.37 -1.26 -1.07
C GLU A 102 -15.55 -1.17 -2.03
N ALA A 103 -15.28 -0.69 -3.24
CA ALA A 103 -16.29 -0.58 -4.28
C ALA A 103 -16.77 -1.96 -4.71
N LEU A 104 -15.83 -2.87 -4.85
CA LEU A 104 -16.11 -4.23 -5.32
C LEU A 104 -16.97 -4.99 -4.33
N LYS A 105 -16.67 -4.79 -3.04
CA LYS A 105 -17.34 -5.50 -1.96
C LYS A 105 -18.86 -5.28 -2.02
N ASN A 106 -19.26 -4.09 -2.47
CA ASN A 106 -20.67 -3.73 -2.53
C ASN A 106 -21.39 -4.53 -3.61
N GLY A 107 -20.64 -5.01 -4.60
CA GLY A 107 -21.24 -5.73 -5.70
C GLY A 107 -20.40 -6.91 -6.14
N GLY A 108 -20.15 -7.83 -5.22
CA GLY A 108 -19.44 -9.05 -5.55
C GLY A 108 -19.82 -10.19 -4.64
N LYS A 24 -9.64 -8.40 -21.01
CA LYS A 24 -9.12 -9.73 -20.60
C LYS A 24 -7.67 -9.64 -20.14
N ALA A 25 -6.94 -8.65 -20.65
CA ALA A 25 -5.56 -8.45 -20.24
C ALA A 25 -5.51 -7.36 -19.17
N GLU A 26 -4.71 -7.60 -18.13
CA GLU A 26 -4.64 -6.73 -16.96
C GLU A 26 -5.90 -6.88 -16.11
N THR A 27 -7.03 -6.60 -16.71
CA THR A 27 -8.32 -6.83 -16.07
C THR A 27 -9.11 -7.86 -16.86
N VAL A 28 -9.53 -8.92 -16.20
CA VAL A 28 -10.27 -9.98 -16.84
C VAL A 28 -11.77 -9.71 -16.79
N LYS A 29 -12.49 -10.15 -17.80
CA LYS A 29 -13.95 -10.00 -17.81
C LYS A 29 -14.58 -11.24 -17.19
N ARG A 30 -14.39 -11.35 -15.89
CA ARG A 30 -14.89 -12.47 -15.12
C ARG A 30 -15.50 -11.95 -13.83
N SER A 31 -16.45 -11.05 -13.97
CA SER A 31 -17.04 -10.35 -12.84
C SER A 31 -17.83 -11.30 -11.96
N SER A 32 -17.43 -11.40 -10.71
CA SER A 32 -18.11 -12.23 -9.73
C SER A 32 -18.82 -11.35 -8.71
N SER A 33 -19.92 -11.84 -8.16
CA SER A 33 -20.67 -11.10 -7.17
C SER A 33 -19.91 -11.02 -5.85
N LYS A 34 -19.35 -9.83 -5.58
CA LYS A 34 -18.55 -9.58 -4.38
C LYS A 34 -17.18 -10.25 -4.50
N LEU A 35 -16.21 -9.72 -3.78
CA LEU A 35 -14.83 -10.18 -3.88
C LEU A 35 -14.62 -11.59 -3.37
N SER A 36 -13.58 -12.23 -3.88
CA SER A 36 -13.20 -13.57 -3.47
C SER A 36 -12.35 -13.50 -2.19
N TYR A 37 -12.02 -14.63 -1.59
CA TYR A 37 -11.35 -14.64 -0.29
C TYR A 37 -10.01 -13.91 -0.34
N LYS A 38 -9.29 -14.09 -1.44
CA LYS A 38 -8.01 -13.42 -1.61
C LYS A 38 -8.11 -11.93 -1.35
N LEU A 39 -9.19 -11.32 -1.78
CA LEU A 39 -9.40 -9.91 -1.56
C LEU A 39 -10.04 -9.68 -0.21
N GLN A 40 -10.84 -10.64 0.23
CA GLN A 40 -11.51 -10.56 1.51
C GLN A 40 -10.50 -10.32 2.64
N ARG A 41 -9.46 -11.13 2.68
CA ARG A 41 -8.44 -10.98 3.70
C ARG A 41 -7.42 -9.92 3.29
N GLU A 42 -7.35 -9.65 1.99
CA GLU A 42 -6.49 -8.57 1.49
C GLU A 42 -7.00 -7.22 1.99
N LEU A 43 -8.30 -7.03 1.86
CA LEU A 43 -8.96 -5.80 2.25
C LEU A 43 -8.94 -5.62 3.77
N GLU A 44 -8.80 -6.70 4.51
CA GLU A 44 -8.76 -6.62 5.96
C GLU A 44 -7.40 -6.16 6.47
N GLN A 45 -6.37 -6.33 5.66
CA GLN A 45 -5.03 -5.91 6.05
C GLN A 45 -4.63 -4.61 5.39
N LEU A 46 -5.10 -4.45 4.17
CA LEU A 46 -4.72 -3.35 3.28
C LEU A 46 -4.83 -1.96 3.95
N PRO A 47 -5.96 -1.61 4.63
CA PRO A 47 -6.11 -0.30 5.27
C PRO A 47 -5.04 -0.06 6.34
N GLN A 48 -4.75 -1.10 7.11
CA GLN A 48 -3.71 -1.03 8.13
C GLN A 48 -2.35 -0.90 7.45
N LEU A 49 -2.27 -1.43 6.25
CA LEU A 49 -1.07 -1.36 5.43
C LEU A 49 -0.89 0.04 4.84
N LEU A 50 -1.99 0.71 4.53
CA LEU A 50 -1.92 2.08 4.03
C LEU A 50 -1.32 3.00 5.06
N GLU A 51 -1.89 3.00 6.25
CA GLU A 51 -1.35 3.81 7.33
C GLU A 51 0.06 3.34 7.70
N ASP A 52 0.37 2.09 7.35
CA ASP A 52 1.69 1.54 7.56
C ASP A 52 2.67 2.19 6.62
N LEU A 53 2.35 2.13 5.33
CA LEU A 53 3.20 2.64 4.26
C LEU A 53 3.27 4.15 4.29
N GLU A 54 2.19 4.78 4.71
CA GLU A 54 2.16 6.23 4.84
C GLU A 54 3.15 6.67 5.91
N ALA A 55 3.02 6.07 7.09
CA ALA A 55 3.91 6.36 8.20
C ALA A 55 5.31 5.84 7.90
N LYS A 56 5.40 4.88 6.99
CA LYS A 56 6.67 4.35 6.54
C LYS A 56 7.37 5.39 5.67
N LEU A 57 6.63 5.93 4.72
CA LEU A 57 7.13 6.98 3.86
C LEU A 57 7.53 8.18 4.70
N GLU A 58 6.66 8.59 5.61
CA GLU A 58 6.96 9.68 6.53
C GLU A 58 8.23 9.40 7.34
N ALA A 59 8.39 8.16 7.77
CA ALA A 59 9.56 7.77 8.57
C ALA A 59 10.82 7.76 7.74
N LEU A 60 10.69 7.44 6.47
CA LEU A 60 11.83 7.41 5.57
C LEU A 60 12.14 8.80 5.04
N GLN A 61 11.09 9.58 4.80
CA GLN A 61 11.23 10.93 4.28
C GLN A 61 11.88 11.85 5.29
N THR A 62 11.70 11.55 6.58
CA THR A 62 12.30 12.37 7.62
C THR A 62 13.80 12.13 7.73
N GLN A 63 14.25 10.97 7.27
CA GLN A 63 15.67 10.67 7.24
C GLN A 63 16.30 11.41 6.08
N VAL A 64 15.60 11.33 4.96
CA VAL A 64 16.01 11.96 3.72
C VAL A 64 15.80 13.48 3.79
N ALA A 65 14.97 13.90 4.74
CA ALA A 65 14.73 15.31 4.99
C ALA A 65 15.98 15.99 5.52
N ASP A 66 16.75 15.22 6.30
CA ASP A 66 17.99 15.72 6.88
C ASP A 66 19.00 15.98 5.77
N ALA A 67 19.53 17.20 5.74
CA ALA A 67 20.44 17.62 4.68
C ALA A 67 21.76 16.87 4.72
N SER A 68 22.08 16.30 5.88
CA SER A 68 23.31 15.55 6.04
C SER A 68 23.11 14.08 5.68
N PHE A 69 21.86 13.69 5.39
CA PHE A 69 21.55 12.32 4.98
C PHE A 69 22.41 11.91 3.78
N PHE A 70 22.42 12.75 2.76
CA PHE A 70 23.15 12.45 1.53
C PHE A 70 24.66 12.56 1.73
N SER A 71 25.09 12.88 2.94
CA SER A 71 26.51 12.91 3.27
C SER A 71 26.96 11.49 3.61
N GLN A 72 25.98 10.61 3.81
CA GLN A 72 26.25 9.21 4.07
C GLN A 72 26.65 8.50 2.78
N PRO A 73 27.44 7.44 2.91
CA PRO A 73 27.83 6.58 1.79
C PRO A 73 26.63 6.17 0.93
N HIS A 74 26.88 6.06 -0.37
CA HIS A 74 25.86 5.74 -1.38
C HIS A 74 25.10 4.47 -1.01
N GLU A 75 25.76 3.52 -0.39
CA GLU A 75 25.12 2.27 -0.04
C GLU A 75 24.20 2.43 1.17
N GLN A 76 24.42 3.49 1.95
CA GLN A 76 23.54 3.81 3.07
C GLN A 76 22.33 4.57 2.56
N THR A 77 22.61 5.56 1.75
CA THR A 77 21.61 6.48 1.28
C THR A 77 20.68 5.82 0.28
N GLN A 78 21.26 5.12 -0.70
CA GLN A 78 20.47 4.40 -1.69
C GLN A 78 19.57 3.37 -1.01
N LYS A 79 20.08 2.77 0.07
CA LYS A 79 19.28 1.87 0.88
C LYS A 79 17.98 2.54 1.33
N VAL A 80 18.12 3.72 1.90
CA VAL A 80 16.99 4.46 2.41
C VAL A 80 16.15 5.06 1.27
N LEU A 81 16.84 5.62 0.28
CA LEU A 81 16.17 6.24 -0.86
C LEU A 81 15.33 5.23 -1.64
N ALA A 82 15.86 4.02 -1.78
CA ALA A 82 15.19 2.97 -2.53
C ALA A 82 13.97 2.46 -1.76
N ASP A 83 14.11 2.33 -0.45
CA ASP A 83 13.02 1.87 0.40
C ASP A 83 11.95 2.96 0.51
N MET A 84 12.39 4.22 0.54
CA MET A 84 11.50 5.37 0.54
C MET A 84 10.63 5.38 -0.70
N ALA A 85 11.26 5.27 -1.86
CA ALA A 85 10.54 5.30 -3.12
C ALA A 85 9.62 4.09 -3.26
N ALA A 86 10.02 2.97 -2.69
CA ALA A 86 9.23 1.76 -2.72
C ALA A 86 8.01 1.89 -1.82
N ALA A 87 8.12 2.75 -0.81
CA ALA A 87 7.03 2.97 0.14
C ALA A 87 5.95 3.85 -0.47
N GLU A 88 6.35 4.97 -1.05
CA GLU A 88 5.42 5.92 -1.64
C GLU A 88 4.64 5.29 -2.79
N GLN A 89 5.31 4.55 -3.65
CA GLN A 89 4.65 3.91 -4.78
C GLN A 89 3.73 2.80 -4.30
N GLU A 90 4.18 2.06 -3.29
CA GLU A 90 3.36 1.00 -2.73
C GLU A 90 2.12 1.58 -2.09
N LEU A 91 2.29 2.71 -1.41
CA LEU A 91 1.19 3.35 -0.71
C LEU A 91 0.04 3.63 -1.66
N GLU A 92 0.31 4.31 -2.76
CA GLU A 92 -0.73 4.67 -3.70
C GLU A 92 -1.25 3.46 -4.48
N GLN A 93 -0.36 2.53 -4.82
CA GLN A 93 -0.77 1.30 -5.50
C GLN A 93 -1.72 0.51 -4.62
N ALA A 94 -1.37 0.39 -3.36
CA ALA A 94 -2.20 -0.31 -2.39
C ALA A 94 -3.48 0.47 -2.13
N PHE A 95 -3.36 1.80 -2.11
CA PHE A 95 -4.51 2.67 -1.92
C PHE A 95 -5.54 2.48 -3.03
N GLU A 96 -5.08 2.52 -4.27
CA GLU A 96 -5.96 2.34 -5.42
C GLU A 96 -6.55 0.93 -5.43
N ARG A 97 -5.72 -0.06 -5.08
CA ARG A 97 -6.20 -1.43 -4.91
C ARG A 97 -7.29 -1.46 -3.86
N TRP A 98 -7.07 -0.71 -2.78
CA TRP A 98 -7.99 -0.69 -1.66
C TRP A 98 -9.36 -0.12 -2.06
N GLU A 99 -9.34 1.02 -2.72
CA GLU A 99 -10.58 1.66 -3.13
C GLU A 99 -11.33 0.80 -4.14
N TYR A 100 -10.57 0.10 -4.99
CA TYR A 100 -11.15 -0.88 -5.89
C TYR A 100 -11.79 -2.01 -5.09
N LEU A 101 -11.09 -2.46 -4.06
CA LEU A 101 -11.59 -3.55 -3.22
C LEU A 101 -12.85 -3.16 -2.48
N GLU A 102 -12.84 -2.00 -1.85
CA GLU A 102 -14.01 -1.51 -1.12
C GLU A 102 -15.19 -1.33 -2.06
N ALA A 103 -14.91 -0.81 -3.26
CA ALA A 103 -15.94 -0.65 -4.28
C ALA A 103 -16.46 -2.02 -4.71
N LEU A 104 -15.54 -2.95 -4.94
CA LEU A 104 -15.88 -4.30 -5.36
C LEU A 104 -16.61 -5.04 -4.24
N LYS A 105 -16.27 -4.70 -3.01
CA LYS A 105 -16.80 -5.35 -1.83
C LYS A 105 -18.22 -4.86 -1.57
N ASN A 106 -18.42 -3.56 -1.75
CA ASN A 106 -19.70 -2.94 -1.44
C ASN A 106 -20.67 -3.06 -2.62
N GLY A 107 -20.14 -2.99 -3.84
CA GLY A 107 -20.98 -3.05 -5.01
C GLY A 107 -20.33 -3.81 -6.15
N GLY A 108 -20.12 -5.09 -5.96
CA GLY A 108 -19.55 -5.94 -6.99
C GLY A 108 -20.56 -6.24 -8.09
N LYS A 24 -32.32 -27.59 0.20
CA LYS A 24 -33.03 -26.30 0.06
C LYS A 24 -33.13 -25.88 -1.40
N ALA A 25 -32.76 -26.80 -2.30
CA ALA A 25 -32.67 -26.52 -3.73
C ALA A 25 -31.56 -25.53 -4.03
N GLU A 26 -30.46 -26.04 -4.57
CA GLU A 26 -29.30 -25.20 -4.89
C GLU A 26 -29.55 -24.42 -6.18
N THR A 27 -30.59 -23.60 -6.17
CA THR A 27 -30.95 -22.82 -7.34
C THR A 27 -30.31 -21.43 -7.28
N VAL A 28 -30.39 -20.78 -6.13
CA VAL A 28 -29.83 -19.44 -5.99
C VAL A 28 -28.50 -19.49 -5.27
N LYS A 29 -27.63 -18.56 -5.61
CA LYS A 29 -26.32 -18.49 -5.00
C LYS A 29 -26.11 -17.13 -4.34
N ARG A 30 -26.97 -16.19 -4.73
CA ARG A 30 -27.06 -14.86 -4.12
C ARG A 30 -25.72 -14.13 -4.09
N SER A 31 -24.87 -14.42 -5.06
CA SER A 31 -23.52 -13.88 -5.05
C SER A 31 -23.46 -12.63 -5.94
N SER A 32 -24.21 -11.60 -5.54
CA SER A 32 -24.24 -10.35 -6.29
C SER A 32 -23.15 -9.39 -5.80
N SER A 33 -22.44 -9.79 -4.75
CA SER A 33 -21.34 -9.00 -4.24
C SER A 33 -20.02 -9.61 -4.68
N LYS A 34 -19.27 -8.87 -5.49
CA LYS A 34 -18.01 -9.36 -6.01
C LYS A 34 -16.88 -9.07 -5.04
N LEU A 35 -16.92 -9.72 -3.90
CA LEU A 35 -15.89 -9.58 -2.89
C LEU A 35 -15.66 -10.93 -2.23
N SER A 36 -14.94 -11.78 -2.94
CA SER A 36 -14.66 -13.13 -2.48
C SER A 36 -13.81 -13.08 -1.22
N TYR A 37 -13.79 -14.15 -0.43
CA TYR A 37 -13.12 -14.15 0.86
C TYR A 37 -11.65 -13.70 0.73
N LYS A 38 -11.00 -14.11 -0.35
CA LYS A 38 -9.62 -13.69 -0.59
C LYS A 38 -9.48 -12.17 -0.61
N LEU A 39 -10.49 -11.47 -1.12
CA LEU A 39 -10.47 -10.02 -1.13
C LEU A 39 -10.92 -9.51 0.23
N GLN A 40 -11.73 -10.31 0.90
CA GLN A 40 -12.19 -9.98 2.23
C GLN A 40 -11.01 -9.86 3.19
N ARG A 41 -10.05 -10.76 3.05
CA ARG A 41 -8.84 -10.68 3.87
C ARG A 41 -7.81 -9.73 3.29
N GLU A 42 -7.83 -9.57 1.97
CA GLU A 42 -6.99 -8.57 1.33
C GLU A 42 -7.37 -7.20 1.88
N LEU A 43 -8.65 -6.92 1.86
CA LEU A 43 -9.22 -5.66 2.32
C LEU A 43 -9.12 -5.55 3.86
N GLU A 44 -8.94 -6.68 4.52
CA GLU A 44 -8.88 -6.72 5.96
C GLU A 44 -7.54 -6.22 6.48
N GLN A 45 -6.46 -6.68 5.87
CA GLN A 45 -5.13 -6.35 6.36
C GLN A 45 -4.60 -5.09 5.69
N LEU A 46 -5.18 -4.76 4.55
CA LEU A 46 -4.72 -3.69 3.68
C LEU A 46 -4.71 -2.33 4.40
N PRO A 47 -5.79 -1.92 5.11
CA PRO A 47 -5.80 -0.64 5.82
C PRO A 47 -4.64 -0.48 6.79
N GLN A 48 -4.29 -1.56 7.49
CA GLN A 48 -3.17 -1.55 8.43
C GLN A 48 -1.85 -1.48 7.67
N LEU A 49 -1.88 -1.96 6.44
CA LEU A 49 -0.72 -1.90 5.57
C LEU A 49 -0.56 -0.49 4.99
N LEU A 50 -1.68 0.18 4.72
CA LEU A 50 -1.65 1.58 4.31
C LEU A 50 -1.00 2.44 5.36
N GLU A 51 -1.46 2.32 6.59
CA GLU A 51 -0.88 3.09 7.68
C GLU A 51 0.54 2.62 7.98
N ASP A 52 0.87 1.41 7.53
CA ASP A 52 2.23 0.90 7.64
C ASP A 52 3.14 1.65 6.70
N LEU A 53 2.79 1.61 5.43
CA LEU A 53 3.56 2.24 4.36
C LEU A 53 3.55 3.75 4.51
N GLU A 54 2.45 4.27 5.04
CA GLU A 54 2.33 5.69 5.35
C GLU A 54 3.40 6.09 6.34
N ALA A 55 3.38 5.44 7.49
CA ALA A 55 4.34 5.71 8.55
C ALA A 55 5.75 5.34 8.10
N LYS A 56 5.83 4.39 7.19
CA LYS A 56 7.11 3.97 6.63
C LYS A 56 7.68 5.11 5.78
N LEU A 57 6.83 5.68 4.95
CA LEU A 57 7.21 6.82 4.13
C LEU A 57 7.58 7.99 5.03
N GLU A 58 6.73 8.29 6.00
CA GLU A 58 6.99 9.37 6.95
C GLU A 58 8.33 9.18 7.65
N ALA A 59 8.63 7.93 8.00
CA ALA A 59 9.87 7.60 8.68
C ALA A 59 11.07 7.85 7.78
N LEU A 60 11.04 7.26 6.60
CA LEU A 60 12.13 7.39 5.65
C LEU A 60 12.27 8.83 5.17
N GLN A 61 11.14 9.51 5.02
CA GLN A 61 11.12 10.88 4.54
C GLN A 61 11.79 11.83 5.52
N THR A 62 11.73 11.52 6.80
CA THR A 62 12.24 12.43 7.80
C THR A 62 13.76 12.28 7.98
N GLN A 63 14.29 11.10 7.65
CA GLN A 63 15.73 10.91 7.71
C GLN A 63 16.37 11.39 6.40
N VAL A 64 15.56 11.41 5.35
CA VAL A 64 15.95 12.02 4.08
C VAL A 64 15.78 13.52 4.16
N ALA A 65 14.89 13.96 5.05
CA ALA A 65 14.63 15.38 5.27
C ALA A 65 15.84 16.06 5.87
N ASP A 66 16.69 15.27 6.52
CA ASP A 66 17.93 15.77 7.09
C ASP A 66 18.93 16.05 5.97
N ALA A 67 19.46 17.27 5.96
CA ALA A 67 20.34 17.71 4.88
C ALA A 67 21.67 16.97 4.89
N SER A 68 22.00 16.37 6.03
CA SER A 68 23.25 15.63 6.16
C SER A 68 23.08 14.20 5.65
N PHE A 69 21.84 13.82 5.38
CA PHE A 69 21.54 12.47 4.87
C PHE A 69 22.32 12.18 3.59
N PHE A 70 22.21 13.06 2.60
CA PHE A 70 22.86 12.86 1.31
C PHE A 70 24.39 12.88 1.42
N SER A 71 24.89 13.23 2.59
CA SER A 71 26.34 13.25 2.82
C SER A 71 26.82 11.84 3.18
N GLN A 72 25.87 10.95 3.45
CA GLN A 72 26.17 9.56 3.72
C GLN A 72 26.59 8.86 2.43
N PRO A 73 27.34 7.75 2.56
CA PRO A 73 27.72 6.90 1.43
C PRO A 73 26.54 6.54 0.54
N HIS A 74 26.83 6.44 -0.76
CA HIS A 74 25.85 6.17 -1.81
C HIS A 74 25.03 4.93 -1.50
N GLU A 75 25.68 3.91 -0.96
CA GLU A 75 25.00 2.66 -0.68
C GLU A 75 24.06 2.77 0.52
N GLN A 76 24.27 3.79 1.34
CA GLN A 76 23.37 4.07 2.45
C GLN A 76 22.21 4.89 1.93
N THR A 77 22.55 5.99 1.30
CA THR A 77 21.61 6.96 0.83
C THR A 77 20.67 6.38 -0.23
N GLN A 78 21.25 5.68 -1.21
CA GLN A 78 20.45 5.04 -2.24
C GLN A 78 19.51 4.00 -1.63
N LYS A 79 20.00 3.28 -0.62
CA LYS A 79 19.17 2.32 0.09
C LYS A 79 17.96 3.03 0.66
N VAL A 80 18.19 4.14 1.34
CA VAL A 80 17.12 4.89 1.98
C VAL A 80 16.22 5.57 0.95
N LEU A 81 16.83 6.19 -0.05
CA LEU A 81 16.09 6.87 -1.13
C LEU A 81 15.20 5.89 -1.88
N ALA A 82 15.78 4.75 -2.24
CA ALA A 82 15.05 3.71 -2.96
C ALA A 82 14.00 3.09 -2.06
N ASP A 83 14.32 2.93 -0.78
CA ASP A 83 13.39 2.40 0.20
C ASP A 83 12.21 3.35 0.37
N MET A 84 12.55 4.64 0.47
CA MET A 84 11.54 5.69 0.57
C MET A 84 10.63 5.69 -0.65
N ALA A 85 11.24 5.62 -1.83
CA ALA A 85 10.49 5.62 -3.07
C ALA A 85 9.65 4.35 -3.19
N ALA A 86 10.15 3.25 -2.63
CA ALA A 86 9.43 1.99 -2.62
C ALA A 86 8.25 2.04 -1.65
N ALA A 87 8.40 2.86 -0.61
CA ALA A 87 7.34 3.00 0.38
C ALA A 87 6.16 3.79 -0.18
N GLU A 88 6.45 4.95 -0.76
CA GLU A 88 5.42 5.80 -1.33
C GLU A 88 4.70 5.10 -2.46
N GLN A 89 5.45 4.46 -3.36
CA GLN A 89 4.82 3.77 -4.48
C GLN A 89 3.95 2.62 -3.99
N GLU A 90 4.43 1.87 -3.00
CA GLU A 90 3.67 0.75 -2.47
C GLU A 90 2.44 1.25 -1.74
N LEU A 91 2.56 2.39 -1.09
CA LEU A 91 1.44 3.00 -0.39
C LEU A 91 0.29 3.24 -1.36
N GLU A 92 0.61 3.82 -2.51
CA GLU A 92 -0.41 4.12 -3.52
C GLU A 92 -0.86 2.85 -4.22
N GLN A 93 0.08 1.95 -4.46
CA GLN A 93 -0.23 0.63 -5.01
C GLN A 93 -1.29 -0.06 -4.16
N ALA A 94 -1.03 -0.15 -2.87
CA ALA A 94 -1.93 -0.79 -1.93
C ALA A 94 -3.22 0.02 -1.79
N PHE A 95 -3.09 1.34 -1.82
CA PHE A 95 -4.26 2.22 -1.77
C PHE A 95 -5.19 1.96 -2.95
N GLU A 96 -4.60 1.85 -4.14
CA GLU A 96 -5.36 1.53 -5.35
C GLU A 96 -6.01 0.16 -5.23
N ARG A 97 -5.29 -0.79 -4.65
CA ARG A 97 -5.86 -2.10 -4.36
C ARG A 97 -7.06 -1.94 -3.44
N TRP A 98 -6.88 -1.17 -2.38
CA TRP A 98 -7.91 -0.96 -1.37
C TRP A 98 -9.15 -0.29 -1.97
N GLU A 99 -8.95 0.81 -2.68
CA GLU A 99 -10.07 1.54 -3.28
C GLU A 99 -10.76 0.70 -4.33
N TYR A 100 -10.01 -0.19 -4.97
CA TYR A 100 -10.59 -1.16 -5.89
C TYR A 100 -11.43 -2.17 -5.13
N LEU A 101 -10.94 -2.62 -3.98
CA LEU A 101 -11.63 -3.61 -3.17
C LEU A 101 -12.92 -3.03 -2.58
N GLU A 102 -12.84 -1.81 -2.07
CA GLU A 102 -14.02 -1.11 -1.55
C GLU A 102 -15.05 -0.90 -2.65
N ALA A 103 -14.57 -0.60 -3.85
CA ALA A 103 -15.45 -0.36 -4.99
C ALA A 103 -16.04 -1.66 -5.52
N LEU A 104 -15.17 -2.66 -5.70
CA LEU A 104 -15.56 -3.96 -6.24
C LEU A 104 -16.62 -4.61 -5.36
N LYS A 105 -16.49 -4.37 -4.06
CA LYS A 105 -17.43 -4.88 -3.07
C LYS A 105 -18.86 -4.45 -3.39
N ASN A 106 -18.97 -3.22 -3.90
CA ASN A 106 -20.29 -2.62 -4.18
C ASN A 106 -20.67 -2.82 -5.65
N GLY A 107 -19.69 -2.78 -6.53
CA GLY A 107 -19.96 -2.94 -7.95
C GLY A 107 -18.73 -3.37 -8.71
N GLY A 108 -18.78 -4.56 -9.27
CA GLY A 108 -17.65 -5.09 -9.99
C GLY A 108 -18.09 -6.03 -11.09
N LYS A 24 -34.52 -10.13 -0.84
CA LYS A 24 -35.15 -10.19 -2.17
C LYS A 24 -35.89 -8.90 -2.50
N ALA A 25 -35.83 -7.92 -1.59
CA ALA A 25 -36.54 -6.66 -1.75
C ALA A 25 -36.01 -5.87 -2.94
N GLU A 26 -34.81 -5.33 -2.81
CA GLU A 26 -34.21 -4.55 -3.88
C GLU A 26 -33.27 -5.42 -4.70
N THR A 27 -32.23 -5.93 -4.05
CA THR A 27 -31.25 -6.75 -4.71
C THR A 27 -31.57 -8.24 -4.55
N VAL A 28 -31.57 -8.95 -5.67
CA VAL A 28 -31.78 -10.39 -5.64
C VAL A 28 -30.46 -11.08 -5.32
N LYS A 29 -30.51 -12.10 -4.47
CA LYS A 29 -29.30 -12.80 -4.03
C LYS A 29 -28.78 -13.71 -5.14
N ARG A 30 -28.11 -13.12 -6.10
CA ARG A 30 -27.49 -13.84 -7.19
C ARG A 30 -26.10 -13.27 -7.44
N SER A 31 -25.37 -13.85 -8.38
CA SER A 31 -23.99 -13.45 -8.67
C SER A 31 -23.12 -13.57 -7.40
N SER A 32 -22.93 -14.80 -6.94
CA SER A 32 -22.22 -15.06 -5.70
C SER A 32 -20.71 -14.84 -5.85
N SER A 33 -20.28 -14.54 -7.07
CA SER A 33 -18.88 -14.22 -7.32
C SER A 33 -18.60 -12.76 -6.97
N LYS A 34 -18.95 -12.40 -5.74
CA LYS A 34 -18.89 -11.02 -5.28
C LYS A 34 -17.98 -10.93 -4.06
N LEU A 35 -16.86 -10.23 -4.22
CA LEU A 35 -15.87 -10.04 -3.14
C LEU A 35 -15.42 -11.40 -2.61
N SER A 36 -14.55 -12.05 -3.38
CA SER A 36 -14.06 -13.36 -3.02
C SER A 36 -13.27 -13.29 -1.71
N TYR A 37 -13.07 -14.42 -1.06
CA TYR A 37 -12.38 -14.46 0.24
C TYR A 37 -11.00 -13.82 0.13
N LYS A 38 -10.34 -14.01 -1.00
CA LYS A 38 -9.01 -13.46 -1.21
C LYS A 38 -9.02 -11.93 -1.16
N LEU A 39 -10.15 -11.32 -1.50
CA LEU A 39 -10.29 -9.87 -1.36
C LEU A 39 -10.71 -9.54 0.04
N GLN A 40 -11.50 -10.43 0.63
CA GLN A 40 -11.95 -10.28 1.99
C GLN A 40 -10.76 -10.09 2.93
N ARG A 41 -9.76 -10.95 2.80
CA ARG A 41 -8.56 -10.82 3.62
C ARG A 41 -7.57 -9.83 3.04
N GLU A 42 -7.67 -9.56 1.74
CA GLU A 42 -6.86 -8.52 1.14
C GLU A 42 -7.23 -7.19 1.78
N LEU A 43 -8.53 -6.97 1.90
CA LEU A 43 -9.09 -5.74 2.44
C LEU A 43 -8.93 -5.69 3.97
N GLU A 44 -8.77 -6.85 4.60
CA GLU A 44 -8.59 -6.91 6.05
C GLU A 44 -7.34 -6.16 6.49
N GLN A 45 -6.21 -6.55 5.94
CA GLN A 45 -4.92 -6.06 6.42
C GLN A 45 -4.41 -4.90 5.56
N LEU A 46 -5.14 -4.59 4.50
CA LEU A 46 -4.71 -3.58 3.55
C LEU A 46 -4.72 -2.17 4.17
N PRO A 47 -5.81 -1.74 4.86
CA PRO A 47 -5.82 -0.43 5.54
C PRO A 47 -4.71 -0.31 6.56
N GLN A 48 -4.46 -1.39 7.30
CA GLN A 48 -3.37 -1.42 8.27
C GLN A 48 -2.02 -1.38 7.56
N LEU A 49 -2.02 -1.80 6.32
CA LEU A 49 -0.84 -1.74 5.49
C LEU A 49 -0.68 -0.34 4.89
N LEU A 50 -1.79 0.31 4.57
CA LEU A 50 -1.75 1.69 4.10
C LEU A 50 -1.16 2.59 5.16
N GLU A 51 -1.71 2.53 6.35
CA GLU A 51 -1.21 3.32 7.46
C GLU A 51 0.25 2.95 7.76
N ASP A 52 0.61 1.72 7.42
CA ASP A 52 1.97 1.22 7.62
C ASP A 52 2.90 1.89 6.64
N LEU A 53 2.57 1.76 5.35
CA LEU A 53 3.39 2.26 4.27
C LEU A 53 3.43 3.78 4.27
N GLU A 54 2.33 4.38 4.67
CA GLU A 54 2.24 5.83 4.77
C GLU A 54 3.23 6.35 5.80
N ALA A 55 3.14 5.80 7.01
CA ALA A 55 4.03 6.17 8.09
C ALA A 55 5.47 5.74 7.78
N LYS A 56 5.59 4.67 7.01
CA LYS A 56 6.89 4.18 6.57
C LYS A 56 7.53 5.19 5.63
N LEU A 57 6.79 5.59 4.61
CA LEU A 57 7.24 6.58 3.66
C LEU A 57 7.56 7.88 4.39
N GLU A 58 6.63 8.31 5.23
CA GLU A 58 6.80 9.51 6.03
C GLU A 58 8.08 9.41 6.88
N ALA A 59 8.29 8.25 7.49
CA ALA A 59 9.45 8.02 8.35
C ALA A 59 10.74 8.04 7.54
N LEU A 60 10.69 7.48 6.35
CA LEU A 60 11.85 7.41 5.49
C LEU A 60 12.15 8.77 4.88
N GLN A 61 11.10 9.50 4.57
CA GLN A 61 11.24 10.80 3.91
C GLN A 61 11.71 11.87 4.89
N THR A 62 11.43 11.68 6.17
CA THR A 62 11.81 12.67 7.16
C THR A 62 13.29 12.53 7.54
N GLN A 63 13.83 11.32 7.44
CA GLN A 63 15.25 11.11 7.68
C GLN A 63 16.04 11.45 6.42
N VAL A 64 15.35 11.40 5.28
CA VAL A 64 15.93 11.86 4.02
C VAL A 64 15.78 13.38 3.90
N ALA A 65 14.78 13.90 4.62
CA ALA A 65 14.50 15.34 4.62
C ALA A 65 15.60 16.11 5.32
N ASP A 66 16.39 15.41 6.12
CA ASP A 66 17.50 16.02 6.84
C ASP A 66 18.71 16.18 5.93
N ALA A 67 19.44 17.27 6.11
CA ALA A 67 20.61 17.56 5.29
C ALA A 67 21.78 16.67 5.66
N SER A 68 21.70 16.06 6.85
CA SER A 68 22.74 15.16 7.31
C SER A 68 22.63 13.81 6.61
N PHE A 69 21.47 13.57 6.00
CA PHE A 69 21.24 12.33 5.28
C PHE A 69 22.20 12.19 4.11
N PHE A 70 22.15 13.15 3.19
CA PHE A 70 22.92 13.09 1.95
C PHE A 70 24.40 13.35 2.20
N SER A 71 24.75 13.59 3.45
CA SER A 71 26.15 13.75 3.83
C SER A 71 26.78 12.37 4.03
N GLN A 72 25.94 11.35 3.91
CA GLN A 72 26.36 9.97 4.04
C GLN A 72 26.72 9.40 2.68
N PRO A 73 27.39 8.23 2.65
CA PRO A 73 27.84 7.60 1.40
C PRO A 73 26.67 7.17 0.54
N HIS A 74 26.84 7.24 -0.78
CA HIS A 74 25.78 6.86 -1.70
C HIS A 74 25.17 5.53 -1.30
N GLU A 75 26.02 4.55 -1.11
CA GLU A 75 25.59 3.18 -0.80
C GLU A 75 24.59 3.13 0.36
N GLN A 76 24.75 4.00 1.35
CA GLN A 76 23.83 3.99 2.47
C GLN A 76 22.59 4.82 2.12
N THR A 77 22.81 5.98 1.50
CA THR A 77 21.74 6.90 1.19
C THR A 77 20.80 6.32 0.12
N GLN A 78 21.37 5.81 -0.97
CA GLN A 78 20.58 5.24 -2.04
C GLN A 78 19.83 4.01 -1.56
N LYS A 79 20.31 3.42 -0.48
CA LYS A 79 19.66 2.27 0.11
C LYS A 79 18.40 2.73 0.81
N VAL A 80 18.53 3.81 1.57
CA VAL A 80 17.38 4.39 2.26
C VAL A 80 16.41 4.99 1.24
N LEU A 81 16.96 5.66 0.24
CA LEU A 81 16.18 6.22 -0.86
C LEU A 81 15.40 5.11 -1.56
N ALA A 82 16.04 3.97 -1.74
CA ALA A 82 15.42 2.82 -2.38
C ALA A 82 14.27 2.28 -1.54
N ASP A 83 14.47 2.21 -0.24
CA ASP A 83 13.44 1.70 0.66
C ASP A 83 12.26 2.67 0.70
N MET A 84 12.58 3.97 0.62
CA MET A 84 11.55 4.98 0.50
C MET A 84 10.77 4.81 -0.79
N ALA A 85 11.51 4.67 -1.89
CA ALA A 85 10.91 4.58 -3.19
C ALA A 85 10.02 3.33 -3.28
N ALA A 86 10.47 2.26 -2.64
CA ALA A 86 9.68 1.04 -2.56
C ALA A 86 8.43 1.25 -1.72
N ALA A 87 8.54 2.13 -0.73
CA ALA A 87 7.43 2.44 0.15
C ALA A 87 6.37 3.26 -0.57
N GLU A 88 6.80 4.30 -1.27
CA GLU A 88 5.86 5.20 -1.94
C GLU A 88 5.12 4.50 -3.09
N GLN A 89 5.82 3.66 -3.83
CA GLN A 89 5.19 2.91 -4.91
C GLN A 89 4.21 1.88 -4.35
N GLU A 90 4.60 1.21 -3.26
CA GLU A 90 3.75 0.21 -2.63
C GLU A 90 2.51 0.86 -2.05
N LEU A 91 2.69 1.99 -1.38
CA LEU A 91 1.59 2.70 -0.74
C LEU A 91 0.50 3.04 -1.73
N GLU A 92 0.87 3.65 -2.85
CA GLU A 92 -0.13 4.12 -3.81
C GLU A 92 -0.84 2.97 -4.50
N GLN A 93 -0.11 1.91 -4.85
CA GLN A 93 -0.73 0.76 -5.51
C GLN A 93 -1.60 -0.04 -4.54
N ALA A 94 -1.17 -0.10 -3.29
CA ALA A 94 -1.97 -0.75 -2.27
C ALA A 94 -3.24 0.06 -2.02
N PHE A 95 -3.10 1.38 -2.08
CA PHE A 95 -4.23 2.28 -1.89
C PHE A 95 -5.30 2.06 -2.95
N GLU A 96 -4.90 2.12 -4.22
CA GLU A 96 -5.86 1.94 -5.31
C GLU A 96 -6.41 0.52 -5.31
N ARG A 97 -5.61 -0.43 -4.80
CA ARG A 97 -6.10 -1.77 -4.55
C ARG A 97 -7.26 -1.71 -3.58
N TRP A 98 -7.00 -1.07 -2.46
CA TRP A 98 -7.98 -0.90 -1.40
C TRP A 98 -9.24 -0.21 -1.92
N GLU A 99 -9.05 0.90 -2.62
CA GLU A 99 -10.17 1.67 -3.16
C GLU A 99 -10.97 0.85 -4.15
N TYR A 100 -10.28 0.02 -4.93
CA TYR A 100 -10.94 -0.92 -5.83
C TYR A 100 -11.72 -1.95 -5.03
N LEU A 101 -11.14 -2.42 -3.94
CA LEU A 101 -11.76 -3.45 -3.12
C LEU A 101 -13.00 -2.92 -2.41
N GLU A 102 -12.88 -1.74 -1.81
CA GLU A 102 -14.02 -1.09 -1.17
C GLU A 102 -15.13 -0.83 -2.18
N ALA A 103 -14.75 -0.29 -3.33
CA ALA A 103 -15.71 -0.01 -4.41
C ALA A 103 -16.36 -1.29 -4.92
N LEU A 104 -15.54 -2.31 -5.17
CA LEU A 104 -16.03 -3.59 -5.66
C LEU A 104 -16.99 -4.21 -4.66
N LYS A 105 -16.65 -4.10 -3.39
CA LYS A 105 -17.46 -4.65 -2.31
C LYS A 105 -18.82 -3.96 -2.24
N ASN A 106 -18.80 -2.63 -2.33
CA ASN A 106 -20.01 -1.82 -2.18
C ASN A 106 -20.88 -1.90 -3.44
N GLY A 107 -20.24 -1.98 -4.59
CA GLY A 107 -20.97 -2.02 -5.84
C GLY A 107 -20.26 -2.84 -6.88
N GLY A 108 -20.76 -4.03 -7.16
CA GLY A 108 -20.16 -4.89 -8.14
C GLY A 108 -21.05 -6.07 -8.47
N LYS A 24 -18.69 -20.73 7.70
CA LYS A 24 -20.01 -20.73 7.02
C LYS A 24 -20.95 -19.75 7.71
N ALA A 25 -22.26 -20.00 7.58
CA ALA A 25 -23.29 -19.04 8.01
C ALA A 25 -23.29 -17.83 7.09
N GLU A 26 -24.32 -17.71 6.28
CA GLU A 26 -24.33 -16.77 5.16
C GLU A 26 -23.23 -17.12 4.17
N THR A 27 -23.53 -18.12 3.36
CA THR A 27 -22.57 -18.64 2.40
C THR A 27 -22.37 -17.70 1.22
N VAL A 28 -21.21 -17.79 0.60
CA VAL A 28 -20.88 -16.94 -0.53
C VAL A 28 -21.24 -17.66 -1.82
N LYS A 29 -22.36 -17.27 -2.41
CA LYS A 29 -22.80 -17.88 -3.66
C LYS A 29 -21.94 -17.39 -4.81
N ARG A 30 -21.45 -16.15 -4.66
CA ARG A 30 -20.53 -15.56 -5.62
C ARG A 30 -21.19 -15.43 -6.99
N SER A 31 -22.52 -15.28 -6.95
CA SER A 31 -23.33 -15.20 -8.17
C SER A 31 -22.99 -13.95 -8.98
N SER A 32 -22.60 -12.91 -8.27
CA SER A 32 -22.25 -11.66 -8.91
C SER A 32 -20.79 -11.32 -8.65
N SER A 33 -19.98 -12.36 -8.44
CA SER A 33 -18.59 -12.24 -7.98
C SER A 33 -18.51 -11.42 -6.69
N LYS A 34 -18.49 -10.10 -6.83
CA LYS A 34 -18.64 -9.18 -5.71
C LYS A 34 -17.38 -9.13 -4.84
N LEU A 35 -17.09 -10.21 -4.15
CA LEU A 35 -15.91 -10.27 -3.30
C LEU A 35 -15.48 -11.71 -3.10
N SER A 36 -14.20 -11.95 -3.32
CA SER A 36 -13.62 -13.27 -3.10
C SER A 36 -12.94 -13.29 -1.73
N TYR A 37 -12.62 -14.48 -1.21
CA TYR A 37 -11.91 -14.58 0.06
C TYR A 37 -10.58 -13.85 -0.03
N LYS A 38 -9.99 -13.85 -1.23
CA LYS A 38 -8.77 -13.09 -1.46
C LYS A 38 -8.95 -11.68 -0.95
N LEU A 39 -10.03 -11.06 -1.39
CA LEU A 39 -10.30 -9.67 -1.06
C LEU A 39 -10.78 -9.56 0.37
N GLN A 40 -11.39 -10.62 0.86
CA GLN A 40 -11.83 -10.67 2.25
C GLN A 40 -10.65 -10.46 3.19
N ARG A 41 -9.62 -11.29 3.05
CA ARG A 41 -8.47 -11.19 3.93
C ARG A 41 -7.51 -10.11 3.45
N GLU A 42 -7.62 -9.76 2.17
CA GLU A 42 -6.82 -8.68 1.61
C GLU A 42 -7.21 -7.37 2.27
N LEU A 43 -8.51 -7.12 2.29
CA LEU A 43 -9.06 -5.87 2.82
C LEU A 43 -8.96 -5.84 4.35
N GLU A 44 -8.75 -6.99 4.96
CA GLU A 44 -8.57 -7.07 6.41
C GLU A 44 -7.17 -6.62 6.82
N GLN A 45 -6.25 -6.60 5.88
CA GLN A 45 -4.88 -6.20 6.17
C GLN A 45 -4.53 -4.90 5.46
N LEU A 46 -5.06 -4.74 4.27
CA LEU A 46 -4.69 -3.65 3.36
C LEU A 46 -4.77 -2.26 4.03
N PRO A 47 -5.88 -1.88 4.71
CA PRO A 47 -5.97 -0.57 5.38
C PRO A 47 -4.83 -0.34 6.37
N GLN A 48 -4.55 -1.36 7.18
CA GLN A 48 -3.45 -1.31 8.14
C GLN A 48 -2.11 -1.23 7.41
N LEU A 49 -2.07 -1.80 6.22
CA LEU A 49 -0.89 -1.77 5.38
C LEU A 49 -0.70 -0.38 4.74
N LEU A 50 -1.81 0.31 4.49
CA LEU A 50 -1.75 1.65 3.93
C LEU A 50 -1.06 2.60 4.90
N GLU A 51 -1.57 2.67 6.12
CA GLU A 51 -0.93 3.50 7.13
C GLU A 51 0.48 3.00 7.40
N ASP A 52 0.71 1.70 7.19
CA ASP A 52 2.04 1.12 7.34
C ASP A 52 2.99 1.75 6.33
N LEU A 53 2.61 1.65 5.06
CA LEU A 53 3.43 2.12 3.96
C LEU A 53 3.51 3.65 3.96
N GLU A 54 2.43 4.29 4.36
CA GLU A 54 2.42 5.74 4.48
C GLU A 54 3.44 6.19 5.51
N ALA A 55 3.33 5.61 6.70
CA ALA A 55 4.26 5.91 7.77
C ALA A 55 5.65 5.39 7.45
N LYS A 56 5.71 4.45 6.51
CA LYS A 56 6.98 3.91 6.07
C LYS A 56 7.66 4.93 5.17
N LEU A 57 6.89 5.50 4.28
CA LEU A 57 7.36 6.54 3.39
C LEU A 57 7.77 7.75 4.22
N GLU A 58 6.92 8.15 5.16
CA GLU A 58 7.21 9.26 6.06
C GLU A 58 8.52 9.02 6.82
N ALA A 59 8.71 7.78 7.28
CA ALA A 59 9.89 7.43 8.06
C ALA A 59 11.15 7.50 7.21
N LEU A 60 11.02 7.21 5.93
CA LEU A 60 12.15 7.23 5.02
C LEU A 60 12.39 8.64 4.49
N GLN A 61 11.30 9.35 4.19
CA GLN A 61 11.37 10.70 3.66
C GLN A 61 11.92 11.67 4.70
N THR A 62 11.66 11.40 5.96
CA THR A 62 12.12 12.30 7.02
C THR A 62 13.62 12.16 7.21
N GLN A 63 14.18 11.00 6.87
CA GLN A 63 15.63 10.83 6.85
C GLN A 63 16.21 11.71 5.77
N VAL A 64 15.57 11.65 4.62
CA VAL A 64 15.99 12.34 3.42
C VAL A 64 15.66 13.83 3.50
N ALA A 65 14.75 14.15 4.42
CA ALA A 65 14.38 15.53 4.69
C ALA A 65 15.49 16.22 5.46
N ASP A 66 16.29 15.41 6.14
CA ASP A 66 17.42 15.91 6.92
C ASP A 66 18.61 16.16 5.99
N ALA A 67 19.17 17.35 6.10
CA ALA A 67 20.25 17.78 5.21
C ALA A 67 21.51 16.96 5.41
N SER A 68 21.68 16.41 6.61
CA SER A 68 22.87 15.65 6.94
C SER A 68 22.77 14.22 6.40
N PHE A 69 21.60 13.87 5.87
CA PHE A 69 21.37 12.55 5.29
C PHE A 69 22.37 12.24 4.17
N PHE A 70 22.44 13.12 3.20
CA PHE A 70 23.28 12.89 2.01
C PHE A 70 24.77 12.95 2.35
N SER A 71 25.08 13.35 3.58
CA SER A 71 26.46 13.40 4.04
C SER A 71 26.91 12.01 4.48
N GLN A 72 25.96 11.09 4.55
CA GLN A 72 26.25 9.71 4.89
C GLN A 72 26.73 8.96 3.65
N PRO A 73 27.23 7.72 3.82
CA PRO A 73 27.76 6.93 2.71
C PRO A 73 26.69 6.55 1.70
N HIS A 74 27.11 6.48 0.44
CA HIS A 74 26.23 6.23 -0.71
C HIS A 74 25.45 4.94 -0.53
N GLU A 75 26.05 3.96 0.10
CA GLU A 75 25.41 2.67 0.29
C GLU A 75 24.28 2.75 1.31
N GLN A 76 24.39 3.68 2.27
CA GLN A 76 23.34 3.83 3.26
C GLN A 76 22.24 4.75 2.72
N THR A 77 22.65 5.82 2.04
CA THR A 77 21.72 6.79 1.50
C THR A 77 20.87 6.19 0.40
N GLN A 78 21.54 5.52 -0.54
CA GLN A 78 20.87 4.87 -1.66
C GLN A 78 19.88 3.83 -1.16
N LYS A 79 20.23 3.15 -0.07
CA LYS A 79 19.34 2.22 0.59
C LYS A 79 18.04 2.92 0.95
N VAL A 80 18.17 4.03 1.66
CA VAL A 80 17.01 4.79 2.11
C VAL A 80 16.27 5.42 0.93
N LEU A 81 17.01 6.04 0.03
CA LEU A 81 16.44 6.69 -1.13
C LEU A 81 15.65 5.71 -1.99
N ALA A 82 16.25 4.57 -2.27
CA ALA A 82 15.63 3.55 -3.11
C ALA A 82 14.44 2.91 -2.40
N ASP A 83 14.60 2.67 -1.10
CA ASP A 83 13.54 2.03 -0.31
C ASP A 83 12.34 2.98 -0.17
N MET A 84 12.64 4.26 -0.02
CA MET A 84 11.62 5.29 0.06
C MET A 84 10.74 5.29 -1.19
N ALA A 85 11.38 5.22 -2.34
CA ALA A 85 10.66 5.27 -3.60
C ALA A 85 9.75 4.06 -3.74
N ALA A 86 10.24 2.91 -3.28
CA ALA A 86 9.45 1.69 -3.28
C ALA A 86 8.27 1.83 -2.32
N ALA A 87 8.51 2.54 -1.22
CA ALA A 87 7.49 2.74 -0.20
C ALA A 87 6.31 3.55 -0.74
N GLU A 88 6.59 4.71 -1.31
CA GLU A 88 5.53 5.58 -1.83
C GLU A 88 4.77 4.90 -2.96
N GLN A 89 5.49 4.19 -3.81
CA GLN A 89 4.86 3.48 -4.93
C GLN A 89 4.01 2.32 -4.44
N GLU A 90 4.48 1.64 -3.39
CA GLU A 90 3.72 0.55 -2.80
C GLU A 90 2.47 1.08 -2.13
N LEU A 91 2.63 2.19 -1.40
CA LEU A 91 1.52 2.86 -0.75
C LEU A 91 0.41 3.09 -1.73
N GLU A 92 0.72 3.83 -2.78
CA GLU A 92 -0.32 4.37 -3.62
C GLU A 92 -1.08 3.27 -4.36
N GLN A 93 -0.35 2.25 -4.83
CA GLN A 93 -0.98 1.15 -5.54
C GLN A 93 -1.85 0.34 -4.58
N ALA A 94 -1.39 0.20 -3.35
CA ALA A 94 -2.15 -0.52 -2.35
C ALA A 94 -3.41 0.25 -2.00
N PHE A 95 -3.28 1.58 -1.94
CA PHE A 95 -4.41 2.46 -1.71
C PHE A 95 -5.45 2.30 -2.82
N GLU A 96 -4.97 2.33 -4.06
CA GLU A 96 -5.83 2.19 -5.23
C GLU A 96 -6.51 0.82 -5.22
N ARG A 97 -5.79 -0.19 -4.74
CA ARG A 97 -6.35 -1.52 -4.58
C ARG A 97 -7.45 -1.49 -3.52
N TRP A 98 -7.15 -0.83 -2.41
CA TRP A 98 -8.07 -0.77 -1.27
C TRP A 98 -9.41 -0.15 -1.67
N GLU A 99 -9.36 1.03 -2.27
CA GLU A 99 -10.59 1.71 -2.66
C GLU A 99 -11.34 0.91 -3.71
N TYR A 100 -10.60 0.15 -4.51
CA TYR A 100 -11.21 -0.77 -5.45
C TYR A 100 -11.91 -1.91 -4.72
N LEU A 101 -11.28 -2.42 -3.67
CA LEU A 101 -11.85 -3.53 -2.91
C LEU A 101 -13.14 -3.10 -2.22
N GLU A 102 -13.13 -1.91 -1.62
CA GLU A 102 -14.33 -1.35 -1.01
C GLU A 102 -15.40 -1.10 -2.07
N ALA A 103 -15.00 -0.52 -3.19
CA ALA A 103 -15.92 -0.24 -4.28
C ALA A 103 -16.50 -1.53 -4.84
N LEU A 104 -15.66 -2.55 -4.96
CA LEU A 104 -16.10 -3.84 -5.47
C LEU A 104 -17.10 -4.49 -4.53
N LYS A 105 -16.78 -4.41 -3.24
CA LYS A 105 -17.62 -4.97 -2.21
C LYS A 105 -19.00 -4.32 -2.21
N ASN A 106 -19.01 -2.99 -2.27
CA ASN A 106 -20.25 -2.22 -2.15
C ASN A 106 -20.99 -2.16 -3.48
N GLY A 107 -20.24 -2.08 -4.58
CA GLY A 107 -20.87 -1.98 -5.88
C GLY A 107 -20.55 -3.17 -6.77
N GLY A 108 -20.89 -4.35 -6.28
CA GLY A 108 -20.71 -5.55 -7.05
C GLY A 108 -21.90 -6.46 -6.93
N LYS A 24 -36.88 -30.74 4.04
CA LYS A 24 -35.48 -30.91 4.51
C LYS A 24 -34.50 -30.43 3.46
N ALA A 25 -33.62 -29.51 3.87
CA ALA A 25 -32.51 -29.04 3.05
C ALA A 25 -32.96 -28.18 1.88
N GLU A 26 -32.01 -27.47 1.30
CA GLU A 26 -32.23 -26.64 0.14
C GLU A 26 -30.89 -26.26 -0.46
N THR A 27 -30.70 -26.56 -1.73
CA THR A 27 -29.45 -26.24 -2.40
C THR A 27 -29.30 -24.74 -2.58
N VAL A 28 -28.13 -24.23 -2.19
CA VAL A 28 -27.87 -22.81 -2.26
C VAL A 28 -26.51 -22.57 -2.90
N LYS A 29 -26.45 -21.64 -3.84
CA LYS A 29 -25.22 -21.33 -4.53
C LYS A 29 -24.74 -19.94 -4.17
N ARG A 30 -23.69 -19.87 -3.37
CA ARG A 30 -23.16 -18.60 -2.90
C ARG A 30 -22.17 -18.02 -3.92
N SER A 31 -22.70 -17.41 -4.96
CA SER A 31 -21.85 -16.78 -5.97
C SER A 31 -21.74 -15.27 -5.72
N SER A 32 -22.10 -14.85 -4.51
CA SER A 32 -22.07 -13.45 -4.15
C SER A 32 -21.97 -13.28 -2.63
N SER A 33 -20.84 -12.78 -2.15
CA SER A 33 -20.64 -12.54 -0.74
C SER A 33 -19.58 -11.45 -0.55
N LYS A 34 -19.92 -10.25 -1.03
CA LYS A 34 -19.03 -9.09 -0.98
C LYS A 34 -17.81 -9.27 -1.90
N LEU A 35 -16.87 -10.06 -1.46
CA LEU A 35 -15.61 -10.22 -2.13
C LEU A 35 -15.20 -11.68 -2.19
N SER A 36 -14.12 -11.95 -2.89
CA SER A 36 -13.49 -13.25 -2.84
C SER A 36 -12.58 -13.29 -1.61
N TYR A 37 -12.38 -14.44 -0.99
CA TYR A 37 -11.63 -14.50 0.27
C TYR A 37 -10.27 -13.82 0.15
N LYS A 38 -9.63 -13.99 -1.00
CA LYS A 38 -8.34 -13.36 -1.27
C LYS A 38 -8.41 -11.86 -1.04
N LEU A 39 -9.55 -11.26 -1.34
CA LEU A 39 -9.76 -9.85 -1.11
C LEU A 39 -10.28 -9.61 0.30
N GLN A 40 -11.00 -10.58 0.82
CA GLN A 40 -11.54 -10.50 2.17
C GLN A 40 -10.41 -10.24 3.17
N ARG A 41 -9.42 -11.12 3.19
CA ARG A 41 -8.30 -10.96 4.12
C ARG A 41 -7.37 -9.85 3.63
N GLU A 42 -7.41 -9.59 2.33
CA GLU A 42 -6.64 -8.53 1.73
C GLU A 42 -7.06 -7.19 2.32
N LEU A 43 -8.36 -6.94 2.28
CA LEU A 43 -8.93 -5.69 2.75
C LEU A 43 -8.92 -5.63 4.28
N GLU A 44 -8.77 -6.77 4.93
CA GLU A 44 -8.63 -6.82 6.38
C GLU A 44 -7.29 -6.23 6.80
N GLN A 45 -6.32 -6.24 5.89
CA GLN A 45 -4.98 -5.80 6.20
C GLN A 45 -4.64 -4.50 5.48
N LEU A 46 -5.13 -4.38 4.26
CA LEU A 46 -4.76 -3.29 3.35
C LEU A 46 -4.88 -1.89 3.99
N PRO A 47 -6.03 -1.52 4.62
CA PRO A 47 -6.16 -0.22 5.28
C PRO A 47 -5.10 0.01 6.35
N GLN A 48 -4.77 -1.04 7.09
CA GLN A 48 -3.72 -0.97 8.09
C GLN A 48 -2.37 -0.81 7.40
N LEU A 49 -2.25 -1.44 6.25
CA LEU A 49 -1.06 -1.33 5.44
C LEU A 49 -0.91 0.09 4.88
N LEU A 50 -2.01 0.74 4.56
CA LEU A 50 -1.97 2.12 4.11
C LEU A 50 -1.36 3.04 5.15
N GLU A 51 -1.86 2.94 6.37
CA GLU A 51 -1.32 3.76 7.46
C GLU A 51 0.08 3.29 7.83
N ASP A 52 0.41 2.06 7.44
CA ASP A 52 1.76 1.53 7.61
C ASP A 52 2.69 2.26 6.65
N LEU A 53 2.35 2.20 5.37
CA LEU A 53 3.14 2.76 4.29
C LEU A 53 3.18 4.28 4.39
N GLU A 54 2.09 4.86 4.86
CA GLU A 54 2.02 6.29 5.08
C GLU A 54 3.07 6.69 6.10
N ALA A 55 2.99 6.08 7.27
CA ALA A 55 3.95 6.33 8.35
C ALA A 55 5.36 5.97 7.89
N LYS A 56 5.45 4.94 7.06
CA LYS A 56 6.72 4.45 6.55
C LYS A 56 7.35 5.50 5.64
N LEU A 57 6.52 6.04 4.75
CA LEU A 57 6.96 7.07 3.83
C LEU A 57 7.37 8.33 4.60
N GLU A 58 6.51 8.75 5.52
CA GLU A 58 6.83 9.90 6.38
C GLU A 58 8.20 9.72 7.02
N ALA A 59 8.40 8.56 7.63
CA ALA A 59 9.66 8.22 8.31
C ALA A 59 10.83 8.29 7.36
N LEU A 60 10.69 7.66 6.20
CA LEU A 60 11.75 7.60 5.21
C LEU A 60 12.06 8.99 4.66
N GLN A 61 11.03 9.73 4.28
CA GLN A 61 11.17 11.11 3.81
C GLN A 61 11.75 12.00 4.91
N THR A 62 11.59 11.55 6.14
CA THR A 62 12.04 12.28 7.31
C THR A 62 13.50 11.99 7.66
N GLN A 63 13.92 10.74 7.52
CA GLN A 63 15.32 10.41 7.71
C GLN A 63 16.14 10.89 6.51
N VAL A 64 15.46 11.00 5.37
CA VAL A 64 16.04 11.60 4.17
C VAL A 64 16.02 13.14 4.28
N ALA A 65 15.11 13.65 5.11
CA ALA A 65 15.00 15.08 5.33
C ALA A 65 16.22 15.62 6.07
N ASP A 66 16.89 14.73 6.80
CA ASP A 66 18.09 15.09 7.54
C ASP A 66 19.24 15.39 6.59
N ALA A 67 19.92 16.50 6.84
CA ALA A 67 20.96 16.98 5.95
C ALA A 67 22.19 16.07 5.98
N SER A 68 22.34 15.33 7.08
CA SER A 68 23.48 14.45 7.22
C SER A 68 23.21 13.10 6.58
N PHE A 69 21.98 12.88 6.13
CA PHE A 69 21.62 11.65 5.44
C PHE A 69 22.41 11.49 4.15
N PHE A 70 22.34 12.51 3.29
CA PHE A 70 23.02 12.45 1.99
C PHE A 70 24.54 12.53 2.16
N SER A 71 24.98 12.75 3.39
CA SER A 71 26.40 12.78 3.70
C SER A 71 26.95 11.36 3.78
N GLN A 72 26.05 10.39 3.81
CA GLN A 72 26.44 8.98 3.81
C GLN A 72 26.79 8.55 2.40
N PRO A 73 27.60 7.50 2.27
CA PRO A 73 27.96 6.93 0.98
C PRO A 73 26.75 6.41 0.24
N HIS A 74 26.87 6.42 -1.09
CA HIS A 74 25.82 6.05 -2.04
C HIS A 74 25.12 4.75 -1.66
N GLU A 75 25.86 3.82 -1.08
CA GLU A 75 25.31 2.52 -0.75
C GLU A 75 24.40 2.58 0.47
N GLN A 76 24.60 3.58 1.33
CA GLN A 76 23.72 3.79 2.48
C GLN A 76 22.51 4.56 2.03
N THR A 77 22.77 5.62 1.31
CA THR A 77 21.74 6.57 0.94
C THR A 77 20.76 5.98 -0.05
N GLN A 78 21.27 5.32 -1.09
CA GLN A 78 20.41 4.70 -2.09
C GLN A 78 19.58 3.59 -1.46
N LYS A 79 20.14 2.94 -0.45
CA LYS A 79 19.44 1.94 0.33
C LYS A 79 18.16 2.55 0.91
N VAL A 80 18.29 3.76 1.42
CA VAL A 80 17.17 4.46 2.03
C VAL A 80 16.30 5.12 0.96
N LEU A 81 16.94 5.79 0.01
CA LEU A 81 16.23 6.49 -1.06
C LEU A 81 15.37 5.56 -1.88
N ALA A 82 15.90 4.39 -2.18
CA ALA A 82 15.17 3.38 -2.96
C ALA A 82 13.96 2.88 -2.19
N ASP A 83 14.15 2.64 -0.90
CA ASP A 83 13.07 2.17 -0.03
C ASP A 83 12.03 3.26 0.16
N MET A 84 12.51 4.50 0.28
CA MET A 84 11.64 5.66 0.39
C MET A 84 10.72 5.77 -0.81
N ALA A 85 11.29 5.73 -2.00
CA ALA A 85 10.53 5.86 -3.23
C ALA A 85 9.59 4.68 -3.41
N ALA A 86 9.98 3.53 -2.89
CA ALA A 86 9.15 2.33 -2.96
C ALA A 86 7.96 2.45 -2.00
N ALA A 87 8.18 3.14 -0.88
CA ALA A 87 7.13 3.32 0.11
C ALA A 87 6.00 4.17 -0.42
N GLU A 88 6.34 5.34 -0.97
CA GLU A 88 5.34 6.24 -1.52
C GLU A 88 4.59 5.58 -2.67
N GLN A 89 5.31 4.82 -3.50
CA GLN A 89 4.69 4.10 -4.60
C GLN A 89 3.75 3.02 -4.07
N GLU A 90 4.25 2.18 -3.18
CA GLU A 90 3.46 1.10 -2.61
C GLU A 90 2.23 1.65 -1.88
N LEU A 91 2.39 2.80 -1.23
CA LEU A 91 1.27 3.44 -0.55
C LEU A 91 0.11 3.70 -1.50
N GLU A 92 0.38 4.41 -2.58
CA GLU A 92 -0.68 4.77 -3.52
C GLU A 92 -1.13 3.56 -4.33
N GLN A 93 -0.21 2.66 -4.66
CA GLN A 93 -0.57 1.43 -5.37
C GLN A 93 -1.55 0.63 -4.54
N ALA A 94 -1.25 0.52 -3.25
CA ALA A 94 -2.12 -0.19 -2.33
C ALA A 94 -3.41 0.58 -2.10
N PHE A 95 -3.32 1.90 -2.16
CA PHE A 95 -4.50 2.75 -2.00
C PHE A 95 -5.50 2.50 -3.13
N GLU A 96 -5.01 2.49 -4.36
CA GLU A 96 -5.85 2.24 -5.53
C GLU A 96 -6.39 0.81 -5.49
N ARG A 97 -5.54 -0.10 -5.04
CA ARG A 97 -5.92 -1.50 -4.82
C ARG A 97 -7.09 -1.54 -3.84
N TRP A 98 -6.97 -0.74 -2.79
CA TRP A 98 -7.96 -0.67 -1.72
C TRP A 98 -9.30 -0.15 -2.24
N GLU A 99 -9.24 0.95 -2.98
CA GLU A 99 -10.45 1.55 -3.56
C GLU A 99 -11.15 0.58 -4.49
N TYR A 100 -10.36 -0.21 -5.21
CA TYR A 100 -10.89 -1.27 -6.05
C TYR A 100 -11.61 -2.32 -5.20
N LEU A 101 -11.05 -2.63 -4.04
CA LEU A 101 -11.62 -3.63 -3.15
C LEU A 101 -12.93 -3.15 -2.54
N GLU A 102 -12.93 -1.92 -2.04
CA GLU A 102 -14.14 -1.33 -1.47
C GLU A 102 -15.26 -1.30 -2.51
N ALA A 103 -14.89 -0.95 -3.74
CA ALA A 103 -15.84 -0.88 -4.84
C ALA A 103 -16.34 -2.27 -5.22
N LEU A 104 -15.41 -3.22 -5.37
CA LEU A 104 -15.75 -4.57 -5.79
C LEU A 104 -16.65 -5.24 -4.75
N LYS A 105 -16.46 -4.84 -3.49
CA LYS A 105 -17.19 -5.41 -2.38
C LYS A 105 -18.69 -5.14 -2.53
N ASN A 106 -18.99 -3.93 -2.98
CA ASN A 106 -20.37 -3.48 -3.12
C ASN A 106 -20.95 -3.93 -4.46
N GLY A 107 -20.11 -3.99 -5.47
CA GLY A 107 -20.55 -4.37 -6.80
C GLY A 107 -19.56 -5.29 -7.48
N GLY A 108 -19.93 -6.56 -7.55
CA GLY A 108 -19.07 -7.55 -8.16
C GLY A 108 -19.55 -7.93 -9.54
N LYS A 24 -21.14 -24.74 -10.24
CA LYS A 24 -21.84 -23.52 -10.69
C LYS A 24 -20.95 -22.68 -11.59
N ALA A 25 -20.51 -23.28 -12.70
CA ALA A 25 -19.74 -22.55 -13.69
C ALA A 25 -20.65 -21.62 -14.49
N GLU A 26 -21.91 -22.06 -14.62
CA GLU A 26 -22.98 -21.27 -15.24
C GLU A 26 -22.64 -20.83 -16.66
N THR A 27 -21.98 -19.69 -16.78
CA THR A 27 -21.62 -19.12 -18.07
C THR A 27 -20.52 -18.07 -17.89
N VAL A 28 -20.50 -17.47 -16.70
CA VAL A 28 -19.59 -16.37 -16.41
C VAL A 28 -18.27 -16.91 -15.87
N LYS A 29 -17.17 -16.42 -16.43
CA LYS A 29 -15.85 -16.83 -15.98
C LYS A 29 -15.33 -15.84 -14.96
N ARG A 30 -16.10 -15.63 -13.91
CA ARG A 30 -15.82 -14.57 -12.95
C ARG A 30 -15.62 -15.15 -11.56
N SER A 31 -14.53 -14.74 -10.91
CA SER A 31 -14.28 -15.10 -9.52
C SER A 31 -14.46 -13.88 -8.63
N SER A 32 -14.33 -12.70 -9.23
CA SER A 32 -14.46 -11.45 -8.50
C SER A 32 -15.91 -10.98 -8.47
N SER A 33 -16.84 -11.92 -8.40
CA SER A 33 -18.26 -11.61 -8.31
C SER A 33 -18.53 -10.93 -6.97
N LYS A 34 -18.25 -11.66 -5.90
CA LYS A 34 -18.27 -11.13 -4.56
C LYS A 34 -16.94 -11.51 -3.93
N LEU A 35 -16.26 -10.55 -3.32
CA LEU A 35 -14.86 -10.74 -2.94
C LEU A 35 -14.61 -12.03 -2.17
N SER A 36 -13.79 -12.87 -2.79
CA SER A 36 -13.38 -14.14 -2.23
C SER A 36 -12.55 -13.89 -0.96
N TYR A 37 -12.23 -14.93 -0.21
CA TYR A 37 -11.49 -14.75 1.03
C TYR A 37 -10.19 -14.00 0.78
N LYS A 38 -9.59 -14.23 -0.39
CA LYS A 38 -8.40 -13.51 -0.83
C LYS A 38 -8.56 -12.02 -0.56
N LEU A 39 -9.70 -11.49 -0.94
CA LEU A 39 -9.96 -10.08 -0.84
C LEU A 39 -10.49 -9.74 0.54
N GLN A 40 -11.11 -10.71 1.16
CA GLN A 40 -11.65 -10.54 2.50
C GLN A 40 -10.54 -10.23 3.49
N ARG A 41 -9.48 -11.04 3.48
CA ARG A 41 -8.35 -10.78 4.35
C ARG A 41 -7.44 -9.71 3.74
N GLU A 42 -7.57 -9.53 2.43
CA GLU A 42 -6.84 -8.50 1.70
C GLU A 42 -7.24 -7.13 2.21
N LEU A 43 -8.54 -6.87 2.12
CA LEU A 43 -9.11 -5.57 2.48
C LEU A 43 -8.97 -5.30 3.98
N GLU A 44 -8.75 -6.33 4.75
CA GLU A 44 -8.57 -6.17 6.19
C GLU A 44 -7.18 -5.64 6.52
N GLN A 45 -6.16 -6.26 5.97
CA GLN A 45 -4.79 -5.90 6.30
C GLN A 45 -4.26 -4.78 5.39
N LEU A 46 -4.99 -4.52 4.31
CA LEU A 46 -4.57 -3.53 3.32
C LEU A 46 -4.54 -2.11 3.93
N PRO A 47 -5.59 -1.65 4.64
CA PRO A 47 -5.57 -0.34 5.29
C PRO A 47 -4.43 -0.21 6.29
N GLN A 48 -4.11 -1.32 6.96
CA GLN A 48 -3.01 -1.35 7.90
C GLN A 48 -1.68 -1.33 7.16
N LEU A 49 -1.72 -1.76 5.92
CA LEU A 49 -0.57 -1.69 5.03
C LEU A 49 -0.43 -0.28 4.48
N LEU A 50 -1.56 0.37 4.21
CA LEU A 50 -1.54 1.77 3.78
C LEU A 50 -0.93 2.65 4.83
N GLU A 51 -1.38 2.51 6.07
CA GLU A 51 -0.81 3.28 7.16
C GLU A 51 0.65 2.89 7.35
N ASP A 52 0.97 1.64 7.05
CA ASP A 52 2.34 1.13 7.12
C ASP A 52 3.22 1.88 6.16
N LEU A 53 2.77 1.94 4.91
CA LEU A 53 3.53 2.56 3.84
C LEU A 53 3.55 4.07 3.96
N GLU A 54 2.45 4.62 4.45
CA GLU A 54 2.36 6.05 4.67
C GLU A 54 3.32 6.46 5.77
N ALA A 55 3.23 5.75 6.89
CA ALA A 55 4.12 5.98 8.01
C ALA A 55 5.55 5.62 7.62
N LYS A 56 5.67 4.72 6.65
CA LYS A 56 6.95 4.31 6.13
C LYS A 56 7.58 5.47 5.36
N LEU A 57 6.78 6.08 4.49
CA LEU A 57 7.22 7.26 3.76
C LEU A 57 7.59 8.36 4.75
N GLU A 58 6.69 8.62 5.71
CA GLU A 58 6.96 9.60 6.76
C GLU A 58 8.27 9.32 7.49
N ALA A 59 8.55 8.04 7.71
CA ALA A 59 9.75 7.64 8.45
C ALA A 59 11.01 7.78 7.61
N LEU A 60 10.87 7.56 6.31
CA LEU A 60 12.00 7.67 5.40
C LEU A 60 12.25 9.11 5.00
N GLN A 61 11.16 9.87 4.84
CA GLN A 61 11.23 11.26 4.41
C GLN A 61 11.96 12.11 5.43
N THR A 62 11.86 11.74 6.70
CA THR A 62 12.48 12.53 7.76
C THR A 62 13.98 12.25 7.83
N GLN A 63 14.39 11.08 7.35
CA GLN A 63 15.81 10.77 7.24
C GLN A 63 16.40 11.63 6.14
N VAL A 64 15.72 11.58 5.00
CA VAL A 64 16.12 12.31 3.80
C VAL A 64 15.89 13.81 3.99
N ALA A 65 15.12 14.17 5.02
CA ALA A 65 14.88 15.57 5.37
C ALA A 65 16.10 16.16 6.04
N ASP A 66 16.94 15.30 6.60
CA ASP A 66 18.13 15.74 7.31
C ASP A 66 19.30 15.87 6.35
N ALA A 67 20.02 16.97 6.46
CA ALA A 67 21.13 17.27 5.55
C ALA A 67 22.30 16.30 5.74
N SER A 68 22.34 15.65 6.90
CA SER A 68 23.41 14.71 7.20
C SER A 68 23.08 13.33 6.60
N PHE A 69 21.88 13.19 6.05
CA PHE A 69 21.48 11.95 5.39
C PHE A 69 22.44 11.62 4.25
N PHE A 70 22.65 12.59 3.36
CA PHE A 70 23.51 12.39 2.20
C PHE A 70 24.99 12.39 2.57
N SER A 71 25.27 12.44 3.87
CA SER A 71 26.64 12.33 4.35
C SER A 71 26.99 10.85 4.54
N GLN A 72 25.95 10.03 4.56
CA GLN A 72 26.09 8.59 4.69
C GLN A 72 26.43 7.97 3.33
N PRO A 73 26.85 6.70 3.32
CA PRO A 73 27.31 6.02 2.11
C PRO A 73 26.20 5.76 1.10
N HIS A 74 26.59 5.69 -0.17
CA HIS A 74 25.70 5.31 -1.27
C HIS A 74 24.85 4.11 -0.89
N GLU A 75 25.48 3.14 -0.27
CA GLU A 75 24.84 1.90 0.14
C GLU A 75 23.60 2.16 0.98
N GLN A 76 23.71 3.04 1.97
CA GLN A 76 22.60 3.30 2.86
C GLN A 76 21.66 4.35 2.27
N THR A 77 22.23 5.38 1.66
CA THR A 77 21.43 6.48 1.11
C THR A 77 20.52 6.01 0.00
N GLN A 78 21.07 5.27 -0.95
CA GLN A 78 20.29 4.79 -2.08
C GLN A 78 19.24 3.80 -1.61
N LYS A 79 19.60 3.02 -0.60
CA LYS A 79 18.66 2.12 0.06
C LYS A 79 17.46 2.92 0.52
N VAL A 80 17.72 3.97 1.30
CA VAL A 80 16.67 4.81 1.86
C VAL A 80 15.92 5.57 0.77
N LEU A 81 16.65 6.21 -0.13
CA LEU A 81 16.05 7.00 -1.21
C LEU A 81 15.14 6.14 -2.08
N ALA A 82 15.64 4.98 -2.48
CA ALA A 82 14.89 4.06 -3.32
C ALA A 82 13.69 3.50 -2.56
N ASP A 83 13.89 3.22 -1.28
CA ASP A 83 12.82 2.68 -0.44
C ASP A 83 11.78 3.74 -0.15
N MET A 84 12.23 4.99 -0.04
CA MET A 84 11.34 6.13 0.13
C MET A 84 10.41 6.25 -1.06
N ALA A 85 10.97 6.15 -2.25
CA ALA A 85 10.20 6.22 -3.47
C ALA A 85 9.31 4.99 -3.59
N ALA A 86 9.81 3.86 -3.13
CA ALA A 86 9.05 2.62 -3.14
C ALA A 86 7.85 2.72 -2.19
N ALA A 87 8.03 3.44 -1.10
CA ALA A 87 6.98 3.61 -0.10
C ALA A 87 5.81 4.40 -0.67
N GLU A 88 6.11 5.56 -1.25
CA GLU A 88 5.06 6.42 -1.80
C GLU A 88 4.36 5.75 -2.97
N GLN A 89 5.13 5.08 -3.82
CA GLN A 89 4.56 4.43 -4.99
C GLN A 89 3.72 3.22 -4.57
N GLU A 90 4.19 2.48 -3.56
CA GLU A 90 3.44 1.32 -3.07
C GLU A 90 2.17 1.80 -2.40
N LEU A 91 2.27 2.89 -1.65
CA LEU A 91 1.15 3.44 -0.93
C LEU A 91 -0.05 3.69 -1.85
N GLU A 92 0.20 4.41 -2.94
CA GLU A 92 -0.87 4.76 -3.86
C GLU A 92 -1.35 3.55 -4.66
N GLN A 93 -0.45 2.64 -5.00
CA GLN A 93 -0.82 1.42 -5.73
C GLN A 93 -1.68 0.51 -4.86
N ALA A 94 -1.31 0.40 -3.60
CA ALA A 94 -2.10 -0.37 -2.65
C ALA A 94 -3.39 0.36 -2.33
N PHE A 95 -3.34 1.69 -2.39
CA PHE A 95 -4.54 2.51 -2.21
C PHE A 95 -5.53 2.26 -3.34
N GLU A 96 -5.00 2.18 -4.58
CA GLU A 96 -5.81 1.83 -5.73
C GLU A 96 -6.44 0.46 -5.54
N ARG A 97 -5.64 -0.48 -5.06
CA ARG A 97 -6.09 -1.83 -4.76
C ARG A 97 -7.21 -1.79 -3.72
N TRP A 98 -6.99 -0.97 -2.70
CA TRP A 98 -7.93 -0.85 -1.61
C TRP A 98 -9.27 -0.28 -2.09
N GLU A 99 -9.20 0.81 -2.82
CA GLU A 99 -10.39 1.44 -3.37
C GLU A 99 -11.12 0.51 -4.33
N TYR A 100 -10.36 -0.28 -5.06
CA TYR A 100 -10.93 -1.33 -5.90
C TYR A 100 -11.69 -2.35 -5.05
N LEU A 101 -11.10 -2.72 -3.92
CA LEU A 101 -11.71 -3.71 -3.03
C LEU A 101 -12.98 -3.17 -2.40
N GLU A 102 -12.92 -1.97 -1.84
CA GLU A 102 -14.09 -1.33 -1.24
C GLU A 102 -15.20 -1.17 -2.27
N ALA A 103 -14.82 -0.83 -3.49
CA ALA A 103 -15.77 -0.68 -4.57
C ALA A 103 -16.34 -2.03 -5.00
N LEU A 104 -15.47 -3.03 -5.11
CA LEU A 104 -15.87 -4.37 -5.53
C LEU A 104 -16.86 -4.96 -4.54
N LYS A 105 -16.63 -4.70 -3.26
CA LYS A 105 -17.49 -5.22 -2.21
C LYS A 105 -18.89 -4.64 -2.34
N ASN A 106 -18.95 -3.37 -2.69
CA ASN A 106 -20.21 -2.65 -2.82
C ASN A 106 -20.90 -2.99 -4.14
N GLY A 107 -20.11 -3.18 -5.18
CA GLY A 107 -20.65 -3.52 -6.47
C GLY A 107 -19.60 -4.16 -7.36
N GLY A 108 -19.80 -5.42 -7.72
CA GLY A 108 -18.85 -6.11 -8.55
C GLY A 108 -19.52 -6.70 -9.78
N LYS A 24 -21.30 -10.60 -19.54
CA LYS A 24 -20.71 -11.40 -20.62
C LYS A 24 -21.76 -12.29 -21.26
N ALA A 25 -22.24 -13.27 -20.50
CA ALA A 25 -23.28 -14.17 -20.96
C ALA A 25 -24.16 -14.56 -19.77
N GLU A 26 -24.95 -13.60 -19.32
CA GLU A 26 -25.72 -13.78 -18.10
C GLU A 26 -26.95 -14.64 -18.33
N THR A 27 -26.92 -15.84 -17.78
CA THR A 27 -28.06 -16.73 -17.82
C THR A 27 -28.18 -17.46 -16.48
N VAL A 28 -27.52 -16.90 -15.47
CA VAL A 28 -27.47 -17.54 -14.17
C VAL A 28 -27.68 -16.53 -13.05
N LYS A 29 -27.02 -15.37 -13.16
CA LYS A 29 -27.11 -14.30 -12.16
C LYS A 29 -26.62 -14.76 -10.79
N ARG A 30 -27.55 -15.26 -9.97
CA ARG A 30 -27.25 -15.68 -8.60
C ARG A 30 -26.61 -14.54 -7.81
N SER A 31 -25.88 -14.87 -6.78
CA SER A 31 -25.01 -13.91 -6.14
C SER A 31 -23.59 -14.14 -6.64
N SER A 32 -23.31 -15.41 -6.94
CA SER A 32 -22.05 -15.84 -7.56
C SER A 32 -20.82 -15.42 -6.74
N SER A 33 -20.26 -14.28 -7.08
CA SER A 33 -19.07 -13.79 -6.41
C SER A 33 -18.91 -12.29 -6.66
N LYS A 34 -19.06 -11.52 -5.60
CA LYS A 34 -18.91 -10.07 -5.69
C LYS A 34 -17.61 -9.65 -5.05
N LEU A 35 -17.44 -10.07 -3.81
CA LEU A 35 -16.22 -9.80 -3.07
C LEU A 35 -15.67 -11.13 -2.58
N SER A 36 -14.84 -11.76 -3.39
CA SER A 36 -14.30 -13.07 -3.10
C SER A 36 -13.44 -13.02 -1.83
N TYR A 37 -13.30 -14.14 -1.14
CA TYR A 37 -12.56 -14.16 0.11
C TYR A 37 -11.14 -13.62 -0.06
N LYS A 38 -10.53 -13.89 -1.21
CA LYS A 38 -9.18 -13.41 -1.50
C LYS A 38 -9.10 -11.89 -1.38
N LEU A 39 -10.20 -11.21 -1.65
CA LEU A 39 -10.25 -9.77 -1.49
C LEU A 39 -10.66 -9.43 -0.08
N GLN A 40 -11.50 -10.27 0.50
CA GLN A 40 -11.95 -10.08 1.87
C GLN A 40 -10.78 -10.00 2.82
N ARG A 41 -9.95 -11.03 2.88
CA ARG A 41 -8.82 -11.04 3.80
C ARG A 41 -7.75 -10.05 3.34
N GLU A 42 -7.78 -9.72 2.05
CA GLU A 42 -6.86 -8.74 1.50
C GLU A 42 -7.22 -7.36 2.04
N LEU A 43 -8.51 -7.07 2.02
CA LEU A 43 -9.04 -5.80 2.47
C LEU A 43 -8.99 -5.70 3.99
N GLU A 44 -8.88 -6.84 4.66
CA GLU A 44 -8.84 -6.84 6.11
C GLU A 44 -7.48 -6.38 6.64
N GLN A 45 -6.44 -6.54 5.85
CA GLN A 45 -5.11 -6.15 6.29
C GLN A 45 -4.67 -4.85 5.62
N LEU A 46 -5.11 -4.68 4.39
CA LEU A 46 -4.68 -3.60 3.51
C LEU A 46 -4.74 -2.21 4.20
N PRO A 47 -5.86 -1.82 4.85
CA PRO A 47 -5.95 -0.52 5.53
C PRO A 47 -4.83 -0.29 6.54
N GLN A 48 -4.52 -1.32 7.34
CA GLN A 48 -3.44 -1.23 8.31
C GLN A 48 -2.10 -1.19 7.61
N LEU A 49 -2.06 -1.77 6.42
CA LEU A 49 -0.87 -1.74 5.60
C LEU A 49 -0.68 -0.35 4.99
N LEU A 50 -1.77 0.35 4.70
CA LEU A 50 -1.70 1.71 4.21
C LEU A 50 -1.04 2.61 5.23
N GLU A 51 -1.55 2.61 6.45
CA GLU A 51 -0.93 3.40 7.50
C GLU A 51 0.50 2.93 7.75
N ASP A 52 0.73 1.63 7.56
CA ASP A 52 2.06 1.06 7.73
C ASP A 52 3.02 1.68 6.73
N LEU A 53 2.64 1.64 5.46
CA LEU A 53 3.48 2.11 4.38
C LEU A 53 3.57 3.62 4.37
N GLU A 54 2.50 4.28 4.79
CA GLU A 54 2.50 5.74 4.86
C GLU A 54 3.41 6.20 5.97
N ALA A 55 3.30 5.54 7.12
CA ALA A 55 4.19 5.81 8.24
C ALA A 55 5.63 5.39 7.88
N LYS A 56 5.75 4.35 7.07
CA LYS A 56 7.04 3.89 6.60
C LYS A 56 7.67 4.96 5.72
N LEU A 57 6.89 5.45 4.78
CA LEU A 57 7.29 6.54 3.91
C LEU A 57 7.64 7.76 4.75
N GLU A 58 6.77 8.10 5.68
CA GLU A 58 6.99 9.22 6.60
C GLU A 58 8.30 9.05 7.37
N ALA A 59 8.57 7.82 7.82
CA ALA A 59 9.78 7.52 8.58
C ALA A 59 11.02 7.72 7.73
N LEU A 60 10.92 7.35 6.46
CA LEU A 60 12.03 7.46 5.53
C LEU A 60 12.19 8.90 5.05
N GLN A 61 11.06 9.56 4.80
CA GLN A 61 11.05 10.93 4.33
C GLN A 61 11.68 11.89 5.32
N THR A 62 11.59 11.56 6.61
CA THR A 62 12.14 12.40 7.64
C THR A 62 13.66 12.21 7.74
N GLN A 63 14.14 11.07 7.27
CA GLN A 63 15.58 10.84 7.18
C GLN A 63 16.12 11.64 6.02
N VAL A 64 15.43 11.51 4.90
CA VAL A 64 15.76 12.21 3.67
C VAL A 64 15.49 13.70 3.80
N ALA A 65 14.74 14.06 4.83
CA ALA A 65 14.46 15.46 5.15
C ALA A 65 15.71 16.15 5.65
N ASP A 66 16.54 15.40 6.37
CA ASP A 66 17.76 15.93 6.94
C ASP A 66 18.81 16.17 5.87
N ALA A 67 19.44 17.34 5.93
CA ALA A 67 20.44 17.74 4.94
C ALA A 67 21.70 16.89 5.03
N SER A 68 21.94 16.29 6.18
CA SER A 68 23.12 15.46 6.37
C SER A 68 22.88 14.05 5.86
N PHE A 69 21.64 13.75 5.47
CA PHE A 69 21.32 12.46 4.88
C PHE A 69 22.12 12.23 3.60
N PHE A 70 22.08 13.20 2.70
CA PHE A 70 22.79 13.07 1.43
C PHE A 70 24.30 13.28 1.61
N SER A 71 24.68 13.67 2.81
CA SER A 71 26.10 13.77 3.15
C SER A 71 26.65 12.39 3.43
N GLN A 72 25.74 11.45 3.63
CA GLN A 72 26.12 10.07 3.90
C GLN A 72 26.47 9.35 2.60
N PRO A 73 27.18 8.24 2.72
CA PRO A 73 27.68 7.45 1.59
C PRO A 73 26.55 6.86 0.74
N HIS A 74 26.86 6.67 -0.55
CA HIS A 74 25.94 6.14 -1.56
C HIS A 74 25.28 4.85 -1.09
N GLU A 75 26.03 4.06 -0.35
CA GLU A 75 25.54 2.77 0.12
C GLU A 75 24.45 2.95 1.18
N GLN A 76 24.51 4.05 1.91
CA GLN A 76 23.49 4.36 2.91
C GLN A 76 22.32 5.03 2.23
N THR A 77 22.63 6.09 1.50
CA THR A 77 21.64 6.95 0.92
C THR A 77 20.75 6.21 -0.08
N GLN A 78 21.37 5.47 -1.00
CA GLN A 78 20.61 4.73 -2.00
C GLN A 78 19.76 3.66 -1.33
N LYS A 79 20.26 3.09 -0.25
CA LYS A 79 19.50 2.13 0.53
C LYS A 79 18.21 2.78 1.02
N VAL A 80 18.36 3.94 1.63
CA VAL A 80 17.22 4.68 2.18
C VAL A 80 16.32 5.22 1.07
N LEU A 81 16.93 5.87 0.09
CA LEU A 81 16.19 6.48 -1.02
C LEU A 81 15.39 5.43 -1.79
N ALA A 82 16.03 4.31 -2.09
CA ALA A 82 15.38 3.23 -2.82
C ALA A 82 14.23 2.65 -2.01
N ASP A 83 14.44 2.52 -0.70
CA ASP A 83 13.40 2.00 0.18
C ASP A 83 12.28 3.02 0.33
N MET A 84 12.63 4.30 0.35
CA MET A 84 11.65 5.37 0.39
C MET A 84 10.75 5.30 -0.83
N ALA A 85 11.36 5.18 -2.00
CA ALA A 85 10.60 5.08 -3.24
C ALA A 85 9.76 3.81 -3.27
N ALA A 86 10.32 2.73 -2.73
CA ALA A 86 9.62 1.45 -2.66
C ALA A 86 8.44 1.54 -1.69
N ALA A 87 8.57 2.39 -0.68
CA ALA A 87 7.51 2.59 0.29
C ALA A 87 6.34 3.34 -0.32
N GLU A 88 6.65 4.44 -0.99
CA GLU A 88 5.61 5.27 -1.59
C GLU A 88 4.90 4.53 -2.73
N GLN A 89 5.66 3.82 -3.55
CA GLN A 89 5.08 3.09 -4.68
C GLN A 89 4.20 1.94 -4.17
N GLU A 90 4.60 1.32 -3.06
CA GLU A 90 3.82 0.27 -2.46
C GLU A 90 2.55 0.85 -1.86
N LEU A 91 2.71 1.99 -1.21
CA LEU A 91 1.59 2.69 -0.58
C LEU A 91 0.51 3.03 -1.59
N GLU A 92 0.91 3.67 -2.69
CA GLU A 92 -0.06 4.15 -3.67
C GLU A 92 -0.76 3.01 -4.41
N GLN A 93 -0.04 1.93 -4.71
CA GLN A 93 -0.65 0.81 -5.40
C GLN A 93 -1.60 0.06 -4.46
N ALA A 94 -1.19 -0.06 -3.21
CA ALA A 94 -2.02 -0.72 -2.21
C ALA A 94 -3.26 0.12 -1.94
N PHE A 95 -3.08 1.44 -1.90
CA PHE A 95 -4.18 2.37 -1.71
C PHE A 95 -5.25 2.19 -2.78
N GLU A 96 -4.83 2.28 -4.04
CA GLU A 96 -5.76 2.15 -5.15
C GLU A 96 -6.36 0.76 -5.21
N ARG A 97 -5.60 -0.24 -4.77
CA ARG A 97 -6.13 -1.59 -4.62
C ARG A 97 -7.25 -1.57 -3.60
N TRP A 98 -6.98 -0.92 -2.48
CA TRP A 98 -7.96 -0.79 -1.40
C TRP A 98 -9.23 -0.11 -1.87
N GLU A 99 -9.07 1.03 -2.55
CA GLU A 99 -10.21 1.76 -3.08
C GLU A 99 -11.03 0.89 -4.02
N TYR A 100 -10.33 0.13 -4.86
CA TYR A 100 -10.97 -0.82 -5.74
C TYR A 100 -11.68 -1.92 -4.95
N LEU A 101 -11.05 -2.40 -3.89
CA LEU A 101 -11.63 -3.46 -3.06
C LEU A 101 -12.89 -2.98 -2.36
N GLU A 102 -12.84 -1.76 -1.81
CA GLU A 102 -14.01 -1.16 -1.20
C GLU A 102 -15.10 -0.92 -2.26
N ALA A 103 -14.69 -0.44 -3.41
CA ALA A 103 -15.62 -0.18 -4.52
C ALA A 103 -16.25 -1.46 -5.02
N LEU A 104 -15.44 -2.50 -5.19
CA LEU A 104 -15.92 -3.78 -5.69
C LEU A 104 -16.85 -4.43 -4.68
N LYS A 105 -16.54 -4.22 -3.40
CA LYS A 105 -17.36 -4.74 -2.32
C LYS A 105 -18.78 -4.16 -2.40
N ASN A 106 -18.88 -2.96 -2.93
CA ASN A 106 -20.16 -2.28 -3.06
C ASN A 106 -20.79 -2.60 -4.42
N GLY A 107 -19.97 -2.70 -5.45
CA GLY A 107 -20.46 -2.94 -6.79
C GLY A 107 -19.56 -3.88 -7.57
N GLY A 108 -19.98 -5.13 -7.69
CA GLY A 108 -19.20 -6.11 -8.42
C GLY A 108 -19.52 -6.08 -9.90
N LYS A 24 -26.21 -12.39 -28.80
CA LYS A 24 -25.48 -11.09 -28.86
C LYS A 24 -25.61 -10.33 -27.54
N ALA A 25 -25.64 -11.07 -26.43
CA ALA A 25 -25.74 -10.46 -25.11
C ALA A 25 -25.53 -11.52 -24.03
N GLU A 26 -24.88 -11.13 -22.94
CA GLU A 26 -24.63 -12.05 -21.85
C GLU A 26 -25.60 -11.80 -20.71
N THR A 27 -25.44 -10.64 -20.06
CA THR A 27 -26.21 -10.29 -18.87
C THR A 27 -25.90 -11.26 -17.72
N VAL A 28 -25.05 -10.79 -16.81
CA VAL A 28 -24.58 -11.53 -15.62
C VAL A 28 -23.79 -12.78 -15.99
N LYS A 29 -22.67 -12.97 -15.30
CA LYS A 29 -21.81 -14.13 -15.52
C LYS A 29 -22.33 -15.31 -14.70
N ARG A 30 -23.61 -15.65 -14.93
CA ARG A 30 -24.31 -16.71 -14.22
C ARG A 30 -24.55 -16.32 -12.75
N SER A 31 -23.49 -16.29 -11.97
CA SER A 31 -23.56 -15.90 -10.57
C SER A 31 -22.21 -15.39 -10.09
N SER A 32 -22.13 -14.10 -9.83
CA SER A 32 -20.90 -13.50 -9.34
C SER A 32 -20.91 -13.46 -7.81
N SER A 33 -19.85 -14.01 -7.22
CA SER A 33 -19.66 -13.97 -5.79
C SER A 33 -19.36 -12.55 -5.33
N LYS A 34 -19.01 -11.69 -6.30
CA LYS A 34 -18.74 -10.28 -6.07
C LYS A 34 -17.43 -10.09 -5.31
N LEU A 35 -17.39 -10.50 -4.06
CA LEU A 35 -16.20 -10.37 -3.23
C LEU A 35 -15.69 -11.77 -2.87
N SER A 36 -14.65 -12.20 -3.56
CA SER A 36 -14.02 -13.47 -3.25
C SER A 36 -13.27 -13.35 -1.92
N TYR A 37 -13.25 -14.44 -1.18
CA TYR A 37 -12.68 -14.48 0.17
C TYR A 37 -11.25 -13.94 0.21
N LYS A 38 -10.52 -14.13 -0.88
CA LYS A 38 -9.14 -13.65 -0.97
C LYS A 38 -9.06 -12.13 -0.87
N LEU A 39 -10.12 -11.45 -1.30
CA LEU A 39 -10.15 -9.99 -1.19
C LEU A 39 -10.67 -9.61 0.16
N GLN A 40 -11.47 -10.49 0.74
CA GLN A 40 -12.05 -10.27 2.05
C GLN A 40 -10.95 -9.96 3.04
N ARG A 41 -10.04 -10.91 3.18
CA ARG A 41 -8.93 -10.78 4.11
C ARG A 41 -7.85 -9.87 3.54
N GLU A 42 -7.84 -9.69 2.21
CA GLU A 42 -6.91 -8.77 1.57
C GLU A 42 -7.22 -7.34 2.00
N LEU A 43 -8.51 -7.02 1.95
CA LEU A 43 -8.98 -5.69 2.27
C LEU A 43 -8.82 -5.41 3.77
N GLU A 44 -8.90 -6.44 4.59
CA GLU A 44 -8.91 -6.27 6.04
C GLU A 44 -7.51 -6.12 6.62
N GLN A 45 -6.50 -6.50 5.87
CA GLN A 45 -5.12 -6.33 6.31
C GLN A 45 -4.52 -5.06 5.72
N LEU A 46 -4.97 -4.79 4.51
CA LEU A 46 -4.47 -3.71 3.67
C LEU A 46 -4.42 -2.33 4.38
N PRO A 47 -5.46 -1.91 5.16
CA PRO A 47 -5.42 -0.62 5.87
C PRO A 47 -4.25 -0.54 6.85
N GLN A 48 -3.96 -1.65 7.51
CA GLN A 48 -2.84 -1.73 8.44
C GLN A 48 -1.52 -1.59 7.69
N LEU A 49 -1.56 -1.98 6.42
CA LEU A 49 -0.43 -1.86 5.53
C LEU A 49 -0.33 -0.44 4.97
N LEU A 50 -1.48 0.17 4.72
CA LEU A 50 -1.52 1.58 4.31
C LEU A 50 -0.90 2.47 5.36
N GLU A 51 -1.33 2.32 6.59
CA GLU A 51 -0.78 3.10 7.68
C GLU A 51 0.68 2.71 7.90
N ASP A 52 1.03 1.50 7.50
CA ASP A 52 2.42 1.03 7.62
C ASP A 52 3.30 1.78 6.64
N LEU A 53 2.90 1.75 5.37
CA LEU A 53 3.67 2.36 4.30
C LEU A 53 3.63 3.87 4.40
N GLU A 54 2.52 4.40 4.89
CA GLU A 54 2.41 5.82 5.15
C GLU A 54 3.43 6.23 6.18
N ALA A 55 3.37 5.59 7.34
CA ALA A 55 4.32 5.83 8.42
C ALA A 55 5.75 5.55 7.97
N LYS A 56 5.88 4.59 7.07
CA LYS A 56 7.18 4.22 6.52
C LYS A 56 7.72 5.35 5.67
N LEU A 57 6.88 5.87 4.79
CA LEU A 57 7.26 6.97 3.93
C LEU A 57 7.58 8.20 4.78
N GLU A 58 6.72 8.49 5.75
CA GLU A 58 6.94 9.59 6.68
C GLU A 58 8.30 9.45 7.38
N ALA A 59 8.63 8.22 7.75
CA ALA A 59 9.88 7.95 8.45
C ALA A 59 11.07 8.16 7.54
N LEU A 60 11.00 7.61 6.35
CA LEU A 60 12.08 7.69 5.38
C LEU A 60 12.25 9.12 4.87
N GLN A 61 11.14 9.78 4.59
CA GLN A 61 11.19 11.15 4.07
C GLN A 61 11.78 12.11 5.08
N THR A 62 11.62 11.83 6.37
CA THR A 62 12.15 12.68 7.41
C THR A 62 13.66 12.42 7.60
N GLN A 63 14.10 11.23 7.22
CA GLN A 63 15.53 10.93 7.18
C GLN A 63 16.16 11.73 6.07
N VAL A 64 15.53 11.62 4.91
CA VAL A 64 15.97 12.27 3.69
C VAL A 64 15.73 13.79 3.77
N ALA A 65 14.89 14.20 4.71
CA ALA A 65 14.63 15.60 4.97
C ALA A 65 15.84 16.27 5.63
N ASP A 66 16.70 15.44 6.22
CA ASP A 66 17.90 15.94 6.88
C ASP A 66 19.02 16.16 5.85
N ALA A 67 19.72 17.28 5.99
CA ALA A 67 20.73 17.68 5.02
C ALA A 67 22.00 16.83 5.16
N SER A 68 22.18 16.23 6.32
CA SER A 68 23.36 15.40 6.55
C SER A 68 23.11 13.97 6.07
N PHE A 69 21.88 13.68 5.67
CA PHE A 69 21.53 12.37 5.14
C PHE A 69 22.38 12.05 3.92
N PHE A 70 22.40 12.96 2.96
CA PHE A 70 23.14 12.75 1.72
C PHE A 70 24.64 12.85 1.93
N SER A 71 25.06 13.04 3.18
CA SER A 71 26.47 13.09 3.51
C SER A 71 26.96 11.69 3.85
N GLN A 72 26.02 10.74 3.85
CA GLN A 72 26.33 9.35 4.08
C GLN A 72 26.72 8.65 2.78
N PRO A 73 27.37 7.49 2.89
CA PRO A 73 27.78 6.68 1.74
C PRO A 73 26.62 6.27 0.86
N HIS A 74 26.94 6.07 -0.42
CA HIS A 74 25.99 5.68 -1.46
C HIS A 74 25.17 4.47 -1.06
N GLU A 75 25.79 3.55 -0.34
CA GLU A 75 25.14 2.31 0.03
C GLU A 75 24.08 2.55 1.11
N GLN A 76 24.25 3.62 1.87
CA GLN A 76 23.28 4.00 2.89
C GLN A 76 22.17 4.80 2.24
N THR A 77 22.59 5.84 1.55
CA THR A 77 21.69 6.83 1.01
C THR A 77 20.79 6.25 -0.06
N GLN A 78 21.37 5.52 -1.00
CA GLN A 78 20.57 4.93 -2.07
C GLN A 78 19.62 3.89 -1.52
N LYS A 79 20.01 3.21 -0.45
CA LYS A 79 19.11 2.29 0.23
C LYS A 79 17.90 3.04 0.72
N VAL A 80 18.14 4.12 1.45
CA VAL A 80 17.07 4.91 2.02
C VAL A 80 16.23 5.58 0.94
N LEU A 81 16.90 6.13 -0.07
CA LEU A 81 16.23 6.79 -1.18
C LEU A 81 15.38 5.81 -1.99
N ALA A 82 15.93 4.64 -2.27
CA ALA A 82 15.22 3.62 -3.03
C ALA A 82 14.08 3.04 -2.20
N ASP A 83 14.33 2.87 -0.90
CA ASP A 83 13.33 2.36 0.04
C ASP A 83 12.20 3.37 0.17
N MET A 84 12.57 4.65 0.26
CA MET A 84 11.61 5.75 0.33
C MET A 84 10.69 5.73 -0.88
N ALA A 85 11.28 5.65 -2.06
CA ALA A 85 10.52 5.63 -3.29
C ALA A 85 9.65 4.38 -3.38
N ALA A 86 10.14 3.28 -2.81
CA ALA A 86 9.38 2.04 -2.80
C ALA A 86 8.20 2.14 -1.83
N ALA A 87 8.38 2.91 -0.76
CA ALA A 87 7.34 3.08 0.24
C ALA A 87 6.13 3.80 -0.33
N GLU A 88 6.37 4.97 -0.93
CA GLU A 88 5.28 5.74 -1.52
C GLU A 88 4.65 4.99 -2.68
N GLN A 89 5.47 4.39 -3.53
CA GLN A 89 4.95 3.60 -4.65
C GLN A 89 4.04 2.48 -4.15
N GLU A 90 4.50 1.76 -3.14
CA GLU A 90 3.73 0.66 -2.57
C GLU A 90 2.44 1.17 -1.93
N LEU A 91 2.56 2.30 -1.23
CA LEU A 91 1.44 2.89 -0.53
C LEU A 91 0.28 3.21 -1.46
N GLU A 92 0.56 3.90 -2.56
CA GLU A 92 -0.49 4.36 -3.45
C GLU A 92 -1.14 3.20 -4.20
N GLN A 93 -0.32 2.28 -4.69
CA GLN A 93 -0.86 1.13 -5.41
C GLN A 93 -1.69 0.25 -4.47
N ALA A 94 -1.28 0.18 -3.21
CA ALA A 94 -2.03 -0.54 -2.21
C ALA A 94 -3.32 0.18 -1.92
N PHE A 95 -3.26 1.51 -1.90
CA PHE A 95 -4.45 2.33 -1.73
C PHE A 95 -5.43 2.10 -2.87
N GLU A 96 -4.93 2.12 -4.10
CA GLU A 96 -5.74 1.86 -5.27
C GLU A 96 -6.37 0.47 -5.19
N ARG A 97 -5.60 -0.49 -4.68
CA ARG A 97 -6.12 -1.82 -4.42
C ARG A 97 -7.28 -1.74 -3.44
N TRP A 98 -7.02 -1.07 -2.32
CA TRP A 98 -7.97 -0.97 -1.23
C TRP A 98 -9.30 -0.36 -1.68
N GLU A 99 -9.24 0.80 -2.31
CA GLU A 99 -10.45 1.50 -2.74
C GLU A 99 -11.19 0.69 -3.80
N TYR A 100 -10.43 -0.05 -4.60
CA TYR A 100 -11.02 -0.99 -5.55
C TYR A 100 -11.74 -2.10 -4.80
N LEU A 101 -11.11 -2.62 -3.77
CA LEU A 101 -11.69 -3.70 -2.98
C LEU A 101 -12.98 -3.21 -2.30
N GLU A 102 -12.94 -1.98 -1.81
CA GLU A 102 -14.13 -1.35 -1.23
C GLU A 102 -15.23 -1.22 -2.27
N ALA A 103 -14.91 -0.63 -3.40
CA ALA A 103 -15.87 -0.38 -4.47
C ALA A 103 -16.38 -1.68 -5.08
N LEU A 104 -15.53 -2.69 -5.13
CA LEU A 104 -15.90 -3.97 -5.72
C LEU A 104 -17.04 -4.61 -4.94
N LYS A 105 -17.07 -4.36 -3.64
CA LYS A 105 -18.13 -4.89 -2.79
C LYS A 105 -19.46 -4.23 -3.14
N ASN A 106 -19.37 -3.04 -3.74
CA ASN A 106 -20.54 -2.25 -4.05
C ASN A 106 -21.05 -2.57 -5.45
N GLY A 107 -20.13 -2.85 -6.36
CA GLY A 107 -20.49 -3.17 -7.72
C GLY A 107 -19.76 -4.37 -8.25
N GLY A 108 -20.24 -5.56 -7.90
CA GLY A 108 -19.59 -6.79 -8.31
C GLY A 108 -20.45 -7.59 -9.26
N LYS A 24 -21.78 -20.93 -14.27
CA LYS A 24 -22.59 -21.80 -15.15
C LYS A 24 -23.73 -21.02 -15.79
N ALA A 25 -24.42 -20.18 -15.03
CA ALA A 25 -25.54 -19.42 -15.55
C ALA A 25 -25.53 -17.99 -15.03
N GLU A 26 -24.34 -17.48 -14.72
CA GLU A 26 -24.20 -16.15 -14.16
C GLU A 26 -24.00 -15.13 -15.28
N THR A 27 -25.04 -14.92 -16.07
CA THR A 27 -24.99 -13.93 -17.12
C THR A 27 -25.30 -12.55 -16.55
N VAL A 28 -26.21 -12.53 -15.58
CA VAL A 28 -26.58 -11.29 -14.90
C VAL A 28 -25.95 -11.30 -13.51
N LYS A 29 -25.21 -10.24 -13.20
CA LYS A 29 -24.40 -10.23 -11.99
C LYS A 29 -25.20 -9.75 -10.78
N ARG A 30 -26.05 -10.64 -10.27
CA ARG A 30 -26.71 -10.41 -9.00
C ARG A 30 -25.81 -10.89 -7.87
N SER A 31 -24.69 -10.19 -7.69
CA SER A 31 -23.64 -10.59 -6.76
C SER A 31 -22.96 -11.88 -7.24
N SER A 32 -23.61 -13.02 -6.97
CA SER A 32 -23.12 -14.34 -7.39
C SER A 32 -21.79 -14.70 -6.69
N SER A 33 -20.73 -13.98 -7.01
CA SER A 33 -19.44 -14.21 -6.39
C SER A 33 -19.04 -12.99 -5.58
N LYS A 34 -19.12 -11.81 -6.21
CA LYS A 34 -18.87 -10.52 -5.58
C LYS A 34 -17.40 -10.37 -5.14
N LEU A 35 -17.04 -11.00 -4.04
CA LEU A 35 -15.74 -10.79 -3.45
C LEU A 35 -15.14 -12.13 -3.02
N SER A 36 -13.93 -12.38 -3.46
CA SER A 36 -13.20 -13.57 -3.04
C SER A 36 -12.61 -13.34 -1.66
N TYR A 37 -12.34 -14.43 -0.92
CA TYR A 37 -11.75 -14.31 0.41
C TYR A 37 -10.41 -13.58 0.34
N LYS A 38 -9.74 -13.72 -0.79
CA LYS A 38 -8.50 -12.99 -1.03
C LYS A 38 -8.71 -11.53 -0.71
N LEU A 39 -9.76 -10.98 -1.28
CA LEU A 39 -10.07 -9.57 -1.14
C LEU A 39 -10.70 -9.30 0.22
N GLN A 40 -11.43 -10.29 0.72
CA GLN A 40 -12.06 -10.18 2.03
C GLN A 40 -11.03 -9.90 3.10
N ARG A 41 -10.01 -10.75 3.18
CA ARG A 41 -8.97 -10.57 4.18
C ARG A 41 -7.96 -9.53 3.71
N GLU A 42 -7.93 -9.30 2.40
CA GLU A 42 -7.08 -8.26 1.83
C GLU A 42 -7.51 -6.91 2.38
N LEU A 43 -8.79 -6.61 2.18
CA LEU A 43 -9.37 -5.33 2.58
C LEU A 43 -9.30 -5.11 4.10
N GLU A 44 -9.11 -6.20 4.83
CA GLU A 44 -9.09 -6.17 6.26
C GLU A 44 -7.71 -5.72 6.77
N GLN A 45 -6.67 -6.16 6.08
CA GLN A 45 -5.31 -5.90 6.52
C GLN A 45 -4.69 -4.74 5.73
N LEU A 46 -5.16 -4.60 4.51
CA LEU A 46 -4.68 -3.58 3.57
C LEU A 46 -4.62 -2.18 4.21
N PRO A 47 -5.69 -1.71 4.93
CA PRO A 47 -5.65 -0.41 5.62
C PRO A 47 -4.47 -0.29 6.58
N GLN A 48 -4.16 -1.38 7.28
CA GLN A 48 -3.04 -1.41 8.22
C GLN A 48 -1.72 -1.41 7.46
N LEU A 49 -1.76 -1.95 6.25
CA LEU A 49 -0.62 -1.90 5.35
C LEU A 49 -0.44 -0.48 4.81
N LEU A 50 -1.54 0.22 4.56
CA LEU A 50 -1.50 1.60 4.13
C LEU A 50 -0.83 2.47 5.18
N GLU A 51 -1.34 2.43 6.40
CA GLU A 51 -0.74 3.21 7.48
C GLU A 51 0.69 2.73 7.76
N ASP A 52 0.97 1.48 7.37
CA ASP A 52 2.33 0.92 7.49
C ASP A 52 3.25 1.64 6.52
N LEU A 53 2.86 1.63 5.26
CA LEU A 53 3.65 2.20 4.18
C LEU A 53 3.69 3.71 4.26
N GLU A 54 2.61 4.30 4.74
CA GLU A 54 2.54 5.73 4.90
C GLU A 54 3.51 6.19 5.97
N ALA A 55 3.46 5.51 7.11
CA ALA A 55 4.37 5.79 8.20
C ALA A 55 5.80 5.40 7.82
N LYS A 56 5.91 4.41 6.93
CA LYS A 56 7.19 3.99 6.40
C LYS A 56 7.78 5.12 5.55
N LEU A 57 6.94 5.65 4.66
CA LEU A 57 7.33 6.77 3.82
C LEU A 57 7.69 7.95 4.68
N GLU A 58 6.85 8.26 5.66
CA GLU A 58 7.10 9.33 6.62
C GLU A 58 8.45 9.17 7.30
N ALA A 59 8.76 7.94 7.70
CA ALA A 59 10.00 7.64 8.40
C ALA A 59 11.20 7.91 7.50
N LEU A 60 11.09 7.48 6.25
CA LEU A 60 12.16 7.63 5.28
C LEU A 60 12.27 9.09 4.81
N GLN A 61 11.13 9.70 4.51
CA GLN A 61 11.10 11.07 4.00
C GLN A 61 11.58 12.07 5.02
N THR A 62 11.50 11.73 6.30
CA THR A 62 11.90 12.66 7.34
C THR A 62 13.39 12.54 7.64
N GLN A 63 13.97 11.36 7.39
CA GLN A 63 15.41 11.21 7.54
C GLN A 63 16.11 11.69 6.27
N VAL A 64 15.45 11.50 5.14
CA VAL A 64 15.92 12.05 3.87
C VAL A 64 15.73 13.56 3.83
N ALA A 65 14.82 14.05 4.68
CA ALA A 65 14.58 15.48 4.81
C ALA A 65 15.81 16.17 5.40
N ASP A 66 16.53 15.42 6.22
CA ASP A 66 17.76 15.91 6.85
C ASP A 66 18.88 15.97 5.82
N ALA A 67 19.50 17.13 5.71
CA ALA A 67 20.60 17.33 4.77
C ALA A 67 21.81 16.51 5.17
N SER A 68 21.83 16.07 6.43
CA SER A 68 22.93 15.28 6.95
C SER A 68 22.82 13.83 6.46
N PHE A 69 21.64 13.47 5.95
CA PHE A 69 21.40 12.14 5.43
C PHE A 69 22.32 11.84 4.25
N PHE A 70 22.38 12.77 3.31
CA PHE A 70 23.19 12.59 2.11
C PHE A 70 24.68 12.71 2.42
N SER A 71 25.01 12.90 3.68
CA SER A 71 26.40 12.94 4.11
C SER A 71 26.88 11.53 4.41
N GLN A 72 25.96 10.57 4.29
CA GLN A 72 26.29 9.17 4.44
C GLN A 72 26.70 8.57 3.09
N PRO A 73 27.33 7.39 3.12
CA PRO A 73 27.78 6.70 1.91
C PRO A 73 26.62 6.37 0.97
N HIS A 74 26.96 6.32 -0.32
CA HIS A 74 26.00 6.12 -1.41
C HIS A 74 25.16 4.87 -1.21
N GLU A 75 25.74 3.84 -0.64
CA GLU A 75 25.04 2.59 -0.47
C GLU A 75 24.06 2.67 0.71
N GLN A 76 24.31 3.58 1.65
CA GLN A 76 23.36 3.81 2.74
C GLN A 76 22.23 4.67 2.26
N THR A 77 22.60 5.74 1.59
CA THR A 77 21.66 6.74 1.16
C THR A 77 20.73 6.17 0.09
N GLN A 78 21.31 5.52 -0.90
CA GLN A 78 20.55 4.95 -1.99
C GLN A 78 19.57 3.88 -1.51
N LYS A 79 19.94 3.12 -0.49
CA LYS A 79 19.06 2.07 0.01
C LYS A 79 17.90 2.68 0.79
N VAL A 80 18.08 3.89 1.27
CA VAL A 80 17.02 4.61 1.95
C VAL A 80 16.15 5.31 0.89
N LEU A 81 16.82 5.97 -0.03
CA LEU A 81 16.18 6.68 -1.12
C LEU A 81 15.32 5.75 -1.97
N ALA A 82 15.89 4.63 -2.34
CA ALA A 82 15.18 3.65 -3.18
C ALA A 82 14.02 3.02 -2.40
N ASP A 83 14.22 2.82 -1.11
CA ASP A 83 13.18 2.27 -0.24
C ASP A 83 12.09 3.31 -0.01
N MET A 84 12.49 4.57 0.04
CA MET A 84 11.56 5.69 0.17
C MET A 84 10.60 5.74 -1.01
N ALA A 85 11.15 5.71 -2.21
CA ALA A 85 10.35 5.74 -3.42
C ALA A 85 9.49 4.48 -3.53
N ALA A 86 10.05 3.36 -3.07
CA ALA A 86 9.32 2.10 -3.07
C ALA A 86 8.17 2.15 -2.07
N ALA A 87 8.35 2.90 -0.99
CA ALA A 87 7.34 3.03 0.04
C ALA A 87 6.13 3.79 -0.47
N GLU A 88 6.37 4.94 -1.09
CA GLU A 88 5.29 5.77 -1.58
C GLU A 88 4.54 5.09 -2.72
N GLN A 89 5.28 4.46 -3.63
CA GLN A 89 4.65 3.78 -4.76
C GLN A 89 3.87 2.56 -4.28
N GLU A 90 4.38 1.86 -3.27
CA GLU A 90 3.68 0.71 -2.71
C GLU A 90 2.44 1.18 -1.96
N LEU A 91 2.56 2.31 -1.30
CA LEU A 91 1.46 2.90 -0.57
C LEU A 91 0.29 3.19 -1.50
N GLU A 92 0.56 3.92 -2.59
CA GLU A 92 -0.50 4.34 -3.49
C GLU A 92 -1.08 3.17 -4.28
N GLN A 93 -0.24 2.22 -4.69
CA GLN A 93 -0.72 1.06 -5.45
C GLN A 93 -1.60 0.18 -4.57
N ALA A 94 -1.26 0.11 -3.29
CA ALA A 94 -2.07 -0.63 -2.35
C ALA A 94 -3.34 0.15 -2.04
N PHE A 95 -3.23 1.47 -2.02
CA PHE A 95 -4.37 2.35 -1.78
C PHE A 95 -5.42 2.20 -2.88
N GLU A 96 -4.97 2.31 -4.13
CA GLU A 96 -5.87 2.19 -5.28
C GLU A 96 -6.47 0.78 -5.34
N ARG A 97 -5.69 -0.21 -4.89
CA ARG A 97 -6.21 -1.56 -4.75
C ARG A 97 -7.30 -1.59 -3.69
N TRP A 98 -7.02 -0.96 -2.55
CA TRP A 98 -7.94 -0.91 -1.43
C TRP A 98 -9.28 -0.30 -1.84
N GLU A 99 -9.23 0.86 -2.47
CA GLU A 99 -10.43 1.56 -2.91
C GLU A 99 -11.21 0.70 -3.90
N TYR A 100 -10.48 -0.01 -4.76
CA TYR A 100 -11.09 -0.96 -5.69
C TYR A 100 -11.76 -2.10 -4.93
N LEU A 101 -11.12 -2.57 -3.87
CA LEU A 101 -11.66 -3.68 -3.09
C LEU A 101 -12.97 -3.29 -2.41
N GLU A 102 -12.99 -2.10 -1.81
CA GLU A 102 -14.22 -1.55 -1.25
C GLU A 102 -15.26 -1.35 -2.33
N ALA A 103 -14.81 -0.81 -3.45
CA ALA A 103 -15.68 -0.54 -4.58
C ALA A 103 -16.26 -1.82 -5.16
N LEU A 104 -15.46 -2.88 -5.19
CA LEU A 104 -15.89 -4.15 -5.72
C LEU A 104 -16.94 -4.79 -4.81
N LYS A 105 -16.71 -4.66 -3.52
CA LYS A 105 -17.63 -5.20 -2.52
C LYS A 105 -19.03 -4.62 -2.71
N ASN A 106 -19.08 -3.32 -2.96
CA ASN A 106 -20.35 -2.62 -3.11
C ASN A 106 -20.88 -2.73 -4.54
N GLY A 107 -19.99 -2.70 -5.50
CA GLY A 107 -20.37 -2.73 -6.89
C GLY A 107 -19.96 -4.02 -7.59
N GLY A 108 -20.70 -5.07 -7.34
CA GLY A 108 -20.43 -6.34 -7.98
C GLY A 108 -21.32 -7.43 -7.40
N LYS A 24 -9.10 -32.88 -9.26
CA LYS A 24 -8.94 -31.57 -8.60
C LYS A 24 -10.08 -30.62 -8.95
N ALA A 25 -10.04 -30.06 -10.16
CA ALA A 25 -10.99 -29.04 -10.56
C ALA A 25 -12.30 -29.64 -11.08
N GLU A 26 -12.81 -30.64 -10.38
CA GLU A 26 -14.11 -31.20 -10.71
C GLU A 26 -15.17 -30.56 -9.82
N THR A 27 -14.74 -30.11 -8.65
CA THR A 27 -15.63 -29.50 -7.69
C THR A 27 -15.95 -28.06 -8.07
N VAL A 28 -17.10 -27.58 -7.64
CA VAL A 28 -17.51 -26.21 -7.92
C VAL A 28 -16.78 -25.24 -6.99
N LYS A 29 -15.88 -24.45 -7.58
CA LYS A 29 -15.11 -23.45 -6.85
C LYS A 29 -16.04 -22.49 -6.12
N ARG A 30 -15.88 -22.38 -4.80
CA ARG A 30 -16.76 -21.55 -4.00
C ARG A 30 -16.21 -20.14 -3.84
N SER A 31 -16.32 -19.36 -4.90
CA SER A 31 -15.91 -17.96 -4.85
C SER A 31 -17.09 -17.07 -5.19
N SER A 32 -17.43 -16.18 -4.26
CA SER A 32 -18.54 -15.27 -4.47
C SER A 32 -18.21 -14.27 -5.57
N SER A 33 -19.16 -14.06 -6.47
CA SER A 33 -18.98 -13.16 -7.60
C SER A 33 -18.94 -11.70 -7.14
N LYS A 34 -19.31 -11.49 -5.88
CA LYS A 34 -19.26 -10.16 -5.28
C LYS A 34 -18.31 -10.17 -4.09
N LEU A 35 -17.08 -9.71 -4.33
CA LEU A 35 -16.06 -9.63 -3.29
C LEU A 35 -15.71 -11.02 -2.77
N SER A 36 -14.99 -11.77 -3.60
CA SER A 36 -14.49 -13.09 -3.22
C SER A 36 -13.73 -13.01 -1.89
N TYR A 37 -13.76 -14.11 -1.15
CA TYR A 37 -13.18 -14.17 0.19
C TYR A 37 -11.71 -13.75 0.19
N LYS A 38 -11.02 -13.97 -0.92
CA LYS A 38 -9.62 -13.59 -1.02
C LYS A 38 -9.45 -12.07 -0.95
N LEU A 39 -10.48 -11.35 -1.41
CA LEU A 39 -10.47 -9.89 -1.32
C LEU A 39 -10.92 -9.49 0.06
N GLN A 40 -11.79 -10.31 0.63
CA GLN A 40 -12.28 -10.09 1.98
C GLN A 40 -11.11 -10.00 2.95
N ARG A 41 -10.17 -10.92 2.83
CA ARG A 41 -9.01 -10.92 3.71
C ARG A 41 -7.92 -9.99 3.18
N GLU A 42 -7.93 -9.74 1.87
CA GLU A 42 -7.02 -8.77 1.29
C GLU A 42 -7.31 -7.38 1.88
N LEU A 43 -8.59 -7.10 2.01
CA LEU A 43 -9.08 -5.80 2.45
C LEU A 43 -8.93 -5.63 3.96
N GLU A 44 -8.77 -6.74 4.68
CA GLU A 44 -8.60 -6.67 6.13
C GLU A 44 -7.21 -6.17 6.50
N GLN A 45 -6.21 -6.69 5.81
CA GLN A 45 -4.82 -6.39 6.11
C GLN A 45 -4.35 -5.12 5.41
N LEU A 46 -4.91 -4.89 4.23
CA LEU A 46 -4.48 -3.81 3.34
C LEU A 46 -4.48 -2.44 4.03
N PRO A 47 -5.57 -2.02 4.74
CA PRO A 47 -5.60 -0.71 5.42
C PRO A 47 -4.49 -0.56 6.45
N GLN A 48 -4.23 -1.63 7.20
CA GLN A 48 -3.14 -1.64 8.18
C GLN A 48 -1.81 -1.53 7.46
N LEU A 49 -1.76 -2.06 6.25
CA LEU A 49 -0.60 -1.97 5.40
C LEU A 49 -0.45 -0.55 4.85
N LEU A 50 -1.57 0.10 4.56
CA LEU A 50 -1.55 1.49 4.12
C LEU A 50 -0.93 2.37 5.18
N GLU A 51 -1.43 2.29 6.40
CA GLU A 51 -0.88 3.09 7.48
C GLU A 51 0.53 2.61 7.83
N ASP A 52 0.84 1.37 7.47
CA ASP A 52 2.19 0.84 7.64
C ASP A 52 3.15 1.57 6.73
N LEU A 53 2.80 1.57 5.44
CA LEU A 53 3.63 2.18 4.42
C LEU A 53 3.60 3.69 4.52
N GLU A 54 2.50 4.23 5.01
CA GLU A 54 2.38 5.66 5.22
C GLU A 54 3.36 6.10 6.30
N ALA A 55 3.28 5.42 7.44
CA ALA A 55 4.19 5.68 8.54
C ALA A 55 5.62 5.34 8.16
N LYS A 56 5.77 4.35 7.29
CA LYS A 56 7.07 3.93 6.80
C LYS A 56 7.67 5.03 5.95
N LEU A 57 6.87 5.53 5.02
CA LEU A 57 7.26 6.64 4.16
C LEU A 57 7.58 7.86 5.02
N GLU A 58 6.68 8.17 5.94
CA GLU A 58 6.85 9.28 6.87
C GLU A 58 8.16 9.14 7.65
N ALA A 59 8.50 7.91 8.02
CA ALA A 59 9.72 7.63 8.78
C ALA A 59 10.97 7.84 7.91
N LEU A 60 10.87 7.42 6.67
CA LEU A 60 11.99 7.50 5.75
C LEU A 60 12.15 8.92 5.21
N GLN A 61 11.03 9.58 4.96
CA GLN A 61 11.06 10.92 4.38
C GLN A 61 11.64 11.95 5.34
N THR A 62 11.53 11.70 6.64
CA THR A 62 11.98 12.67 7.62
C THR A 62 13.50 12.56 7.85
N GLN A 63 14.06 11.39 7.61
CA GLN A 63 15.50 11.23 7.71
C GLN A 63 16.16 11.66 6.41
N VAL A 64 15.38 11.60 5.33
CA VAL A 64 15.80 12.10 4.02
C VAL A 64 15.55 13.61 3.93
N ALA A 65 14.69 14.10 4.82
CA ALA A 65 14.39 15.53 4.89
C ALA A 65 15.61 16.32 5.35
N ASP A 66 16.46 15.65 6.11
CA ASP A 66 17.70 16.24 6.60
C ASP A 66 18.68 16.38 5.44
N ALA A 67 19.30 17.55 5.34
CA ALA A 67 20.20 17.86 4.23
C ALA A 67 21.51 17.11 4.35
N SER A 68 21.84 16.71 5.56
CA SER A 68 23.09 16.01 5.80
C SER A 68 22.94 14.51 5.56
N PHE A 69 21.70 14.07 5.36
CA PHE A 69 21.44 12.70 4.96
C PHE A 69 22.18 12.37 3.67
N PHE A 70 22.06 13.26 2.69
CA PHE A 70 22.72 13.09 1.40
C PHE A 70 24.22 13.34 1.50
N SER A 71 24.71 13.56 2.72
CA SER A 71 26.14 13.68 2.95
C SER A 71 26.71 12.30 3.24
N GLN A 72 25.82 11.34 3.40
CA GLN A 72 26.20 9.95 3.60
C GLN A 72 26.55 9.30 2.27
N PRO A 73 27.41 8.27 2.31
CA PRO A 73 27.77 7.47 1.14
C PRO A 73 26.54 7.01 0.34
N HIS A 74 26.74 6.86 -0.97
CA HIS A 74 25.70 6.43 -1.91
C HIS A 74 25.06 5.13 -1.45
N GLU A 75 25.86 4.24 -0.90
CA GLU A 75 25.38 2.94 -0.46
C GLU A 75 24.45 3.06 0.75
N GLN A 76 24.70 4.06 1.59
CA GLN A 76 23.84 4.31 2.75
C GLN A 76 22.56 4.97 2.29
N THR A 77 22.75 6.04 1.55
CA THR A 77 21.66 6.90 1.13
C THR A 77 20.70 6.16 0.21
N GLN A 78 21.26 5.48 -0.79
CA GLN A 78 20.43 4.71 -1.74
C GLN A 78 19.66 3.62 -1.02
N LYS A 79 20.28 3.03 0.00
CA LYS A 79 19.63 2.02 0.82
C LYS A 79 18.35 2.59 1.44
N VAL A 80 18.42 3.85 1.85
CA VAL A 80 17.28 4.52 2.44
C VAL A 80 16.34 5.05 1.37
N LEU A 81 16.92 5.70 0.37
CA LEU A 81 16.16 6.32 -0.72
C LEU A 81 15.32 5.28 -1.46
N ALA A 82 15.90 4.13 -1.72
CA ALA A 82 15.21 3.05 -2.42
C ALA A 82 14.05 2.52 -1.59
N ASP A 83 14.30 2.33 -0.30
CA ASP A 83 13.27 1.86 0.63
C ASP A 83 12.17 2.90 0.76
N MET A 84 12.57 4.17 0.76
CA MET A 84 11.63 5.28 0.81
C MET A 84 10.75 5.30 -0.44
N ALA A 85 11.38 5.19 -1.59
CA ALA A 85 10.67 5.22 -2.86
C ALA A 85 9.76 4.00 -2.98
N ALA A 86 10.23 2.86 -2.51
CA ALA A 86 9.43 1.64 -2.54
C ALA A 86 8.27 1.71 -1.55
N ALA A 87 8.44 2.52 -0.50
CA ALA A 87 7.39 2.70 0.49
C ALA A 87 6.18 3.38 -0.14
N GLU A 88 6.41 4.51 -0.78
CA GLU A 88 5.33 5.22 -1.47
C GLU A 88 4.84 4.42 -2.67
N GLN A 89 5.78 3.78 -3.37
CA GLN A 89 5.46 2.89 -4.49
C GLN A 89 4.44 1.84 -4.06
N GLU A 90 4.75 1.16 -2.97
CA GLU A 90 3.86 0.14 -2.42
C GLU A 90 2.57 0.78 -1.90
N LEU A 91 2.73 1.90 -1.20
CA LEU A 91 1.60 2.60 -0.60
C LEU A 91 0.55 2.99 -1.64
N GLU A 92 0.98 3.62 -2.71
CA GLU A 92 0.05 4.13 -3.71
C GLU A 92 -0.65 3.00 -4.46
N GLN A 93 0.10 1.95 -4.81
CA GLN A 93 -0.49 0.83 -5.54
C GLN A 93 -1.42 0.03 -4.64
N ALA A 94 -1.07 -0.07 -3.37
CA ALA A 94 -1.90 -0.77 -2.42
C ALA A 94 -3.17 0.03 -2.14
N PHE A 95 -3.04 1.34 -2.15
CA PHE A 95 -4.17 2.23 -1.94
C PHE A 95 -5.23 2.06 -3.03
N GLU A 96 -4.81 2.11 -4.28
CA GLU A 96 -5.73 1.95 -5.40
C GLU A 96 -6.28 0.53 -5.44
N ARG A 97 -5.50 -0.42 -4.95
CA ARG A 97 -5.98 -1.78 -4.72
C ARG A 97 -7.14 -1.73 -3.72
N TRP A 98 -6.89 -1.07 -2.60
CA TRP A 98 -7.87 -0.93 -1.53
C TRP A 98 -9.15 -0.27 -2.03
N GLU A 99 -8.99 0.90 -2.67
CA GLU A 99 -10.14 1.63 -3.18
C GLU A 99 -10.92 0.79 -4.19
N TYR A 100 -10.21 -0.02 -4.95
CA TYR A 100 -10.85 -0.95 -5.87
C TYR A 100 -11.63 -2.00 -5.10
N LEU A 101 -11.03 -2.51 -4.03
CA LEU A 101 -11.64 -3.57 -3.24
C LEU A 101 -12.92 -3.06 -2.55
N GLU A 102 -12.84 -1.88 -1.97
CA GLU A 102 -14.00 -1.23 -1.37
C GLU A 102 -15.06 -0.95 -2.41
N ALA A 103 -14.63 -0.40 -3.53
CA ALA A 103 -15.54 -0.06 -4.61
C ALA A 103 -16.16 -1.31 -5.21
N LEU A 104 -15.41 -2.40 -5.25
CA LEU A 104 -15.90 -3.66 -5.78
C LEU A 104 -16.93 -4.26 -4.85
N LYS A 105 -16.63 -4.19 -3.55
CA LYS A 105 -17.52 -4.72 -2.54
C LYS A 105 -18.83 -3.93 -2.52
N ASN A 106 -18.72 -2.63 -2.81
CA ASN A 106 -19.89 -1.76 -2.84
C ASN A 106 -20.61 -1.86 -4.19
N GLY A 107 -19.84 -1.99 -5.26
CA GLY A 107 -20.40 -2.01 -6.58
C GLY A 107 -19.94 -3.21 -7.39
N GLY A 108 -20.78 -4.23 -7.42
CA GLY A 108 -20.46 -5.45 -8.13
C GLY A 108 -21.24 -6.61 -7.57
#